data_5LN2
# 
_entry.id   5LN2 
# 
_audit_conform.dict_name       mmcif_pdbx.dic 
_audit_conform.dict_version    5.383 
_audit_conform.dict_location   http://mmcif.pdb.org/dictionaries/ascii/mmcif_pdbx.dic 
# 
loop_
_database_2.database_id 
_database_2.database_code 
_database_2.pdbx_database_accession 
_database_2.pdbx_DOI 
PDB   5LN2         pdb_00005ln2 10.2210/pdb5ln2/pdb 
WWPDB D_1200001023 ?            ?                   
# 
loop_
_pdbx_audit_revision_history.ordinal 
_pdbx_audit_revision_history.data_content_type 
_pdbx_audit_revision_history.major_revision 
_pdbx_audit_revision_history.minor_revision 
_pdbx_audit_revision_history.revision_date 
1 'Structure model' 1 0 2016-09-07 
2 'Structure model' 1 1 2016-09-21 
3 'Structure model' 1 2 2024-01-10 
# 
_pdbx_audit_revision_details.ordinal             1 
_pdbx_audit_revision_details.revision_ordinal    1 
_pdbx_audit_revision_details.data_content_type   'Structure model' 
_pdbx_audit_revision_details.provider            repository 
_pdbx_audit_revision_details.type                'Initial release' 
_pdbx_audit_revision_details.description         ? 
_pdbx_audit_revision_details.details             ? 
# 
loop_
_pdbx_audit_revision_group.ordinal 
_pdbx_audit_revision_group.revision_ordinal 
_pdbx_audit_revision_group.data_content_type 
_pdbx_audit_revision_group.group 
1 2 'Structure model' 'Database references'    
2 3 'Structure model' 'Data collection'        
3 3 'Structure model' 'Database references'    
4 3 'Structure model' 'Refinement description' 
# 
loop_
_pdbx_audit_revision_category.ordinal 
_pdbx_audit_revision_category.revision_ordinal 
_pdbx_audit_revision_category.data_content_type 
_pdbx_audit_revision_category.category 
1 3 'Structure model' chem_comp_atom                
2 3 'Structure model' chem_comp_bond                
3 3 'Structure model' database_2                    
4 3 'Structure model' pdbx_initial_refinement_model 
# 
loop_
_pdbx_audit_revision_item.ordinal 
_pdbx_audit_revision_item.revision_ordinal 
_pdbx_audit_revision_item.data_content_type 
_pdbx_audit_revision_item.item 
1 3 'Structure model' '_database_2.pdbx_DOI'                
2 3 'Structure model' '_database_2.pdbx_database_accession' 
# 
_pdbx_database_status.status_code                     REL 
_pdbx_database_status.status_code_sf                  REL 
_pdbx_database_status.status_code_mr                  ? 
_pdbx_database_status.entry_id                        5LN2 
_pdbx_database_status.recvd_initial_deposition_date   2016-08-02 
_pdbx_database_status.SG_entry                        N 
_pdbx_database_status.deposit_site                    PDBE 
_pdbx_database_status.process_site                    PDBE 
_pdbx_database_status.status_code_cs                  ? 
_pdbx_database_status.methods_development_category    ? 
_pdbx_database_status.pdb_format_compatible           Y 
_pdbx_database_status.status_code_nmr_data            ? 
# 
_audit_author.name           'Kallen, J.' 
_audit_author.pdbx_ordinal   1 
# 
_citation.abstract                  ? 
_citation.abstract_id_CAS           ? 
_citation.book_id_ISBN              ? 
_citation.book_publisher            ? 
_citation.book_publisher_city       ? 
_citation.book_title                ? 
_citation.coordinate_linkage        ? 
_citation.country                   UK 
_citation.database_id_Medline       ? 
_citation.details                   ? 
_citation.id                        primary 
_citation.journal_abbrev            Bioorg.Med.Chem.Lett. 
_citation.journal_id_ASTM           BMCLE8 
_citation.journal_id_CSD            1127 
_citation.journal_id_ISSN           1464-3405 
_citation.journal_full              ? 
_citation.journal_issue             ? 
_citation.journal_volume            26 
_citation.language                  ? 
_citation.page_first                4837 
_citation.page_last                 4841 
_citation.title                     
;Discovery of a novel class of highly potent inhibitors of the p53-MDM2 interaction by structure-based design starting from a conformational argument.
;
_citation.year                      2016 
_citation.database_id_CSD           ? 
_citation.pdbx_database_id_DOI      10.1016/j.bmcl.2016.08.010 
_citation.pdbx_database_id_PubMed   27542305 
_citation.unpublished_flag          ? 
# 
loop_
_citation_author.citation_id 
_citation_author.name 
_citation_author.ordinal 
_citation_author.identifier_ORCID 
primary 'Furet, P.'          1  ? 
primary 'Masuya, K.'         2  ? 
primary 'Kallen, J.'         3  ? 
primary 'Stachyra-Valat, T.' 4  ? 
primary 'Ruetz, S.'          5  ? 
primary 'Guagnano, V.'       6  ? 
primary 'Holzer, P.'         7  ? 
primary 'Mah, R.'            8  ? 
primary 'Stutz, S.'          9  ? 
primary 'Vaupel, A.'         10 ? 
primary 'Chene, P.'          11 ? 
primary 'Jeay, S.'           12 ? 
primary 'Schlapbach, A.'     13 ? 
# 
loop_
_entity.id 
_entity.type 
_entity.src_method 
_entity.pdbx_description 
_entity.formula_weight 
_entity.pdbx_number_of_molecules 
_entity.pdbx_ec 
_entity.pdbx_mutation 
_entity.pdbx_fragment 
_entity.details 
1 polymer     man 'E3 ubiquitin-protein ligase Mdm2' 11156.052 1   6.3.2.- ? 'N-terminal domain, p53 binding domain' ? 
2 non-polymer syn 
;(4~{S})-5-[5-chloranyl-2-[2-(dimethylamino)ethoxy]phenyl]-4-(4-chloranyl-2-methyl-phenyl)-2-(2-methoxyphenyl)-3-propan-2-yl-4~{H}-pyrrolo[3,4-c]pyrazol-6-one
;
593.543   1   ?       ? ?                                       ? 
3 non-polymer syn 'SULFATE ION' 96.063    1   ?       ? ?                                       ? 
4 non-polymer syn 'CHLORIDE ION' 35.453    1   ?       ? ?                                       ? 
5 water       nat water 18.015    116 ?       ? ?                                       ? 
# 
_entity_name_com.entity_id   1 
_entity_name_com.name        'Double minute 2 protein,Hdm2,Oncoprotein Mdm2,p53-binding protein Mdm2' 
# 
_entity_poly.entity_id                      1 
_entity_poly.type                           'polypeptide(L)' 
_entity_poly.nstd_linkage                   no 
_entity_poly.nstd_monomer                   no 
_entity_poly.pdbx_seq_one_letter_code       
;GSQIPASEQETLVRPKPLLLKLLKSVGAQKDTYTMKEVLFYLGQYIMTKRLYDEKQQHIVYCSNDLLGDLFGVPSFSVKE
HRKIYTMIYRNLVVVN
;
_entity_poly.pdbx_seq_one_letter_code_can   
;GSQIPASEQETLVRPKPLLLKLLKSVGAQKDTYTMKEVLFYLGQYIMTKRLYDEKQQHIVYCSNDLLGDLFGVPSFSVKE
HRKIYTMIYRNLVVVN
;
_entity_poly.pdbx_strand_id                 A 
_entity_poly.pdbx_target_identifier         ? 
# 
loop_
_pdbx_entity_nonpoly.entity_id 
_pdbx_entity_nonpoly.name 
_pdbx_entity_nonpoly.comp_id 
2 
;(4~{S})-5-[5-chloranyl-2-[2-(dimethylamino)ethoxy]phenyl]-4-(4-chloranyl-2-methyl-phenyl)-2-(2-methoxyphenyl)-3-propan-2-yl-4~{H}-pyrrolo[3,4-c]pyrazol-6-one
;
6ZT 
3 'SULFATE ION' SO4 
4 'CHLORIDE ION' CL  
5 water HOH 
# 
loop_
_entity_poly_seq.entity_id 
_entity_poly_seq.num 
_entity_poly_seq.mon_id 
_entity_poly_seq.hetero 
1 1  GLY n 
1 2  SER n 
1 3  GLN n 
1 4  ILE n 
1 5  PRO n 
1 6  ALA n 
1 7  SER n 
1 8  GLU n 
1 9  GLN n 
1 10 GLU n 
1 11 THR n 
1 12 LEU n 
1 13 VAL n 
1 14 ARG n 
1 15 PRO n 
1 16 LYS n 
1 17 PRO n 
1 18 LEU n 
1 19 LEU n 
1 20 LEU n 
1 21 LYS n 
1 22 LEU n 
1 23 LEU n 
1 24 LYS n 
1 25 SER n 
1 26 VAL n 
1 27 GLY n 
1 28 ALA n 
1 29 GLN n 
1 30 LYS n 
1 31 ASP n 
1 32 THR n 
1 33 TYR n 
1 34 THR n 
1 35 MET n 
1 36 LYS n 
1 37 GLU n 
1 38 VAL n 
1 39 LEU n 
1 40 PHE n 
1 41 TYR n 
1 42 LEU n 
1 43 GLY n 
1 44 GLN n 
1 45 TYR n 
1 46 ILE n 
1 47 MET n 
1 48 THR n 
1 49 LYS n 
1 50 ARG n 
1 51 LEU n 
1 52 TYR n 
1 53 ASP n 
1 54 GLU n 
1 55 LYS n 
1 56 GLN n 
1 57 GLN n 
1 58 HIS n 
1 59 ILE n 
1 60 VAL n 
1 61 TYR n 
1 62 CYS n 
1 63 SER n 
1 64 ASN n 
1 65 ASP n 
1 66 LEU n 
1 67 LEU n 
1 68 GLY n 
1 69 ASP n 
1 70 LEU n 
1 71 PHE n 
1 72 GLY n 
1 73 VAL n 
1 74 PRO n 
1 75 SER n 
1 76 PHE n 
1 77 SER n 
1 78 VAL n 
1 79 LYS n 
1 80 GLU n 
1 81 HIS n 
1 82 ARG n 
1 83 LYS n 
1 84 ILE n 
1 85 TYR n 
1 86 THR n 
1 87 MET n 
1 88 ILE n 
1 89 TYR n 
1 90 ARG n 
1 91 ASN n 
1 92 LEU n 
1 93 VAL n 
1 94 VAL n 
1 95 VAL n 
1 96 ASN n 
# 
_entity_src_gen.entity_id                          1 
_entity_src_gen.pdbx_src_id                        1 
_entity_src_gen.pdbx_alt_source_flag               sample 
_entity_src_gen.pdbx_seq_type                      'Biological sequence' 
_entity_src_gen.pdbx_beg_seq_num                   1 
_entity_src_gen.pdbx_end_seq_num                   96 
_entity_src_gen.gene_src_common_name               Human 
_entity_src_gen.gene_src_genus                     ? 
_entity_src_gen.pdbx_gene_src_gene                 MDM2 
_entity_src_gen.gene_src_species                   ? 
_entity_src_gen.gene_src_strain                    ? 
_entity_src_gen.gene_src_tissue                    ? 
_entity_src_gen.gene_src_tissue_fraction           ? 
_entity_src_gen.gene_src_details                   ? 
_entity_src_gen.pdbx_gene_src_fragment             ? 
_entity_src_gen.pdbx_gene_src_scientific_name      'Homo sapiens' 
_entity_src_gen.pdbx_gene_src_ncbi_taxonomy_id     9606 
_entity_src_gen.pdbx_gene_src_variant              ? 
_entity_src_gen.pdbx_gene_src_cell_line            ? 
_entity_src_gen.pdbx_gene_src_atcc                 ? 
_entity_src_gen.pdbx_gene_src_organ                ? 
_entity_src_gen.pdbx_gene_src_organelle            ? 
_entity_src_gen.pdbx_gene_src_cell                 ? 
_entity_src_gen.pdbx_gene_src_cellular_location    ? 
_entity_src_gen.host_org_common_name               ? 
_entity_src_gen.pdbx_host_org_scientific_name      'Escherichia coli' 
_entity_src_gen.pdbx_host_org_ncbi_taxonomy_id     511693 
_entity_src_gen.host_org_genus                     ? 
_entity_src_gen.pdbx_host_org_gene                 ? 
_entity_src_gen.pdbx_host_org_organ                ? 
_entity_src_gen.host_org_species                   ? 
_entity_src_gen.pdbx_host_org_tissue               ? 
_entity_src_gen.pdbx_host_org_tissue_fraction      ? 
_entity_src_gen.pdbx_host_org_strain               BL21 
_entity_src_gen.pdbx_host_org_variant              ? 
_entity_src_gen.pdbx_host_org_cell_line            ? 
_entity_src_gen.pdbx_host_org_atcc                 ? 
_entity_src_gen.pdbx_host_org_culture_collection   ? 
_entity_src_gen.pdbx_host_org_cell                 ? 
_entity_src_gen.pdbx_host_org_organelle            ? 
_entity_src_gen.pdbx_host_org_cellular_location    ? 
_entity_src_gen.pdbx_host_org_vector_type          plasmid 
_entity_src_gen.pdbx_host_org_vector               ? 
_entity_src_gen.host_org_details                   ? 
_entity_src_gen.expression_system_id               ? 
_entity_src_gen.plasmid_name                       ? 
_entity_src_gen.plasmid_details                    ? 
_entity_src_gen.pdbx_description                   ? 
# 
loop_
_chem_comp.id 
_chem_comp.type 
_chem_comp.mon_nstd_flag 
_chem_comp.name 
_chem_comp.pdbx_synonyms 
_chem_comp.formula 
_chem_comp.formula_weight 
6ZT non-polymer         . 
;(4~{S})-5-[5-chloranyl-2-[2-(dimethylamino)ethoxy]phenyl]-4-(4-chloranyl-2-methyl-phenyl)-2-(2-methoxyphenyl)-3-propan-2-yl-4~{H}-pyrrolo[3,4-c]pyrazol-6-one
;
? 'C32 H34 Cl2 N4 O3' 593.543 
ALA 'L-peptide linking' y ALANINE ? 'C3 H7 N O2'        89.093  
ARG 'L-peptide linking' y ARGININE ? 'C6 H15 N4 O2 1'    175.209 
ASN 'L-peptide linking' y ASPARAGINE ? 'C4 H8 N2 O3'       132.118 
ASP 'L-peptide linking' y 'ASPARTIC ACID' ? 'C4 H7 N O4'        133.103 
CL  non-polymer         . 'CHLORIDE ION' ? 'Cl -1'             35.453  
CYS 'L-peptide linking' y CYSTEINE ? 'C3 H7 N O2 S'      121.158 
GLN 'L-peptide linking' y GLUTAMINE ? 'C5 H10 N2 O3'      146.144 
GLU 'L-peptide linking' y 'GLUTAMIC ACID' ? 'C5 H9 N O4'        147.129 
GLY 'peptide linking'   y GLYCINE ? 'C2 H5 N O2'        75.067  
HIS 'L-peptide linking' y HISTIDINE ? 'C6 H10 N3 O2 1'    156.162 
HOH non-polymer         . WATER ? 'H2 O'              18.015  
ILE 'L-peptide linking' y ISOLEUCINE ? 'C6 H13 N O2'       131.173 
LEU 'L-peptide linking' y LEUCINE ? 'C6 H13 N O2'       131.173 
LYS 'L-peptide linking' y LYSINE ? 'C6 H15 N2 O2 1'    147.195 
MET 'L-peptide linking' y METHIONINE ? 'C5 H11 N O2 S'     149.211 
PHE 'L-peptide linking' y PHENYLALANINE ? 'C9 H11 N O2'       165.189 
PRO 'L-peptide linking' y PROLINE ? 'C5 H9 N O2'        115.130 
SER 'L-peptide linking' y SERINE ? 'C3 H7 N O3'        105.093 
SO4 non-polymer         . 'SULFATE ION' ? 'O4 S -2'           96.063  
THR 'L-peptide linking' y THREONINE ? 'C4 H9 N O3'        119.119 
TYR 'L-peptide linking' y TYROSINE ? 'C9 H11 N O3'       181.189 
VAL 'L-peptide linking' y VALINE ? 'C5 H11 N O2'       117.146 
# 
loop_
_pdbx_poly_seq_scheme.asym_id 
_pdbx_poly_seq_scheme.entity_id 
_pdbx_poly_seq_scheme.seq_id 
_pdbx_poly_seq_scheme.mon_id 
_pdbx_poly_seq_scheme.ndb_seq_num 
_pdbx_poly_seq_scheme.pdb_seq_num 
_pdbx_poly_seq_scheme.auth_seq_num 
_pdbx_poly_seq_scheme.pdb_mon_id 
_pdbx_poly_seq_scheme.auth_mon_id 
_pdbx_poly_seq_scheme.pdb_strand_id 
_pdbx_poly_seq_scheme.pdb_ins_code 
_pdbx_poly_seq_scheme.hetero 
A 1 1  GLY 1  16  ?   ?   ?   A . n 
A 1 2  SER 2  17  17  SER SER A . n 
A 1 3  GLN 3  18  18  GLN GLN A . n 
A 1 4  ILE 4  19  19  ILE ILE A . n 
A 1 5  PRO 5  20  20  PRO PRO A . n 
A 1 6  ALA 6  21  21  ALA ALA A . n 
A 1 7  SER 7  22  22  SER SER A . n 
A 1 8  GLU 8  23  23  GLU GLU A . n 
A 1 9  GLN 9  24  24  GLN GLN A . n 
A 1 10 GLU 10 25  25  GLU GLU A . n 
A 1 11 THR 11 26  26  THR THR A . n 
A 1 12 LEU 12 27  27  LEU LEU A . n 
A 1 13 VAL 13 28  28  VAL VAL A . n 
A 1 14 ARG 14 29  29  ARG ARG A . n 
A 1 15 PRO 15 30  30  PRO PRO A . n 
A 1 16 LYS 16 31  31  LYS LYS A . n 
A 1 17 PRO 17 32  32  PRO PRO A . n 
A 1 18 LEU 18 33  33  LEU LEU A . n 
A 1 19 LEU 19 34  34  LEU LEU A . n 
A 1 20 LEU 20 35  35  LEU LEU A . n 
A 1 21 LYS 21 36  36  LYS LYS A . n 
A 1 22 LEU 22 37  37  LEU LEU A . n 
A 1 23 LEU 23 38  38  LEU LEU A . n 
A 1 24 LYS 24 39  39  LYS LYS A . n 
A 1 25 SER 25 40  40  SER SER A . n 
A 1 26 VAL 26 41  41  VAL VAL A . n 
A 1 27 GLY 27 42  42  GLY GLY A . n 
A 1 28 ALA 28 43  43  ALA ALA A . n 
A 1 29 GLN 29 44  44  GLN GLN A . n 
A 1 30 LYS 30 45  45  LYS LYS A . n 
A 1 31 ASP 31 46  46  ASP ASP A . n 
A 1 32 THR 32 47  47  THR THR A . n 
A 1 33 TYR 33 48  48  TYR TYR A . n 
A 1 34 THR 34 49  49  THR THR A . n 
A 1 35 MET 35 50  50  MET MET A . n 
A 1 36 LYS 36 51  51  LYS LYS A . n 
A 1 37 GLU 37 52  52  GLU GLU A . n 
A 1 38 VAL 38 53  53  VAL VAL A . n 
A 1 39 LEU 39 54  54  LEU LEU A . n 
A 1 40 PHE 40 55  55  PHE PHE A . n 
A 1 41 TYR 41 56  56  TYR TYR A . n 
A 1 42 LEU 42 57  57  LEU LEU A . n 
A 1 43 GLY 43 58  58  GLY GLY A . n 
A 1 44 GLN 44 59  59  GLN GLN A . n 
A 1 45 TYR 45 60  60  TYR TYR A . n 
A 1 46 ILE 46 61  61  ILE ILE A . n 
A 1 47 MET 47 62  62  MET MET A . n 
A 1 48 THR 48 63  63  THR THR A . n 
A 1 49 LYS 49 64  64  LYS LYS A . n 
A 1 50 ARG 50 65  65  ARG ARG A . n 
A 1 51 LEU 51 66  66  LEU LEU A . n 
A 1 52 TYR 52 67  67  TYR TYR A . n 
A 1 53 ASP 53 68  68  ASP ASP A . n 
A 1 54 GLU 54 69  69  GLU GLU A . n 
A 1 55 LYS 55 70  70  LYS LYS A . n 
A 1 56 GLN 56 71  71  GLN GLN A . n 
A 1 57 GLN 57 72  72  GLN GLN A . n 
A 1 58 HIS 58 73  73  HIS HIS A . n 
A 1 59 ILE 59 74  74  ILE ILE A . n 
A 1 60 VAL 60 75  75  VAL VAL A . n 
A 1 61 TYR 61 76  76  TYR TYR A . n 
A 1 62 CYS 62 77  77  CYS CYS A . n 
A 1 63 SER 63 78  78  SER SER A . n 
A 1 64 ASN 64 79  79  ASN ASN A . n 
A 1 65 ASP 65 80  80  ASP ASP A . n 
A 1 66 LEU 66 81  81  LEU LEU A . n 
A 1 67 LEU 67 82  82  LEU LEU A . n 
A 1 68 GLY 68 83  83  GLY GLY A . n 
A 1 69 ASP 69 84  84  ASP ASP A . n 
A 1 70 LEU 70 85  85  LEU LEU A . n 
A 1 71 PHE 71 86  86  PHE PHE A . n 
A 1 72 GLY 72 87  87  GLY GLY A . n 
A 1 73 VAL 73 88  88  VAL VAL A . n 
A 1 74 PRO 74 89  89  PRO PRO A . n 
A 1 75 SER 75 90  90  SER SER A . n 
A 1 76 PHE 76 91  91  PHE PHE A . n 
A 1 77 SER 77 92  92  SER SER A . n 
A 1 78 VAL 78 93  93  VAL VAL A . n 
A 1 79 LYS 79 94  94  LYS LYS A . n 
A 1 80 GLU 80 95  95  GLU GLU A . n 
A 1 81 HIS 81 96  96  HIS HIS A . n 
A 1 82 ARG 82 97  97  ARG ARG A . n 
A 1 83 LYS 83 98  98  LYS LYS A . n 
A 1 84 ILE 84 99  99  ILE ILE A . n 
A 1 85 TYR 85 100 100 TYR TYR A . n 
A 1 86 THR 86 101 101 THR THR A . n 
A 1 87 MET 87 102 102 MET MET A . n 
A 1 88 ILE 88 103 103 ILE ILE A . n 
A 1 89 TYR 89 104 104 TYR TYR A . n 
A 1 90 ARG 90 105 105 ARG ARG A . n 
A 1 91 ASN 91 106 106 ASN ASN A . n 
A 1 92 LEU 92 107 107 LEU LEU A . n 
A 1 93 VAL 93 108 108 VAL VAL A . n 
A 1 94 VAL 94 109 109 VAL VAL A . n 
A 1 95 VAL 95 110 110 VAL VAL A . n 
A 1 96 ASN 96 111 111 ASN ASN A . n 
# 
loop_
_pdbx_nonpoly_scheme.asym_id 
_pdbx_nonpoly_scheme.entity_id 
_pdbx_nonpoly_scheme.mon_id 
_pdbx_nonpoly_scheme.ndb_seq_num 
_pdbx_nonpoly_scheme.pdb_seq_num 
_pdbx_nonpoly_scheme.auth_seq_num 
_pdbx_nonpoly_scheme.pdb_mon_id 
_pdbx_nonpoly_scheme.auth_mon_id 
_pdbx_nonpoly_scheme.pdb_strand_id 
_pdbx_nonpoly_scheme.pdb_ins_code 
B 2 6ZT 1   201 1   6ZT LI1 A . 
C 3 SO4 1   202 1   SO4 SO4 A . 
D 4 CL  1   203 1   CL  CL  A . 
E 5 HOH 1   301 44  HOH HOH A . 
E 5 HOH 2   302 45  HOH HOH A . 
E 5 HOH 3   303 7   HOH HOH A . 
E 5 HOH 4   304 19  HOH HOH A . 
E 5 HOH 5   305 17  HOH HOH A . 
E 5 HOH 6   306 43  HOH HOH A . 
E 5 HOH 7   307 69  HOH HOH A . 
E 5 HOH 8   308 25  HOH HOH A . 
E 5 HOH 9   309 55  HOH HOH A . 
E 5 HOH 10  310 36  HOH HOH A . 
E 5 HOH 11  311 13  HOH HOH A . 
E 5 HOH 12  312 99  HOH HOH A . 
E 5 HOH 13  313 62  HOH HOH A . 
E 5 HOH 14  314 12  HOH HOH A . 
E 5 HOH 15  315 10  HOH HOH A . 
E 5 HOH 16  316 97  HOH HOH A . 
E 5 HOH 17  317 23  HOH HOH A . 
E 5 HOH 18  318 6   HOH HOH A . 
E 5 HOH 19  319 18  HOH HOH A . 
E 5 HOH 20  320 79  HOH HOH A . 
E 5 HOH 21  321 76  HOH HOH A . 
E 5 HOH 22  322 14  HOH HOH A . 
E 5 HOH 23  323 9   HOH HOH A . 
E 5 HOH 24  324 90  HOH HOH A . 
E 5 HOH 25  325 31  HOH HOH A . 
E 5 HOH 26  326 52  HOH HOH A . 
E 5 HOH 27  327 33  HOH HOH A . 
E 5 HOH 28  328 22  HOH HOH A . 
E 5 HOH 29  329 16  HOH HOH A . 
E 5 HOH 30  330 71  HOH HOH A . 
E 5 HOH 31  331 48  HOH HOH A . 
E 5 HOH 32  332 91  HOH HOH A . 
E 5 HOH 33  333 24  HOH HOH A . 
E 5 HOH 34  334 66  HOH HOH A . 
E 5 HOH 35  335 59  HOH HOH A . 
E 5 HOH 36  336 38  HOH HOH A . 
E 5 HOH 37  337 15  HOH HOH A . 
E 5 HOH 38  338 54  HOH HOH A . 
E 5 HOH 39  339 63  HOH HOH A . 
E 5 HOH 40  340 106 HOH HOH A . 
E 5 HOH 41  341 11  HOH HOH A . 
E 5 HOH 42  342 93  HOH HOH A . 
E 5 HOH 43  343 42  HOH HOH A . 
E 5 HOH 44  344 73  HOH HOH A . 
E 5 HOH 45  345 2   HOH HOH A . 
E 5 HOH 46  346 75  HOH HOH A . 
E 5 HOH 47  347 29  HOH HOH A . 
E 5 HOH 48  348 34  HOH HOH A . 
E 5 HOH 49  349 1   HOH HOH A . 
E 5 HOH 50  350 30  HOH HOH A . 
E 5 HOH 51  351 32  HOH HOH A . 
E 5 HOH 52  352 50  HOH HOH A . 
E 5 HOH 53  353 81  HOH HOH A . 
E 5 HOH 54  354 74  HOH HOH A . 
E 5 HOH 55  355 96  HOH HOH A . 
E 5 HOH 56  356 86  HOH HOH A . 
E 5 HOH 57  357 83  HOH HOH A . 
E 5 HOH 58  358 67  HOH HOH A . 
E 5 HOH 59  359 58  HOH HOH A . 
E 5 HOH 60  360 27  HOH HOH A . 
E 5 HOH 61  361 35  HOH HOH A . 
E 5 HOH 62  362 101 HOH HOH A . 
E 5 HOH 63  363 57  HOH HOH A . 
E 5 HOH 64  364 26  HOH HOH A . 
E 5 HOH 65  365 60  HOH HOH A . 
E 5 HOH 66  366 53  HOH HOH A . 
E 5 HOH 67  367 20  HOH HOH A . 
E 5 HOH 68  368 5   HOH HOH A . 
E 5 HOH 69  369 8   HOH HOH A . 
E 5 HOH 70  370 39  HOH HOH A . 
E 5 HOH 71  371 80  HOH HOH A . 
E 5 HOH 72  372 51  HOH HOH A . 
E 5 HOH 73  373 21  HOH HOH A . 
E 5 HOH 74  374 46  HOH HOH A . 
E 5 HOH 75  375 109 HOH HOH A . 
E 5 HOH 76  376 41  HOH HOH A . 
E 5 HOH 77  377 92  HOH HOH A . 
E 5 HOH 78  378 61  HOH HOH A . 
E 5 HOH 79  379 40  HOH HOH A . 
E 5 HOH 80  380 103 HOH HOH A . 
E 5 HOH 81  381 37  HOH HOH A . 
E 5 HOH 82  382 100 HOH HOH A . 
E 5 HOH 83  383 88  HOH HOH A . 
E 5 HOH 84  384 47  HOH HOH A . 
E 5 HOH 85  385 95  HOH HOH A . 
E 5 HOH 86  386 82  HOH HOH A . 
E 5 HOH 87  387 110 HOH HOH A . 
E 5 HOH 88  388 77  HOH HOH A . 
E 5 HOH 89  389 94  HOH HOH A . 
E 5 HOH 90  390 64  HOH HOH A . 
E 5 HOH 91  391 4   HOH HOH A . 
E 5 HOH 92  392 70  HOH HOH A . 
E 5 HOH 93  393 114 HOH HOH A . 
E 5 HOH 94  394 115 HOH HOH A . 
E 5 HOH 95  395 112 HOH HOH A . 
E 5 HOH 96  396 87  HOH HOH A . 
E 5 HOH 97  397 107 HOH HOH A . 
E 5 HOH 98  398 56  HOH HOH A . 
E 5 HOH 99  399 28  HOH HOH A . 
E 5 HOH 100 400 111 HOH HOH A . 
E 5 HOH 101 401 104 HOH HOH A . 
E 5 HOH 102 402 85  HOH HOH A . 
E 5 HOH 103 403 65  HOH HOH A . 
E 5 HOH 104 404 49  HOH HOH A . 
E 5 HOH 105 405 102 HOH HOH A . 
E 5 HOH 106 406 116 HOH HOH A . 
E 5 HOH 107 407 89  HOH HOH A . 
E 5 HOH 108 408 78  HOH HOH A . 
E 5 HOH 109 409 98  HOH HOH A . 
E 5 HOH 110 410 72  HOH HOH A . 
E 5 HOH 111 411 68  HOH HOH A . 
E 5 HOH 112 412 108 HOH HOH A . 
E 5 HOH 113 413 3   HOH HOH A . 
E 5 HOH 114 414 113 HOH HOH A . 
E 5 HOH 115 415 84  HOH HOH A . 
E 5 HOH 116 416 105 HOH HOH A . 
# 
loop_
_software.citation_id 
_software.classification 
_software.compiler_name 
_software.compiler_version 
_software.contact_author 
_software.contact_author_email 
_software.date 
_software.description 
_software.dependencies 
_software.hardware 
_software.language 
_software.location 
_software.mods 
_software.name 
_software.os 
_software.os_version 
_software.type 
_software.version 
_software.pdbx_ordinal 
? 'data scaling'    ? ? ? ? ? ? ? ? ? ? ? XSCALE      ? ? ? .        1 
? phasing           ? ? ? ? ? ? ? ? ? ? ? PHASER      ? ? ? .        2 
? refinement        ? ? ? ? ? ? ? ? ? ? ? REFMAC      ? ? ? 5.7.0032 3 
? 'data extraction' ? ? ? ? ? ? ? ? ? ? ? PDB_EXTRACT ? ? ? 3.20     4 
? 'data reduction'  ? ? ? ? ? ? ? ? ? ? ? XDS         ? ? ? .        5 
# 
_cell.angle_alpha                  90.000 
_cell.angle_alpha_esd              ? 
_cell.angle_beta                   90.000 
_cell.angle_beta_esd               ? 
_cell.angle_gamma                  120.000 
_cell.angle_gamma_esd              ? 
_cell.entry_id                     5LN2 
_cell.details                      ? 
_cell.formula_units_Z              ? 
_cell.length_a                     56.540 
_cell.length_a_esd                 ? 
_cell.length_b                     56.540 
_cell.length_b_esd                 ? 
_cell.length_c                     103.953 
_cell.length_c_esd                 ? 
_cell.volume                       ? 
_cell.volume_esd                   ? 
_cell.Z_PDB                        12 
_cell.reciprocal_angle_alpha       ? 
_cell.reciprocal_angle_beta        ? 
_cell.reciprocal_angle_gamma       ? 
_cell.reciprocal_angle_alpha_esd   ? 
_cell.reciprocal_angle_beta_esd    ? 
_cell.reciprocal_angle_gamma_esd   ? 
_cell.reciprocal_length_a          ? 
_cell.reciprocal_length_b          ? 
_cell.reciprocal_length_c          ? 
_cell.reciprocal_length_a_esd      ? 
_cell.reciprocal_length_b_esd      ? 
_cell.reciprocal_length_c_esd      ? 
_cell.pdbx_unique_axis             ? 
# 
_symmetry.entry_id                         5LN2 
_symmetry.cell_setting                     ? 
_symmetry.Int_Tables_number                178 
_symmetry.space_group_name_Hall            ? 
_symmetry.space_group_name_H-M             'P 61 2 2' 
_symmetry.pdbx_full_space_group_name_H-M   ? 
# 
_exptl.absorpt_coefficient_mu     ? 
_exptl.absorpt_correction_T_max   ? 
_exptl.absorpt_correction_T_min   ? 
_exptl.absorpt_correction_type    ? 
_exptl.absorpt_process_details    ? 
_exptl.entry_id                   5LN2 
_exptl.crystals_number            1 
_exptl.details                    ? 
_exptl.method                     'X-RAY DIFFRACTION' 
_exptl.method_details             ? 
# 
_exptl_crystal.colour                      ? 
_exptl_crystal.density_diffrn              ? 
_exptl_crystal.density_Matthews            2.15 
_exptl_crystal.density_method              ? 
_exptl_crystal.density_percent_sol         42.78 
_exptl_crystal.description                 ? 
_exptl_crystal.F_000                       ? 
_exptl_crystal.id                          1 
_exptl_crystal.preparation                 ? 
_exptl_crystal.size_max                    ? 
_exptl_crystal.size_mid                    ? 
_exptl_crystal.size_min                    ? 
_exptl_crystal.size_rad                    ? 
_exptl_crystal.colour_lustre               ? 
_exptl_crystal.colour_modifier             ? 
_exptl_crystal.colour_primary              ? 
_exptl_crystal.density_meas                ? 
_exptl_crystal.density_meas_esd            ? 
_exptl_crystal.density_meas_gt             ? 
_exptl_crystal.density_meas_lt             ? 
_exptl_crystal.density_meas_temp           ? 
_exptl_crystal.density_meas_temp_esd       ? 
_exptl_crystal.density_meas_temp_gt        ? 
_exptl_crystal.density_meas_temp_lt        ? 
_exptl_crystal.pdbx_crystal_image_url      ? 
_exptl_crystal.pdbx_crystal_image_format   ? 
_exptl_crystal.pdbx_mosaicity              ? 
_exptl_crystal.pdbx_mosaicity_esd          ? 
# 
_exptl_crystal_grow.apparatus       ? 
_exptl_crystal_grow.atmosphere      ? 
_exptl_crystal_grow.crystal_id      1 
_exptl_crystal_grow.details         ? 
_exptl_crystal_grow.method          'VAPOR DIFFUSION, HANGING DROP' 
_exptl_crystal_grow.method_ref      ? 
_exptl_crystal_grow.pH              5.0 
_exptl_crystal_grow.pressure        ? 
_exptl_crystal_grow.pressure_esd    ? 
_exptl_crystal_grow.seeding         ? 
_exptl_crystal_grow.seeding_ref     ? 
_exptl_crystal_grow.temp            298 
_exptl_crystal_grow.temp_details    ? 
_exptl_crystal_grow.temp_esd        ? 
_exptl_crystal_grow.time            ? 
_exptl_crystal_grow.pdbx_details    '2.5M (NH4)2SO4, 0.1M NaCitrate' 
_exptl_crystal_grow.pdbx_pH_range   ? 
# 
_diffrn.ambient_environment    ? 
_diffrn.ambient_temp           100 
_diffrn.ambient_temp_details   ? 
_diffrn.ambient_temp_esd       ? 
_diffrn.crystal_id             1 
_diffrn.crystal_support        ? 
_diffrn.crystal_treatment      ? 
_diffrn.details                ? 
_diffrn.id                     1 
_diffrn.ambient_pressure       ? 
_diffrn.ambient_pressure_esd   ? 
_diffrn.ambient_pressure_gt    ? 
_diffrn.ambient_pressure_lt    ? 
_diffrn.ambient_temp_gt        ? 
_diffrn.ambient_temp_lt        ? 
# 
_diffrn_detector.details                      ? 
_diffrn_detector.detector                     CCD 
_diffrn_detector.diffrn_id                    1 
_diffrn_detector.type                         'MARMOSAIC 225 mm CCD' 
_diffrn_detector.area_resol_mean              ? 
_diffrn_detector.dtime                        ? 
_diffrn_detector.pdbx_frames_total            ? 
_diffrn_detector.pdbx_collection_time_total   ? 
_diffrn_detector.pdbx_collection_date         2010-09-14 
# 
_diffrn_radiation.collimation                      ? 
_diffrn_radiation.diffrn_id                        1 
_diffrn_radiation.filter_edge                      ? 
_diffrn_radiation.inhomogeneity                    ? 
_diffrn_radiation.monochromator                    'SI 111 channel' 
_diffrn_radiation.polarisn_norm                    ? 
_diffrn_radiation.polarisn_ratio                   ? 
_diffrn_radiation.probe                            ? 
_diffrn_radiation.type                             ? 
_diffrn_radiation.xray_symbol                      ? 
_diffrn_radiation.wavelength_id                    1 
_diffrn_radiation.pdbx_monochromatic_or_laue_m_l   M 
_diffrn_radiation.pdbx_wavelength_list             ? 
_diffrn_radiation.pdbx_wavelength                  ? 
_diffrn_radiation.pdbx_diffrn_protocol             'SINGLE WAVELENGTH' 
_diffrn_radiation.pdbx_analyzer                    ? 
_diffrn_radiation.pdbx_scattering_type             x-ray 
# 
_diffrn_radiation_wavelength.id           1 
_diffrn_radiation_wavelength.wavelength   1.0000 
_diffrn_radiation_wavelength.wt           1.0 
# 
_diffrn_source.current                     ? 
_diffrn_source.details                     ? 
_diffrn_source.diffrn_id                   1 
_diffrn_source.power                       ? 
_diffrn_source.size                        ? 
_diffrn_source.source                      SYNCHROTRON 
_diffrn_source.target                      ? 
_diffrn_source.type                        'SLS BEAMLINE X06DA' 
_diffrn_source.voltage                     ? 
_diffrn_source.take-off_angle              ? 
_diffrn_source.pdbx_wavelength_list        1.0000 
_diffrn_source.pdbx_wavelength             ? 
_diffrn_source.pdbx_synchrotron_beamline   X06DA 
_diffrn_source.pdbx_synchrotron_site       SLS 
# 
_reflns.B_iso_Wilson_estimate            24.500 
_reflns.entry_id                         5LN2 
_reflns.data_reduction_details           ? 
_reflns.data_reduction_method            ? 
_reflns.d_resolution_high                1.580 
_reflns.d_resolution_low                 20.000 
_reflns.details                          ? 
_reflns.limit_h_max                      ? 
_reflns.limit_h_min                      ? 
_reflns.limit_k_max                      ? 
_reflns.limit_k_min                      ? 
_reflns.limit_l_max                      ? 
_reflns.limit_l_min                      ? 
_reflns.number_all                       ? 
_reflns.number_obs                       14090 
_reflns.observed_criterion               ? 
_reflns.observed_criterion_F_max         ? 
_reflns.observed_criterion_F_min         ? 
_reflns.observed_criterion_I_max         ? 
_reflns.observed_criterion_I_min         ? 
_reflns.observed_criterion_sigma_F       ? 
_reflns.observed_criterion_sigma_I       ? 
_reflns.percent_possible_obs             99.800 
_reflns.R_free_details                   ? 
_reflns.Rmerge_F_all                     ? 
_reflns.Rmerge_F_obs                     ? 
_reflns.Friedel_coverage                 ? 
_reflns.number_gt                        ? 
_reflns.threshold_expression             ? 
_reflns.pdbx_redundancy                  22.200 
_reflns.pdbx_Rmerge_I_obs                0.045 
_reflns.pdbx_Rmerge_I_all                ? 
_reflns.pdbx_Rsym_value                  ? 
_reflns.pdbx_netI_over_av_sigmaI         ? 
_reflns.pdbx_netI_over_sigmaI            48.000 
_reflns.pdbx_res_netI_over_av_sigmaI_2   ? 
_reflns.pdbx_res_netI_over_sigmaI_2      ? 
_reflns.pdbx_chi_squared                 ? 
_reflns.pdbx_scaling_rejects             ? 
_reflns.pdbx_d_res_high_opt              ? 
_reflns.pdbx_d_res_low_opt               ? 
_reflns.pdbx_d_res_opt_method            ? 
_reflns.phase_calculation_details        ? 
_reflns.pdbx_Rrim_I_all                  ? 
_reflns.pdbx_Rpim_I_all                  ? 
_reflns.pdbx_d_opt                       ? 
_reflns.pdbx_number_measured_all         ? 
_reflns.pdbx_diffrn_id                   1 
_reflns.pdbx_ordinal                     1 
_reflns.pdbx_CC_half                     ? 
_reflns.pdbx_R_split                     ? 
# 
_reflns_shell.d_res_high                  1.580 
_reflns_shell.d_res_low                   20.000 
_reflns_shell.meanI_over_sigI_all         ? 
_reflns_shell.meanI_over_sigI_obs         10.300 
_reflns_shell.number_measured_all         ? 
_reflns_shell.number_measured_obs         ? 
_reflns_shell.number_possible             ? 
_reflns_shell.number_unique_all           ? 
_reflns_shell.number_unique_obs           ? 
_reflns_shell.percent_possible_all        99.100 
_reflns_shell.percent_possible_obs        ? 
_reflns_shell.Rmerge_F_all                ? 
_reflns_shell.Rmerge_F_obs                ? 
_reflns_shell.Rmerge_I_all                ? 
_reflns_shell.Rmerge_I_obs                0.277 
_reflns_shell.meanI_over_sigI_gt          ? 
_reflns_shell.meanI_over_uI_all           ? 
_reflns_shell.meanI_over_uI_gt            ? 
_reflns_shell.number_measured_gt          ? 
_reflns_shell.number_unique_gt            ? 
_reflns_shell.percent_possible_gt         ? 
_reflns_shell.Rmerge_F_gt                 ? 
_reflns_shell.Rmerge_I_gt                 ? 
_reflns_shell.pdbx_redundancy             14.900 
_reflns_shell.pdbx_Rsym_value             ? 
_reflns_shell.pdbx_chi_squared            ? 
_reflns_shell.pdbx_netI_over_sigmaI_all   ? 
_reflns_shell.pdbx_netI_over_sigmaI_obs   ? 
_reflns_shell.pdbx_Rrim_I_all             ? 
_reflns_shell.pdbx_Rpim_I_all             ? 
_reflns_shell.pdbx_rejects                ? 
_reflns_shell.pdbx_ordinal                1 
_reflns_shell.pdbx_diffrn_id              1 
_reflns_shell.pdbx_CC_half                ? 
_reflns_shell.pdbx_R_split                ? 
# 
_refine.aniso_B[1][1]                            0.0000 
_refine.aniso_B[1][2]                            0.0000 
_refine.aniso_B[1][3]                            0.0000 
_refine.aniso_B[2][2]                            0.0000 
_refine.aniso_B[2][3]                            0.0000 
_refine.aniso_B[3][3]                            0.0000 
_refine.B_iso_max                                58.740 
_refine.B_iso_mean                               19.3500 
_refine.B_iso_min                                8.940 
_refine.correlation_coeff_Fo_to_Fc               0.9480 
_refine.correlation_coeff_Fo_to_Fc_free          0.9320 
_refine.details                                  
'HYDROGENS HAVE BEEN USED IF PRESENT IN THE INPUT U VALUES      : REFINED INDIVIDUALLY' 
_refine.diff_density_max                         ? 
_refine.diff_density_max_esd                     ? 
_refine.diff_density_min                         ? 
_refine.diff_density_min_esd                     ? 
_refine.diff_density_rms                         ? 
_refine.diff_density_rms_esd                     ? 
_refine.entry_id                                 5LN2 
_refine.pdbx_refine_id                           'X-RAY DIFFRACTION' 
_refine.ls_abs_structure_details                 ? 
_refine.ls_abs_structure_Flack                   ? 
_refine.ls_abs_structure_Flack_esd               ? 
_refine.ls_abs_structure_Rogers                  ? 
_refine.ls_abs_structure_Rogers_esd              ? 
_refine.ls_d_res_high                            1.5800 
_refine.ls_d_res_low                             18.5100 
_refine.ls_extinction_coef                       ? 
_refine.ls_extinction_coef_esd                   ? 
_refine.ls_extinction_expression                 ? 
_refine.ls_extinction_method                     ? 
_refine.ls_goodness_of_fit_all                   ? 
_refine.ls_goodness_of_fit_all_esd               ? 
_refine.ls_goodness_of_fit_obs                   ? 
_refine.ls_goodness_of_fit_obs_esd               ? 
_refine.ls_hydrogen_treatment                    ? 
_refine.ls_matrix_type                           ? 
_refine.ls_number_constraints                    ? 
_refine.ls_number_parameters                     ? 
_refine.ls_number_reflns_all                     ? 
_refine.ls_number_reflns_obs                     13384 
_refine.ls_number_reflns_R_free                  704 
_refine.ls_number_reflns_R_work                  ? 
_refine.ls_number_restraints                     ? 
_refine.ls_percent_reflns_obs                    99.8100 
_refine.ls_percent_reflns_R_free                 5.0000 
_refine.ls_R_factor_all                          ? 
_refine.ls_R_factor_obs                          0.2164 
_refine.ls_R_factor_R_free                       0.2474 
_refine.ls_R_factor_R_free_error                 ? 
_refine.ls_R_factor_R_free_error_details         ? 
_refine.ls_R_factor_R_work                       0.2148 
_refine.ls_R_Fsqd_factor_obs                     ? 
_refine.ls_R_I_factor_obs                        ? 
_refine.ls_redundancy_reflns_all                 ? 
_refine.ls_redundancy_reflns_obs                 ? 
_refine.ls_restrained_S_all                      ? 
_refine.ls_restrained_S_obs                      ? 
_refine.ls_shift_over_esd_max                    ? 
_refine.ls_shift_over_esd_mean                   ? 
_refine.ls_structure_factor_coef                 ? 
_refine.ls_weighting_details                     ? 
_refine.ls_weighting_scheme                      ? 
_refine.ls_wR_factor_all                         ? 
_refine.ls_wR_factor_obs                         ? 
_refine.ls_wR_factor_R_free                      ? 
_refine.ls_wR_factor_R_work                      ? 
_refine.occupancy_max                            ? 
_refine.occupancy_min                            ? 
_refine.solvent_model_details                    ? 
_refine.solvent_model_param_bsol                 ? 
_refine.solvent_model_param_ksol                 ? 
_refine.ls_R_factor_gt                           ? 
_refine.ls_goodness_of_fit_gt                    ? 
_refine.ls_goodness_of_fit_ref                   ? 
_refine.ls_shift_over_su_max                     ? 
_refine.ls_shift_over_su_max_lt                  ? 
_refine.ls_shift_over_su_mean                    ? 
_refine.ls_shift_over_su_mean_lt                 ? 
_refine.pdbx_ls_sigma_I                          ? 
_refine.pdbx_ls_sigma_F                          0.000 
_refine.pdbx_ls_sigma_Fsqd                       ? 
_refine.pdbx_data_cutoff_high_absF               ? 
_refine.pdbx_data_cutoff_high_rms_absF           ? 
_refine.pdbx_data_cutoff_low_absF                ? 
_refine.pdbx_isotropic_thermal_model             ? 
_refine.pdbx_ls_cross_valid_method               THROUGHOUT 
_refine.pdbx_method_to_determine_struct          'MOLECULAR REPLACEMENT' 
_refine.pdbx_starting_model                      4ZYF 
_refine.pdbx_stereochemistry_target_values       ? 
_refine.pdbx_R_Free_selection_details            RANDOM 
_refine.pdbx_stereochem_target_val_spec_case     ? 
_refine.pdbx_overall_ESU_R                       0.1100 
_refine.pdbx_overall_ESU_R_Free                  0.1070 
_refine.pdbx_solvent_vdw_probe_radii             1.2000 
_refine.pdbx_solvent_ion_probe_radii             0.8000 
_refine.pdbx_solvent_shrinkage_radii             0.8000 
_refine.pdbx_real_space_R                        ? 
_refine.pdbx_density_correlation                 ? 
_refine.pdbx_pd_number_of_powder_patterns        ? 
_refine.pdbx_pd_number_of_points                 ? 
_refine.pdbx_pd_meas_number_of_points            ? 
_refine.pdbx_pd_proc_ls_prof_R_factor            ? 
_refine.pdbx_pd_proc_ls_prof_wR_factor           ? 
_refine.pdbx_pd_Marquardt_correlation_coeff      ? 
_refine.pdbx_pd_Fsqrd_R_factor                   ? 
_refine.pdbx_pd_ls_matrix_band_width             ? 
_refine.pdbx_overall_phase_error                 ? 
_refine.pdbx_overall_SU_R_free_Cruickshank_DPI   ? 
_refine.pdbx_overall_SU_R_free_Blow_DPI          ? 
_refine.pdbx_overall_SU_R_Blow_DPI               ? 
_refine.pdbx_TLS_residual_ADP_flag               ? 
_refine.pdbx_diffrn_id                           1 
_refine.overall_SU_B                             1.6770 
_refine.overall_SU_ML                            0.0610 
_refine.overall_SU_R_Cruickshank_DPI             0.1097 
_refine.overall_SU_R_free                        ? 
_refine.overall_FOM_free_R_set                   ? 
_refine.overall_FOM_work_R_set                   ? 
_refine.pdbx_average_fsc_overall                 ? 
_refine.pdbx_average_fsc_work                    ? 
_refine.pdbx_average_fsc_free                    ? 
# 
_refine_hist.cycle_id                         final 
_refine_hist.pdbx_refine_id                   'X-RAY DIFFRACTION' 
_refine_hist.d_res_high                       1.5800 
_refine_hist.d_res_low                        18.5100 
_refine_hist.pdbx_number_atoms_ligand         47 
_refine_hist.number_atoms_solvent             116 
_refine_hist.number_atoms_total               942 
_refine_hist.pdbx_number_residues_total       95 
_refine_hist.pdbx_B_iso_mean_ligand           18.76 
_refine_hist.pdbx_B_iso_mean_solvent          34.06 
_refine_hist.pdbx_number_atoms_protein        779 
_refine_hist.pdbx_number_atoms_nucleic_acid   0 
# 
loop_
_refine_ls_restr.pdbx_refine_id 
_refine_ls_restr.criterion 
_refine_ls_restr.dev_ideal 
_refine_ls_restr.dev_ideal_target 
_refine_ls_restr.number 
_refine_ls_restr.rejects 
_refine_ls_restr.type 
_refine_ls_restr.weight 
_refine_ls_restr.pdbx_restraint_function 
'X-RAY DIFFRACTION' ? 0.007  0.022  867  ? r_bond_refined_d       ? ? 
'X-RAY DIFFRACTION' ? 1.009  2.060  1184 ? r_angle_refined_deg    ? ? 
'X-RAY DIFFRACTION' ? 5.401  5.000  102  ? r_dihedral_angle_1_deg ? ? 
'X-RAY DIFFRACTION' ? 45.493 24.286 35   ? r_dihedral_angle_2_deg ? ? 
'X-RAY DIFFRACTION' ? 13.865 15.000 160  ? r_dihedral_angle_3_deg ? ? 
'X-RAY DIFFRACTION' ? 11.633 15.000 4    ? r_dihedral_angle_4_deg ? ? 
'X-RAY DIFFRACTION' ? 0.071  0.200  131  ? r_chiral_restr         ? ? 
'X-RAY DIFFRACTION' ? 0.006  0.021  635  ? r_gen_planes_refined   ? ? 
'X-RAY DIFFRACTION' ? 0.807  1.614  387  ? r_mcbond_it            ? ? 
'X-RAY DIFFRACTION' ? 1.429  2.412  484  ? r_mcangle_it           ? ? 
'X-RAY DIFFRACTION' ? 0.999  1.783  479  ? r_scbond_it            ? ? 
# 
_refine_ls_shell.pdbx_refine_id                   'X-RAY DIFFRACTION' 
_refine_ls_shell.d_res_high                       1.5800 
_refine_ls_shell.d_res_low                        1.6210 
_refine_ls_shell.number_reflns_all                998 
_refine_ls_shell.number_reflns_obs                ? 
_refine_ls_shell.number_reflns_R_free             50 
_refine_ls_shell.number_reflns_R_work             948 
_refine_ls_shell.percent_reflns_obs               99.1100 
_refine_ls_shell.percent_reflns_R_free            ? 
_refine_ls_shell.R_factor_all                     ? 
_refine_ls_shell.R_factor_obs                     ? 
_refine_ls_shell.R_factor_R_free                  0.3100 
_refine_ls_shell.R_factor_R_free_error            ? 
_refine_ls_shell.R_factor_R_work                  0.2430 
_refine_ls_shell.redundancy_reflns_all            ? 
_refine_ls_shell.redundancy_reflns_obs            ? 
_refine_ls_shell.wR_factor_all                    ? 
_refine_ls_shell.wR_factor_obs                    ? 
_refine_ls_shell.wR_factor_R_free                 ? 
_refine_ls_shell.wR_factor_R_work                 ? 
_refine_ls_shell.pdbx_total_number_of_bins_used   20 
_refine_ls_shell.pdbx_phase_error                 ? 
_refine_ls_shell.pdbx_fsc_work                    ? 
_refine_ls_shell.pdbx_fsc_free                    ? 
# 
_struct.entry_id                     5LN2 
_struct.title                        
;Discovery of a novel class of highly potent inhibitors of the p53-MDM2 interaction by structure-based design starting from a conformational argument
;
_struct.pdbx_model_details           ? 
_struct.pdbx_formula_weight          ? 
_struct.pdbx_formula_weight_method   ? 
_struct.pdbx_model_type_details      ? 
_struct.pdbx_CASP_flag               N 
# 
_struct_keywords.entry_id        5LN2 
_struct_keywords.text            'PPI with p53, inhibitor complex, cell cycle' 
_struct_keywords.pdbx_keywords   'CELL CYCLE' 
# 
loop_
_struct_asym.id 
_struct_asym.pdbx_blank_PDB_chainid_flag 
_struct_asym.pdbx_modified 
_struct_asym.entity_id 
_struct_asym.details 
A N N 1 ? 
B N N 2 ? 
C N N 3 ? 
D N N 4 ? 
E N N 5 ? 
# 
_struct_ref.id                         1 
_struct_ref.db_name                    UNP 
_struct_ref.db_code                    MDM2_HUMAN 
_struct_ref.pdbx_db_accession          Q00987 
_struct_ref.pdbx_db_isoform            Q00987-11 
_struct_ref.entity_id                  1 
_struct_ref.pdbx_seq_one_letter_code   
;SQIPASEQETLVRPKPLLLKLLKSVGAQKDTYTMKEVLFYLGQYIMTKRLYDEKQQHIVYCSNDLLGDLFGVPSFSVKEH
RKIYTMIYRNLVVVN
;
_struct_ref.pdbx_align_begin           23 
# 
_struct_ref_seq.align_id                      1 
_struct_ref_seq.ref_id                        1 
_struct_ref_seq.pdbx_PDB_id_code              5LN2 
_struct_ref_seq.pdbx_strand_id                A 
_struct_ref_seq.seq_align_beg                 2 
_struct_ref_seq.pdbx_seq_align_beg_ins_code   ? 
_struct_ref_seq.seq_align_end                 96 
_struct_ref_seq.pdbx_seq_align_end_ins_code   ? 
_struct_ref_seq.pdbx_db_accession             Q00987 
_struct_ref_seq.db_align_beg                  23 
_struct_ref_seq.pdbx_db_align_beg_ins_code    ? 
_struct_ref_seq.db_align_end                  117 
_struct_ref_seq.pdbx_db_align_end_ins_code    ? 
_struct_ref_seq.pdbx_auth_seq_align_beg       17 
_struct_ref_seq.pdbx_auth_seq_align_end       111 
# 
_struct_ref_seq_dif.align_id                     1 
_struct_ref_seq_dif.pdbx_pdb_id_code             5LN2 
_struct_ref_seq_dif.mon_id                       GLY 
_struct_ref_seq_dif.pdbx_pdb_strand_id           A 
_struct_ref_seq_dif.seq_num                      1 
_struct_ref_seq_dif.pdbx_pdb_ins_code            ? 
_struct_ref_seq_dif.pdbx_seq_db_name             UNP 
_struct_ref_seq_dif.pdbx_seq_db_accession_code   Q00987 
_struct_ref_seq_dif.db_mon_id                    ? 
_struct_ref_seq_dif.pdbx_seq_db_seq_num          ? 
_struct_ref_seq_dif.details                      'expression tag' 
_struct_ref_seq_dif.pdbx_auth_seq_num            16 
_struct_ref_seq_dif.pdbx_ordinal                 1 
# 
_pdbx_struct_assembly.id                   1 
_pdbx_struct_assembly.details              software_defined_assembly 
_pdbx_struct_assembly.method_details       PISA 
_pdbx_struct_assembly.oligomeric_details   monomeric 
_pdbx_struct_assembly.oligomeric_count     1 
# 
loop_
_pdbx_struct_assembly_prop.biol_id 
_pdbx_struct_assembly_prop.type 
_pdbx_struct_assembly_prop.value 
_pdbx_struct_assembly_prop.details 
1 'ABSA (A^2)' 310  ? 
1 MORE         -21  ? 
1 'SSA (A^2)'  5900 ? 
# 
_pdbx_struct_assembly_gen.assembly_id       1 
_pdbx_struct_assembly_gen.oper_expression   1 
_pdbx_struct_assembly_gen.asym_id_list      A,B,C,D,E 
# 
_pdbx_struct_oper_list.id                   1 
_pdbx_struct_oper_list.type                 'identity operation' 
_pdbx_struct_oper_list.name                 1_555 
_pdbx_struct_oper_list.symmetry_operation   x,y,z 
_pdbx_struct_oper_list.matrix[1][1]         1.0000000000 
_pdbx_struct_oper_list.matrix[1][2]         0.0000000000 
_pdbx_struct_oper_list.matrix[1][3]         0.0000000000 
_pdbx_struct_oper_list.vector[1]            0.0000000000 
_pdbx_struct_oper_list.matrix[2][1]         0.0000000000 
_pdbx_struct_oper_list.matrix[2][2]         1.0000000000 
_pdbx_struct_oper_list.matrix[2][3]         0.0000000000 
_pdbx_struct_oper_list.vector[2]            0.0000000000 
_pdbx_struct_oper_list.matrix[3][1]         0.0000000000 
_pdbx_struct_oper_list.matrix[3][2]         0.0000000000 
_pdbx_struct_oper_list.matrix[3][3]         1.0000000000 
_pdbx_struct_oper_list.vector[3]            0.0000000000 
# 
loop_
_struct_conf.conf_type_id 
_struct_conf.id 
_struct_conf.pdbx_PDB_helix_id 
_struct_conf.beg_label_comp_id 
_struct_conf.beg_label_asym_id 
_struct_conf.beg_label_seq_id 
_struct_conf.pdbx_beg_PDB_ins_code 
_struct_conf.end_label_comp_id 
_struct_conf.end_label_asym_id 
_struct_conf.end_label_seq_id 
_struct_conf.pdbx_end_PDB_ins_code 
_struct_conf.beg_auth_comp_id 
_struct_conf.beg_auth_asym_id 
_struct_conf.beg_auth_seq_id 
_struct_conf.end_auth_comp_id 
_struct_conf.end_auth_asym_id 
_struct_conf.end_auth_seq_id 
_struct_conf.pdbx_PDB_helix_class 
_struct_conf.details 
_struct_conf.pdbx_PDB_helix_length 
HELX_P HELX_P1 AA1 PRO A 5  ? GLU A 10 ? PRO A 20 GLU A 25  5 ? 6  
HELX_P HELX_P2 AA2 LYS A 16 ? LYS A 24 ? LYS A 31 LYS A 39  1 ? 9  
HELX_P HELX_P3 AA3 MET A 35 ? LYS A 49 ? MET A 50 LYS A 64  1 ? 15 
HELX_P HELX_P4 AA4 ASP A 65 ? GLY A 72 ? ASP A 80 GLY A 87  1 ? 8  
HELX_P HELX_P5 AA5 GLU A 80 ? ARG A 90 ? GLU A 95 ARG A 105 1 ? 11 
# 
_struct_conf_type.id          HELX_P 
_struct_conf_type.criteria    ? 
_struct_conf_type.reference   ? 
# 
loop_
_struct_sheet.id 
_struct_sheet.type 
_struct_sheet.number_strands 
_struct_sheet.details 
AA1 ? 3 ? 
AA2 ? 2 ? 
# 
loop_
_struct_sheet_order.sheet_id 
_struct_sheet_order.range_id_1 
_struct_sheet_order.range_id_2 
_struct_sheet_order.offset 
_struct_sheet_order.sense 
AA1 1 2 ? anti-parallel 
AA1 2 3 ? anti-parallel 
AA2 1 2 ? anti-parallel 
# 
loop_
_struct_sheet_range.sheet_id 
_struct_sheet_range.id 
_struct_sheet_range.beg_label_comp_id 
_struct_sheet_range.beg_label_asym_id 
_struct_sheet_range.beg_label_seq_id 
_struct_sheet_range.pdbx_beg_PDB_ins_code 
_struct_sheet_range.end_label_comp_id 
_struct_sheet_range.end_label_asym_id 
_struct_sheet_range.end_label_seq_id 
_struct_sheet_range.pdbx_end_PDB_ins_code 
_struct_sheet_range.beg_auth_comp_id 
_struct_sheet_range.beg_auth_asym_id 
_struct_sheet_range.beg_auth_seq_id 
_struct_sheet_range.end_auth_comp_id 
_struct_sheet_range.end_auth_asym_id 
_struct_sheet_range.end_auth_seq_id 
AA1 1 TYR A 33 ? THR A 34 ? TYR A 48  THR A 49  
AA1 2 LEU A 12 ? PRO A 15 ? LEU A 27  PRO A 30  
AA1 3 LEU A 92 ? VAL A 94 ? LEU A 107 VAL A 109 
AA2 1 ILE A 59 ? TYR A 61 ? ILE A 74  TYR A 76  
AA2 2 SER A 75 ? SER A 77 ? SER A 90  SER A 92  
# 
loop_
_pdbx_struct_sheet_hbond.sheet_id 
_pdbx_struct_sheet_hbond.range_id_1 
_pdbx_struct_sheet_hbond.range_id_2 
_pdbx_struct_sheet_hbond.range_1_label_atom_id 
_pdbx_struct_sheet_hbond.range_1_label_comp_id 
_pdbx_struct_sheet_hbond.range_1_label_asym_id 
_pdbx_struct_sheet_hbond.range_1_label_seq_id 
_pdbx_struct_sheet_hbond.range_1_PDB_ins_code 
_pdbx_struct_sheet_hbond.range_1_auth_atom_id 
_pdbx_struct_sheet_hbond.range_1_auth_comp_id 
_pdbx_struct_sheet_hbond.range_1_auth_asym_id 
_pdbx_struct_sheet_hbond.range_1_auth_seq_id 
_pdbx_struct_sheet_hbond.range_2_label_atom_id 
_pdbx_struct_sheet_hbond.range_2_label_comp_id 
_pdbx_struct_sheet_hbond.range_2_label_asym_id 
_pdbx_struct_sheet_hbond.range_2_label_seq_id 
_pdbx_struct_sheet_hbond.range_2_PDB_ins_code 
_pdbx_struct_sheet_hbond.range_2_auth_atom_id 
_pdbx_struct_sheet_hbond.range_2_auth_comp_id 
_pdbx_struct_sheet_hbond.range_2_auth_asym_id 
_pdbx_struct_sheet_hbond.range_2_auth_seq_id 
AA1 1 2 O TYR A 33 ? O TYR A 48 N VAL A 13 ? N VAL A 28  
AA1 2 3 N ARG A 14 ? N ARG A 29 O VAL A 93 ? O VAL A 108 
AA2 1 2 N VAL A 60 ? N VAL A 75 O PHE A 76 ? O PHE A 91  
# 
loop_
_struct_site.id 
_struct_site.pdbx_evidence_code 
_struct_site.pdbx_auth_asym_id 
_struct_site.pdbx_auth_comp_id 
_struct_site.pdbx_auth_seq_id 
_struct_site.pdbx_auth_ins_code 
_struct_site.pdbx_num_residues 
_struct_site.details 
AC1 Software A 6ZT 201 ? 10 'binding site for residue 6ZT A 201' 
AC2 Software A SO4 202 ? 10 'binding site for residue SO4 A 202' 
AC3 Software A CL  203 ? 7  'binding site for residue CL A 203'  
# 
loop_
_struct_site_gen.id 
_struct_site_gen.site_id 
_struct_site_gen.pdbx_num_res 
_struct_site_gen.label_comp_id 
_struct_site_gen.label_asym_id 
_struct_site_gen.label_seq_id 
_struct_site_gen.pdbx_auth_ins_code 
_struct_site_gen.auth_comp_id 
_struct_site_gen.auth_asym_id 
_struct_site_gen.auth_seq_id 
_struct_site_gen.label_atom_id 
_struct_site_gen.label_alt_id 
_struct_site_gen.symmetry 
_struct_site_gen.details 
1  AC1 10 LEU A 39 ? LEU A 54  . ? 1_555  ? 
2  AC1 10 GLY A 43 ? GLY A 58  . ? 1_555  ? 
3  AC1 10 TYR A 52 ? TYR A 67  . ? 1_555  ? 
4  AC1 10 GLN A 57 ? GLN A 72  . ? 1_555  ? 
5  AC1 10 VAL A 78 ? VAL A 93  . ? 1_555  ? 
6  AC1 10 HIS A 81 ? HIS A 96  . ? 1_555  ? 
7  AC1 10 ILE A 84 ? ILE A 99  . ? 1_555  ? 
8  AC1 10 TYR A 85 ? TYR A 100 . ? 1_555  ? 
9  AC1 10 HOH E .  ? HOH A 348 . ? 1_555  ? 
10 AC1 10 HOH E .  ? HOH A 361 . ? 1_555  ? 
11 AC2 10 SER A 2  ? SER A 17  . ? 12_555 ? 
12 AC2 10 SER A 2  ? SER A 17  . ? 1_555  ? 
13 AC2 10 GLN A 3  ? GLN A 18  . ? 1_555  ? 
14 AC2 10 ILE A 4  ? ILE A 19  . ? 1_555  ? 
15 AC2 10 HIS A 81 ? HIS A 96  . ? 1_555  ? 
16 AC2 10 HOH E .  ? HOH A 303 . ? 12_555 ? 
17 AC2 10 HOH E .  ? HOH A 308 . ? 1_555  ? 
18 AC2 10 HOH E .  ? HOH A 312 . ? 1_555  ? 
19 AC2 10 HOH E .  ? HOH A 336 . ? 1_555  ? 
20 AC2 10 HOH E .  ? HOH A 353 . ? 1_555  ? 
21 AC3 7  LYS A 49 ? LYS A 64  . ? 1_555  ? 
22 AC3 7  LYS A 49 ? LYS A 64  . ? 10_444 ? 
23 AC3 7  ASP A 65 ? ASP A 80  . ? 10_444 ? 
24 AC3 7  ASP A 65 ? ASP A 80  . ? 1_555  ? 
25 AC3 7  LEU A 66 ? LEU A 81  . ? 1_555  ? 
26 AC3 7  LEU A 66 ? LEU A 81  . ? 10_444 ? 
27 AC3 7  HOH E .  ? HOH A 351 . ? 1_555  ? 
# 
loop_
_pdbx_validate_symm_contact.id 
_pdbx_validate_symm_contact.PDB_model_num 
_pdbx_validate_symm_contact.auth_atom_id_1 
_pdbx_validate_symm_contact.auth_asym_id_1 
_pdbx_validate_symm_contact.auth_comp_id_1 
_pdbx_validate_symm_contact.auth_seq_id_1 
_pdbx_validate_symm_contact.PDB_ins_code_1 
_pdbx_validate_symm_contact.label_alt_id_1 
_pdbx_validate_symm_contact.site_symmetry_1 
_pdbx_validate_symm_contact.auth_atom_id_2 
_pdbx_validate_symm_contact.auth_asym_id_2 
_pdbx_validate_symm_contact.auth_comp_id_2 
_pdbx_validate_symm_contact.auth_seq_id_2 
_pdbx_validate_symm_contact.PDB_ins_code_2 
_pdbx_validate_symm_contact.label_alt_id_2 
_pdbx_validate_symm_contact.site_symmetry_2 
_pdbx_validate_symm_contact.dist 
1 1 O   A HOH 305 ? ? 1_555 O   A HOH 305 ? ? 10_444 1.72 
2 1 OE2 A GLU 25  ? ? 1_555 OE2 A GLU 25  ? ? 8_555  1.87 
# 
_phasing.method   MR 
# 
_pdbx_unobs_or_zero_occ_residues.id               1 
_pdbx_unobs_or_zero_occ_residues.PDB_model_num    1 
_pdbx_unobs_or_zero_occ_residues.polymer_flag     Y 
_pdbx_unobs_or_zero_occ_residues.occupancy_flag   1 
_pdbx_unobs_or_zero_occ_residues.auth_asym_id     A 
_pdbx_unobs_or_zero_occ_residues.auth_comp_id     GLY 
_pdbx_unobs_or_zero_occ_residues.auth_seq_id      16 
_pdbx_unobs_or_zero_occ_residues.PDB_ins_code     ? 
_pdbx_unobs_or_zero_occ_residues.label_asym_id    A 
_pdbx_unobs_or_zero_occ_residues.label_comp_id    GLY 
_pdbx_unobs_or_zero_occ_residues.label_seq_id     1 
# 
loop_
_chem_comp_atom.comp_id 
_chem_comp_atom.atom_id 
_chem_comp_atom.type_symbol 
_chem_comp_atom.pdbx_aromatic_flag 
_chem_comp_atom.pdbx_stereo_config 
_chem_comp_atom.pdbx_ordinal 
6ZT C2   C  Y N 1   
6ZT C3   C  Y N 2   
6ZT C41  C  Y N 3   
6ZT C43  C  Y N 4   
6ZT C45  C  Y N 5   
6ZT C48  C  N N 6   
6ZT C52  C  N N 7   
6ZT C58  C  N N 8   
6ZT C12  C  N N 9   
6ZT C15  C  N N 10  
6ZT C19  C  N N 11  
6ZT C23  C  N N 12  
6ZT C28  C  N S 13  
6ZT C30  C  Y N 14  
6ZT CL1  CL N N 15  
6ZT C5   C  Y N 16  
6ZT C6   C  Y N 17  
6ZT C7   C  Y N 18  
6ZT C9   C  Y N 19  
6ZT O11  O  N N 20  
6ZT N18  N  N N 21  
6ZT N27  N  N N 22  
6ZT C31  C  Y N 23  
6ZT N32  N  Y N 24  
6ZT N33  N  Y N 25  
6ZT C34  C  Y N 26  
6ZT C35  C  N N 27  
6ZT O36  O  N N 28  
6ZT C37  C  Y N 29  
6ZT C38  C  Y N 30  
6ZT C39  C  Y N 31  
6ZT O47  O  N N 32  
6ZT C54  C  N N 33  
6ZT C62  C  Y N 34  
6ZT C63  C  Y N 35  
6ZT C64  C  Y N 36  
6ZT C66  C  Y N 37  
6ZT C67  C  Y N 38  
6ZT C69  C  Y N 39  
6ZT CL7  CL N N 40  
6ZT C72  C  N N 41  
6ZT H1   H  N N 42  
6ZT H2   H  N N 43  
6ZT H3   H  N N 44  
6ZT H4   H  N N 45  
6ZT H5   H  N N 46  
6ZT H6   H  N N 47  
6ZT H7   H  N N 48  
6ZT H8   H  N N 49  
6ZT H9   H  N N 50  
6ZT H10  H  N N 51  
6ZT H11  H  N N 52  
6ZT H12  H  N N 53  
6ZT H13  H  N N 54  
6ZT H14  H  N N 55  
6ZT H15  H  N N 56  
6ZT H16  H  N N 57  
6ZT H17  H  N N 58  
6ZT H18  H  N N 59  
6ZT H19  H  N N 60  
6ZT H20  H  N N 61  
6ZT H21  H  N N 62  
6ZT H22  H  N N 63  
6ZT H23  H  N N 64  
6ZT H24  H  N N 65  
6ZT H26  H  N N 66  
6ZT H27  H  N N 67  
6ZT H28  H  N N 68  
6ZT H29  H  N N 69  
6ZT H30  H  N N 70  
6ZT H31  H  N N 71  
6ZT H32  H  N N 72  
6ZT H33  H  N N 73  
6ZT H34  H  N N 74  
6ZT H35  H  N N 75  
ALA N    N  N N 76  
ALA CA   C  N S 77  
ALA C    C  N N 78  
ALA O    O  N N 79  
ALA CB   C  N N 80  
ALA OXT  O  N N 81  
ALA H    H  N N 82  
ALA H2   H  N N 83  
ALA HA   H  N N 84  
ALA HB1  H  N N 85  
ALA HB2  H  N N 86  
ALA HB3  H  N N 87  
ALA HXT  H  N N 88  
ARG N    N  N N 89  
ARG CA   C  N S 90  
ARG C    C  N N 91  
ARG O    O  N N 92  
ARG CB   C  N N 93  
ARG CG   C  N N 94  
ARG CD   C  N N 95  
ARG NE   N  N N 96  
ARG CZ   C  N N 97  
ARG NH1  N  N N 98  
ARG NH2  N  N N 99  
ARG OXT  O  N N 100 
ARG H    H  N N 101 
ARG H2   H  N N 102 
ARG HA   H  N N 103 
ARG HB2  H  N N 104 
ARG HB3  H  N N 105 
ARG HG2  H  N N 106 
ARG HG3  H  N N 107 
ARG HD2  H  N N 108 
ARG HD3  H  N N 109 
ARG HE   H  N N 110 
ARG HH11 H  N N 111 
ARG HH12 H  N N 112 
ARG HH21 H  N N 113 
ARG HH22 H  N N 114 
ARG HXT  H  N N 115 
ASN N    N  N N 116 
ASN CA   C  N S 117 
ASN C    C  N N 118 
ASN O    O  N N 119 
ASN CB   C  N N 120 
ASN CG   C  N N 121 
ASN OD1  O  N N 122 
ASN ND2  N  N N 123 
ASN OXT  O  N N 124 
ASN H    H  N N 125 
ASN H2   H  N N 126 
ASN HA   H  N N 127 
ASN HB2  H  N N 128 
ASN HB3  H  N N 129 
ASN HD21 H  N N 130 
ASN HD22 H  N N 131 
ASN HXT  H  N N 132 
ASP N    N  N N 133 
ASP CA   C  N S 134 
ASP C    C  N N 135 
ASP O    O  N N 136 
ASP CB   C  N N 137 
ASP CG   C  N N 138 
ASP OD1  O  N N 139 
ASP OD2  O  N N 140 
ASP OXT  O  N N 141 
ASP H    H  N N 142 
ASP H2   H  N N 143 
ASP HA   H  N N 144 
ASP HB2  H  N N 145 
ASP HB3  H  N N 146 
ASP HD2  H  N N 147 
ASP HXT  H  N N 148 
CL  CL   CL N N 149 
CYS N    N  N N 150 
CYS CA   C  N R 151 
CYS C    C  N N 152 
CYS O    O  N N 153 
CYS CB   C  N N 154 
CYS SG   S  N N 155 
CYS OXT  O  N N 156 
CYS H    H  N N 157 
CYS H2   H  N N 158 
CYS HA   H  N N 159 
CYS HB2  H  N N 160 
CYS HB3  H  N N 161 
CYS HG   H  N N 162 
CYS HXT  H  N N 163 
GLN N    N  N N 164 
GLN CA   C  N S 165 
GLN C    C  N N 166 
GLN O    O  N N 167 
GLN CB   C  N N 168 
GLN CG   C  N N 169 
GLN CD   C  N N 170 
GLN OE1  O  N N 171 
GLN NE2  N  N N 172 
GLN OXT  O  N N 173 
GLN H    H  N N 174 
GLN H2   H  N N 175 
GLN HA   H  N N 176 
GLN HB2  H  N N 177 
GLN HB3  H  N N 178 
GLN HG2  H  N N 179 
GLN HG3  H  N N 180 
GLN HE21 H  N N 181 
GLN HE22 H  N N 182 
GLN HXT  H  N N 183 
GLU N    N  N N 184 
GLU CA   C  N S 185 
GLU C    C  N N 186 
GLU O    O  N N 187 
GLU CB   C  N N 188 
GLU CG   C  N N 189 
GLU CD   C  N N 190 
GLU OE1  O  N N 191 
GLU OE2  O  N N 192 
GLU OXT  O  N N 193 
GLU H    H  N N 194 
GLU H2   H  N N 195 
GLU HA   H  N N 196 
GLU HB2  H  N N 197 
GLU HB3  H  N N 198 
GLU HG2  H  N N 199 
GLU HG3  H  N N 200 
GLU HE2  H  N N 201 
GLU HXT  H  N N 202 
GLY N    N  N N 203 
GLY CA   C  N N 204 
GLY C    C  N N 205 
GLY O    O  N N 206 
GLY OXT  O  N N 207 
GLY H    H  N N 208 
GLY H2   H  N N 209 
GLY HA2  H  N N 210 
GLY HA3  H  N N 211 
GLY HXT  H  N N 212 
HIS N    N  N N 213 
HIS CA   C  N S 214 
HIS C    C  N N 215 
HIS O    O  N N 216 
HIS CB   C  N N 217 
HIS CG   C  Y N 218 
HIS ND1  N  Y N 219 
HIS CD2  C  Y N 220 
HIS CE1  C  Y N 221 
HIS NE2  N  Y N 222 
HIS OXT  O  N N 223 
HIS H    H  N N 224 
HIS H2   H  N N 225 
HIS HA   H  N N 226 
HIS HB2  H  N N 227 
HIS HB3  H  N N 228 
HIS HD1  H  N N 229 
HIS HD2  H  N N 230 
HIS HE1  H  N N 231 
HIS HE2  H  N N 232 
HIS HXT  H  N N 233 
HOH O    O  N N 234 
HOH H1   H  N N 235 
HOH H2   H  N N 236 
ILE N    N  N N 237 
ILE CA   C  N S 238 
ILE C    C  N N 239 
ILE O    O  N N 240 
ILE CB   C  N S 241 
ILE CG1  C  N N 242 
ILE CG2  C  N N 243 
ILE CD1  C  N N 244 
ILE OXT  O  N N 245 
ILE H    H  N N 246 
ILE H2   H  N N 247 
ILE HA   H  N N 248 
ILE HB   H  N N 249 
ILE HG12 H  N N 250 
ILE HG13 H  N N 251 
ILE HG21 H  N N 252 
ILE HG22 H  N N 253 
ILE HG23 H  N N 254 
ILE HD11 H  N N 255 
ILE HD12 H  N N 256 
ILE HD13 H  N N 257 
ILE HXT  H  N N 258 
LEU N    N  N N 259 
LEU CA   C  N S 260 
LEU C    C  N N 261 
LEU O    O  N N 262 
LEU CB   C  N N 263 
LEU CG   C  N N 264 
LEU CD1  C  N N 265 
LEU CD2  C  N N 266 
LEU OXT  O  N N 267 
LEU H    H  N N 268 
LEU H2   H  N N 269 
LEU HA   H  N N 270 
LEU HB2  H  N N 271 
LEU HB3  H  N N 272 
LEU HG   H  N N 273 
LEU HD11 H  N N 274 
LEU HD12 H  N N 275 
LEU HD13 H  N N 276 
LEU HD21 H  N N 277 
LEU HD22 H  N N 278 
LEU HD23 H  N N 279 
LEU HXT  H  N N 280 
LYS N    N  N N 281 
LYS CA   C  N S 282 
LYS C    C  N N 283 
LYS O    O  N N 284 
LYS CB   C  N N 285 
LYS CG   C  N N 286 
LYS CD   C  N N 287 
LYS CE   C  N N 288 
LYS NZ   N  N N 289 
LYS OXT  O  N N 290 
LYS H    H  N N 291 
LYS H2   H  N N 292 
LYS HA   H  N N 293 
LYS HB2  H  N N 294 
LYS HB3  H  N N 295 
LYS HG2  H  N N 296 
LYS HG3  H  N N 297 
LYS HD2  H  N N 298 
LYS HD3  H  N N 299 
LYS HE2  H  N N 300 
LYS HE3  H  N N 301 
LYS HZ1  H  N N 302 
LYS HZ2  H  N N 303 
LYS HZ3  H  N N 304 
LYS HXT  H  N N 305 
MET N    N  N N 306 
MET CA   C  N S 307 
MET C    C  N N 308 
MET O    O  N N 309 
MET CB   C  N N 310 
MET CG   C  N N 311 
MET SD   S  N N 312 
MET CE   C  N N 313 
MET OXT  O  N N 314 
MET H    H  N N 315 
MET H2   H  N N 316 
MET HA   H  N N 317 
MET HB2  H  N N 318 
MET HB3  H  N N 319 
MET HG2  H  N N 320 
MET HG3  H  N N 321 
MET HE1  H  N N 322 
MET HE2  H  N N 323 
MET HE3  H  N N 324 
MET HXT  H  N N 325 
PHE N    N  N N 326 
PHE CA   C  N S 327 
PHE C    C  N N 328 
PHE O    O  N N 329 
PHE CB   C  N N 330 
PHE CG   C  Y N 331 
PHE CD1  C  Y N 332 
PHE CD2  C  Y N 333 
PHE CE1  C  Y N 334 
PHE CE2  C  Y N 335 
PHE CZ   C  Y N 336 
PHE OXT  O  N N 337 
PHE H    H  N N 338 
PHE H2   H  N N 339 
PHE HA   H  N N 340 
PHE HB2  H  N N 341 
PHE HB3  H  N N 342 
PHE HD1  H  N N 343 
PHE HD2  H  N N 344 
PHE HE1  H  N N 345 
PHE HE2  H  N N 346 
PHE HZ   H  N N 347 
PHE HXT  H  N N 348 
PRO N    N  N N 349 
PRO CA   C  N S 350 
PRO C    C  N N 351 
PRO O    O  N N 352 
PRO CB   C  N N 353 
PRO CG   C  N N 354 
PRO CD   C  N N 355 
PRO OXT  O  N N 356 
PRO H    H  N N 357 
PRO HA   H  N N 358 
PRO HB2  H  N N 359 
PRO HB3  H  N N 360 
PRO HG2  H  N N 361 
PRO HG3  H  N N 362 
PRO HD2  H  N N 363 
PRO HD3  H  N N 364 
PRO HXT  H  N N 365 
SER N    N  N N 366 
SER CA   C  N S 367 
SER C    C  N N 368 
SER O    O  N N 369 
SER CB   C  N N 370 
SER OG   O  N N 371 
SER OXT  O  N N 372 
SER H    H  N N 373 
SER H2   H  N N 374 
SER HA   H  N N 375 
SER HB2  H  N N 376 
SER HB3  H  N N 377 
SER HG   H  N N 378 
SER HXT  H  N N 379 
SO4 S    S  N N 380 
SO4 O1   O  N N 381 
SO4 O2   O  N N 382 
SO4 O3   O  N N 383 
SO4 O4   O  N N 384 
THR N    N  N N 385 
THR CA   C  N S 386 
THR C    C  N N 387 
THR O    O  N N 388 
THR CB   C  N R 389 
THR OG1  O  N N 390 
THR CG2  C  N N 391 
THR OXT  O  N N 392 
THR H    H  N N 393 
THR H2   H  N N 394 
THR HA   H  N N 395 
THR HB   H  N N 396 
THR HG1  H  N N 397 
THR HG21 H  N N 398 
THR HG22 H  N N 399 
THR HG23 H  N N 400 
THR HXT  H  N N 401 
TYR N    N  N N 402 
TYR CA   C  N S 403 
TYR C    C  N N 404 
TYR O    O  N N 405 
TYR CB   C  N N 406 
TYR CG   C  Y N 407 
TYR CD1  C  Y N 408 
TYR CD2  C  Y N 409 
TYR CE1  C  Y N 410 
TYR CE2  C  Y N 411 
TYR CZ   C  Y N 412 
TYR OH   O  N N 413 
TYR OXT  O  N N 414 
TYR H    H  N N 415 
TYR H2   H  N N 416 
TYR HA   H  N N 417 
TYR HB2  H  N N 418 
TYR HB3  H  N N 419 
TYR HD1  H  N N 420 
TYR HD2  H  N N 421 
TYR HE1  H  N N 422 
TYR HE2  H  N N 423 
TYR HH   H  N N 424 
TYR HXT  H  N N 425 
VAL N    N  N N 426 
VAL CA   C  N S 427 
VAL C    C  N N 428 
VAL O    O  N N 429 
VAL CB   C  N N 430 
VAL CG1  C  N N 431 
VAL CG2  C  N N 432 
VAL OXT  O  N N 433 
VAL H    H  N N 434 
VAL H2   H  N N 435 
VAL HA   H  N N 436 
VAL HB   H  N N 437 
VAL HG11 H  N N 438 
VAL HG12 H  N N 439 
VAL HG13 H  N N 440 
VAL HG21 H  N N 441 
VAL HG22 H  N N 442 
VAL HG23 H  N N 443 
VAL HXT  H  N N 444 
# 
loop_
_chem_comp_bond.comp_id 
_chem_comp_bond.atom_id_1 
_chem_comp_bond.atom_id_2 
_chem_comp_bond.value_order 
_chem_comp_bond.pdbx_aromatic_flag 
_chem_comp_bond.pdbx_stereo_config 
_chem_comp_bond.pdbx_ordinal 
6ZT C54 C52  sing N N 1   
6ZT C58 C52  sing N N 2   
6ZT C72 C63  sing N N 3   
6ZT C52 C31  sing N N 4   
6ZT C64 C63  doub Y N 5   
6ZT C64 C66  sing Y N 6   
6ZT C63 C62  sing Y N 7   
6ZT CL7 C66  sing N N 8   
6ZT C41 C43  doub Y N 9   
6ZT C41 C39  sing Y N 10  
6ZT C43 C45  sing Y N 11  
6ZT C31 C30  doub Y N 12  
6ZT C31 N32  sing Y N 13  
6ZT C66 C67  doub Y N 14  
6ZT C39 C38  doub Y N 15  
6ZT C19 N18  sing N N 16  
6ZT C23 N18  sing N N 17  
6ZT C45 C37  doub Y N 18  
6ZT C48 O47  sing N N 19  
6ZT C38 C37  sing Y N 20  
6ZT C38 O47  sing N N 21  
6ZT C62 C28  sing N N 22  
6ZT C62 C69  doub Y N 23  
6ZT C37 N32  sing N N 24  
6ZT N18 C15  sing N N 25  
6ZT C28 C30  sing N N 26  
6ZT C28 N27  sing N N 27  
6ZT C30 C34  sing Y N 28  
6ZT N32 N33  sing Y N 29  
6ZT C67 C69  sing Y N 30  
6ZT N33 C34  doub Y N 31  
6ZT C34 C35  sing N N 32  
6ZT N27 C5   sing N N 33  
6ZT N27 C35  sing N N 34  
6ZT O11 C6   sing N N 35  
6ZT O11 C12  sing N N 36  
6ZT C15 C12  sing N N 37  
6ZT C6  C5   doub Y N 38  
6ZT C6  C7   sing Y N 39  
6ZT C5  C3   sing Y N 40  
6ZT C35 O36  doub N N 41  
6ZT C7  C9   doub Y N 42  
6ZT C3  C2   doub Y N 43  
6ZT C2  C9   sing Y N 44  
6ZT C2  CL1  sing N N 45  
6ZT C3  H1   sing N N 46  
6ZT C41 H2   sing N N 47  
6ZT C43 H3   sing N N 48  
6ZT C45 H4   sing N N 49  
6ZT C48 H5   sing N N 50  
6ZT C48 H6   sing N N 51  
6ZT C48 H7   sing N N 52  
6ZT C52 H8   sing N N 53  
6ZT C58 H9   sing N N 54  
6ZT C58 H10  sing N N 55  
6ZT C58 H11  sing N N 56  
6ZT C12 H12  sing N N 57  
6ZT C12 H13  sing N N 58  
6ZT C15 H14  sing N N 59  
6ZT C15 H15  sing N N 60  
6ZT C19 H16  sing N N 61  
6ZT C19 H17  sing N N 62  
6ZT C19 H18  sing N N 63  
6ZT C23 H19  sing N N 64  
6ZT C23 H20  sing N N 65  
6ZT C23 H21  sing N N 66  
6ZT C28 H22  sing N N 67  
6ZT C7  H23  sing N N 68  
6ZT C9  H24  sing N N 69  
6ZT C39 H26  sing N N 70  
6ZT C54 H27  sing N N 71  
6ZT C54 H28  sing N N 72  
6ZT C54 H29  sing N N 73  
6ZT C64 H30  sing N N 74  
6ZT C67 H31  sing N N 75  
6ZT C69 H32  sing N N 76  
6ZT C72 H33  sing N N 77  
6ZT C72 H34  sing N N 78  
6ZT C72 H35  sing N N 79  
ALA N   CA   sing N N 80  
ALA N   H    sing N N 81  
ALA N   H2   sing N N 82  
ALA CA  C    sing N N 83  
ALA CA  CB   sing N N 84  
ALA CA  HA   sing N N 85  
ALA C   O    doub N N 86  
ALA C   OXT  sing N N 87  
ALA CB  HB1  sing N N 88  
ALA CB  HB2  sing N N 89  
ALA CB  HB3  sing N N 90  
ALA OXT HXT  sing N N 91  
ARG N   CA   sing N N 92  
ARG N   H    sing N N 93  
ARG N   H2   sing N N 94  
ARG CA  C    sing N N 95  
ARG CA  CB   sing N N 96  
ARG CA  HA   sing N N 97  
ARG C   O    doub N N 98  
ARG C   OXT  sing N N 99  
ARG CB  CG   sing N N 100 
ARG CB  HB2  sing N N 101 
ARG CB  HB3  sing N N 102 
ARG CG  CD   sing N N 103 
ARG CG  HG2  sing N N 104 
ARG CG  HG3  sing N N 105 
ARG CD  NE   sing N N 106 
ARG CD  HD2  sing N N 107 
ARG CD  HD3  sing N N 108 
ARG NE  CZ   sing N N 109 
ARG NE  HE   sing N N 110 
ARG CZ  NH1  sing N N 111 
ARG CZ  NH2  doub N N 112 
ARG NH1 HH11 sing N N 113 
ARG NH1 HH12 sing N N 114 
ARG NH2 HH21 sing N N 115 
ARG NH2 HH22 sing N N 116 
ARG OXT HXT  sing N N 117 
ASN N   CA   sing N N 118 
ASN N   H    sing N N 119 
ASN N   H2   sing N N 120 
ASN CA  C    sing N N 121 
ASN CA  CB   sing N N 122 
ASN CA  HA   sing N N 123 
ASN C   O    doub N N 124 
ASN C   OXT  sing N N 125 
ASN CB  CG   sing N N 126 
ASN CB  HB2  sing N N 127 
ASN CB  HB3  sing N N 128 
ASN CG  OD1  doub N N 129 
ASN CG  ND2  sing N N 130 
ASN ND2 HD21 sing N N 131 
ASN ND2 HD22 sing N N 132 
ASN OXT HXT  sing N N 133 
ASP N   CA   sing N N 134 
ASP N   H    sing N N 135 
ASP N   H2   sing N N 136 
ASP CA  C    sing N N 137 
ASP CA  CB   sing N N 138 
ASP CA  HA   sing N N 139 
ASP C   O    doub N N 140 
ASP C   OXT  sing N N 141 
ASP CB  CG   sing N N 142 
ASP CB  HB2  sing N N 143 
ASP CB  HB3  sing N N 144 
ASP CG  OD1  doub N N 145 
ASP CG  OD2  sing N N 146 
ASP OD2 HD2  sing N N 147 
ASP OXT HXT  sing N N 148 
CYS N   CA   sing N N 149 
CYS N   H    sing N N 150 
CYS N   H2   sing N N 151 
CYS CA  C    sing N N 152 
CYS CA  CB   sing N N 153 
CYS CA  HA   sing N N 154 
CYS C   O    doub N N 155 
CYS C   OXT  sing N N 156 
CYS CB  SG   sing N N 157 
CYS CB  HB2  sing N N 158 
CYS CB  HB3  sing N N 159 
CYS SG  HG   sing N N 160 
CYS OXT HXT  sing N N 161 
GLN N   CA   sing N N 162 
GLN N   H    sing N N 163 
GLN N   H2   sing N N 164 
GLN CA  C    sing N N 165 
GLN CA  CB   sing N N 166 
GLN CA  HA   sing N N 167 
GLN C   O    doub N N 168 
GLN C   OXT  sing N N 169 
GLN CB  CG   sing N N 170 
GLN CB  HB2  sing N N 171 
GLN CB  HB3  sing N N 172 
GLN CG  CD   sing N N 173 
GLN CG  HG2  sing N N 174 
GLN CG  HG3  sing N N 175 
GLN CD  OE1  doub N N 176 
GLN CD  NE2  sing N N 177 
GLN NE2 HE21 sing N N 178 
GLN NE2 HE22 sing N N 179 
GLN OXT HXT  sing N N 180 
GLU N   CA   sing N N 181 
GLU N   H    sing N N 182 
GLU N   H2   sing N N 183 
GLU CA  C    sing N N 184 
GLU CA  CB   sing N N 185 
GLU CA  HA   sing N N 186 
GLU C   O    doub N N 187 
GLU C   OXT  sing N N 188 
GLU CB  CG   sing N N 189 
GLU CB  HB2  sing N N 190 
GLU CB  HB3  sing N N 191 
GLU CG  CD   sing N N 192 
GLU CG  HG2  sing N N 193 
GLU CG  HG3  sing N N 194 
GLU CD  OE1  doub N N 195 
GLU CD  OE2  sing N N 196 
GLU OE2 HE2  sing N N 197 
GLU OXT HXT  sing N N 198 
GLY N   CA   sing N N 199 
GLY N   H    sing N N 200 
GLY N   H2   sing N N 201 
GLY CA  C    sing N N 202 
GLY CA  HA2  sing N N 203 
GLY CA  HA3  sing N N 204 
GLY C   O    doub N N 205 
GLY C   OXT  sing N N 206 
GLY OXT HXT  sing N N 207 
HIS N   CA   sing N N 208 
HIS N   H    sing N N 209 
HIS N   H2   sing N N 210 
HIS CA  C    sing N N 211 
HIS CA  CB   sing N N 212 
HIS CA  HA   sing N N 213 
HIS C   O    doub N N 214 
HIS C   OXT  sing N N 215 
HIS CB  CG   sing N N 216 
HIS CB  HB2  sing N N 217 
HIS CB  HB3  sing N N 218 
HIS CG  ND1  sing Y N 219 
HIS CG  CD2  doub Y N 220 
HIS ND1 CE1  doub Y N 221 
HIS ND1 HD1  sing N N 222 
HIS CD2 NE2  sing Y N 223 
HIS CD2 HD2  sing N N 224 
HIS CE1 NE2  sing Y N 225 
HIS CE1 HE1  sing N N 226 
HIS NE2 HE2  sing N N 227 
HIS OXT HXT  sing N N 228 
HOH O   H1   sing N N 229 
HOH O   H2   sing N N 230 
ILE N   CA   sing N N 231 
ILE N   H    sing N N 232 
ILE N   H2   sing N N 233 
ILE CA  C    sing N N 234 
ILE CA  CB   sing N N 235 
ILE CA  HA   sing N N 236 
ILE C   O    doub N N 237 
ILE C   OXT  sing N N 238 
ILE CB  CG1  sing N N 239 
ILE CB  CG2  sing N N 240 
ILE CB  HB   sing N N 241 
ILE CG1 CD1  sing N N 242 
ILE CG1 HG12 sing N N 243 
ILE CG1 HG13 sing N N 244 
ILE CG2 HG21 sing N N 245 
ILE CG2 HG22 sing N N 246 
ILE CG2 HG23 sing N N 247 
ILE CD1 HD11 sing N N 248 
ILE CD1 HD12 sing N N 249 
ILE CD1 HD13 sing N N 250 
ILE OXT HXT  sing N N 251 
LEU N   CA   sing N N 252 
LEU N   H    sing N N 253 
LEU N   H2   sing N N 254 
LEU CA  C    sing N N 255 
LEU CA  CB   sing N N 256 
LEU CA  HA   sing N N 257 
LEU C   O    doub N N 258 
LEU C   OXT  sing N N 259 
LEU CB  CG   sing N N 260 
LEU CB  HB2  sing N N 261 
LEU CB  HB3  sing N N 262 
LEU CG  CD1  sing N N 263 
LEU CG  CD2  sing N N 264 
LEU CG  HG   sing N N 265 
LEU CD1 HD11 sing N N 266 
LEU CD1 HD12 sing N N 267 
LEU CD1 HD13 sing N N 268 
LEU CD2 HD21 sing N N 269 
LEU CD2 HD22 sing N N 270 
LEU CD2 HD23 sing N N 271 
LEU OXT HXT  sing N N 272 
LYS N   CA   sing N N 273 
LYS N   H    sing N N 274 
LYS N   H2   sing N N 275 
LYS CA  C    sing N N 276 
LYS CA  CB   sing N N 277 
LYS CA  HA   sing N N 278 
LYS C   O    doub N N 279 
LYS C   OXT  sing N N 280 
LYS CB  CG   sing N N 281 
LYS CB  HB2  sing N N 282 
LYS CB  HB3  sing N N 283 
LYS CG  CD   sing N N 284 
LYS CG  HG2  sing N N 285 
LYS CG  HG3  sing N N 286 
LYS CD  CE   sing N N 287 
LYS CD  HD2  sing N N 288 
LYS CD  HD3  sing N N 289 
LYS CE  NZ   sing N N 290 
LYS CE  HE2  sing N N 291 
LYS CE  HE3  sing N N 292 
LYS NZ  HZ1  sing N N 293 
LYS NZ  HZ2  sing N N 294 
LYS NZ  HZ3  sing N N 295 
LYS OXT HXT  sing N N 296 
MET N   CA   sing N N 297 
MET N   H    sing N N 298 
MET N   H2   sing N N 299 
MET CA  C    sing N N 300 
MET CA  CB   sing N N 301 
MET CA  HA   sing N N 302 
MET C   O    doub N N 303 
MET C   OXT  sing N N 304 
MET CB  CG   sing N N 305 
MET CB  HB2  sing N N 306 
MET CB  HB3  sing N N 307 
MET CG  SD   sing N N 308 
MET CG  HG2  sing N N 309 
MET CG  HG3  sing N N 310 
MET SD  CE   sing N N 311 
MET CE  HE1  sing N N 312 
MET CE  HE2  sing N N 313 
MET CE  HE3  sing N N 314 
MET OXT HXT  sing N N 315 
PHE N   CA   sing N N 316 
PHE N   H    sing N N 317 
PHE N   H2   sing N N 318 
PHE CA  C    sing N N 319 
PHE CA  CB   sing N N 320 
PHE CA  HA   sing N N 321 
PHE C   O    doub N N 322 
PHE C   OXT  sing N N 323 
PHE CB  CG   sing N N 324 
PHE CB  HB2  sing N N 325 
PHE CB  HB3  sing N N 326 
PHE CG  CD1  doub Y N 327 
PHE CG  CD2  sing Y N 328 
PHE CD1 CE1  sing Y N 329 
PHE CD1 HD1  sing N N 330 
PHE CD2 CE2  doub Y N 331 
PHE CD2 HD2  sing N N 332 
PHE CE1 CZ   doub Y N 333 
PHE CE1 HE1  sing N N 334 
PHE CE2 CZ   sing Y N 335 
PHE CE2 HE2  sing N N 336 
PHE CZ  HZ   sing N N 337 
PHE OXT HXT  sing N N 338 
PRO N   CA   sing N N 339 
PRO N   CD   sing N N 340 
PRO N   H    sing N N 341 
PRO CA  C    sing N N 342 
PRO CA  CB   sing N N 343 
PRO CA  HA   sing N N 344 
PRO C   O    doub N N 345 
PRO C   OXT  sing N N 346 
PRO CB  CG   sing N N 347 
PRO CB  HB2  sing N N 348 
PRO CB  HB3  sing N N 349 
PRO CG  CD   sing N N 350 
PRO CG  HG2  sing N N 351 
PRO CG  HG3  sing N N 352 
PRO CD  HD2  sing N N 353 
PRO CD  HD3  sing N N 354 
PRO OXT HXT  sing N N 355 
SER N   CA   sing N N 356 
SER N   H    sing N N 357 
SER N   H2   sing N N 358 
SER CA  C    sing N N 359 
SER CA  CB   sing N N 360 
SER CA  HA   sing N N 361 
SER C   O    doub N N 362 
SER C   OXT  sing N N 363 
SER CB  OG   sing N N 364 
SER CB  HB2  sing N N 365 
SER CB  HB3  sing N N 366 
SER OG  HG   sing N N 367 
SER OXT HXT  sing N N 368 
SO4 S   O1   doub N N 369 
SO4 S   O2   doub N N 370 
SO4 S   O3   sing N N 371 
SO4 S   O4   sing N N 372 
THR N   CA   sing N N 373 
THR N   H    sing N N 374 
THR N   H2   sing N N 375 
THR CA  C    sing N N 376 
THR CA  CB   sing N N 377 
THR CA  HA   sing N N 378 
THR C   O    doub N N 379 
THR C   OXT  sing N N 380 
THR CB  OG1  sing N N 381 
THR CB  CG2  sing N N 382 
THR CB  HB   sing N N 383 
THR OG1 HG1  sing N N 384 
THR CG2 HG21 sing N N 385 
THR CG2 HG22 sing N N 386 
THR CG2 HG23 sing N N 387 
THR OXT HXT  sing N N 388 
TYR N   CA   sing N N 389 
TYR N   H    sing N N 390 
TYR N   H2   sing N N 391 
TYR CA  C    sing N N 392 
TYR CA  CB   sing N N 393 
TYR CA  HA   sing N N 394 
TYR C   O    doub N N 395 
TYR C   OXT  sing N N 396 
TYR CB  CG   sing N N 397 
TYR CB  HB2  sing N N 398 
TYR CB  HB3  sing N N 399 
TYR CG  CD1  doub Y N 400 
TYR CG  CD2  sing Y N 401 
TYR CD1 CE1  sing Y N 402 
TYR CD1 HD1  sing N N 403 
TYR CD2 CE2  doub Y N 404 
TYR CD2 HD2  sing N N 405 
TYR CE1 CZ   doub Y N 406 
TYR CE1 HE1  sing N N 407 
TYR CE2 CZ   sing Y N 408 
TYR CE2 HE2  sing N N 409 
TYR CZ  OH   sing N N 410 
TYR OH  HH   sing N N 411 
TYR OXT HXT  sing N N 412 
VAL N   CA   sing N N 413 
VAL N   H    sing N N 414 
VAL N   H2   sing N N 415 
VAL CA  C    sing N N 416 
VAL CA  CB   sing N N 417 
VAL CA  HA   sing N N 418 
VAL C   O    doub N N 419 
VAL C   OXT  sing N N 420 
VAL CB  CG1  sing N N 421 
VAL CB  CG2  sing N N 422 
VAL CB  HB   sing N N 423 
VAL CG1 HG11 sing N N 424 
VAL CG1 HG12 sing N N 425 
VAL CG1 HG13 sing N N 426 
VAL CG2 HG21 sing N N 427 
VAL CG2 HG22 sing N N 428 
VAL CG2 HG23 sing N N 429 
VAL OXT HXT  sing N N 430 
# 
_pdbx_initial_refinement_model.id               1 
_pdbx_initial_refinement_model.entity_id_list   ? 
_pdbx_initial_refinement_model.type             'experimental model' 
_pdbx_initial_refinement_model.source_name      PDB 
_pdbx_initial_refinement_model.accession_code   4ZYF 
_pdbx_initial_refinement_model.details          ? 
# 
_atom_sites.entry_id                    5LN2 
_atom_sites.fract_transf_matrix[1][1]   -0.01303821 
_atom_sites.fract_transf_matrix[1][2]   -0.01548828 
_atom_sites.fract_transf_matrix[1][3]   0.00268565 
_atom_sites.fract_transf_matrix[2][1]   -0.00219421 
_atom_sites.fract_transf_matrix[2][2]   -0.00841281 
_atom_sites.fract_transf_matrix[2][3]   0.01847996 
_atom_sites.fract_transf_matrix[3][1]   -0.00702093 
_atom_sites.fract_transf_matrix[3][2]   0.00625989 
_atom_sites.fract_transf_matrix[3][3]   0.00201612 
_atom_sites.fract_transf_vector[1]      -0.209186 
_atom_sites.fract_transf_vector[2]      -0.347132 
_atom_sites.fract_transf_vector[3]      -0.024828 
# 
loop_
_atom_type.symbol 
C  
CL 
N  
O  
S  
# 
loop_
_atom_site.group_PDB 
_atom_site.id 
_atom_site.type_symbol 
_atom_site.label_atom_id 
_atom_site.label_alt_id 
_atom_site.label_comp_id 
_atom_site.label_asym_id 
_atom_site.label_entity_id 
_atom_site.label_seq_id 
_atom_site.pdbx_PDB_ins_code 
_atom_site.Cartn_x 
_atom_site.Cartn_y 
_atom_site.Cartn_z 
_atom_site.occupancy 
_atom_site.B_iso_or_equiv 
_atom_site.pdbx_formal_charge 
_atom_site.auth_seq_id 
_atom_site.auth_comp_id 
_atom_site.auth_asym_id 
_atom_site.auth_atom_id 
_atom_site.pdbx_PDB_model_num 
ATOM   1   N  N   . SER A 1 2  ? -10.874 1.849   14.977  1.00 33.06 ? 17  SER A N   1 
ATOM   2   C  CA  . SER A 1 2  ? -11.311 3.279   15.040  1.00 32.45 ? 17  SER A CA  1 
ATOM   3   C  C   . SER A 1 2  ? -11.878 3.681   13.685  1.00 31.09 ? 17  SER A C   1 
ATOM   4   O  O   . SER A 1 2  ? -13.098 3.732   13.505  1.00 31.87 ? 17  SER A O   1 
ATOM   5   C  CB  . SER A 1 2  ? -10.139 4.188   15.414  1.00 33.29 ? 17  SER A CB  1 
ATOM   6   O  OG  . SER A 1 2  ? -9.192  3.499   16.211  1.00 34.29 ? 17  SER A OG  1 
ATOM   7   N  N   . GLN A 1 3  ? -10.985 3.977   12.741  1.00 28.76 ? 18  GLN A N   1 
ATOM   8   C  CA  . GLN A 1 3  ? -11.356 4.099   11.336  1.00 26.77 ? 18  GLN A CA  1 
ATOM   9   C  C   . GLN A 1 3  ? -11.583 2.702   10.752  1.00 24.91 ? 18  GLN A C   1 
ATOM   10  O  O   . GLN A 1 3  ? -12.566 2.467   10.049  1.00 24.78 ? 18  GLN A O   1 
ATOM   11  C  CB  . GLN A 1 3  ? -10.258 4.809   10.537  1.00 27.46 ? 18  GLN A CB  1 
ATOM   12  C  CG  . GLN A 1 3  ? -10.458 6.302   10.317  1.00 28.46 ? 18  GLN A CG  1 
ATOM   13  C  CD  . GLN A 1 3  ? -9.437  6.887   9.342   1.00 28.46 ? 18  GLN A CD  1 
ATOM   14  O  OE1 . GLN A 1 3  ? -9.729  7.087   8.156   1.00 28.33 ? 18  GLN A OE1 1 
ATOM   15  N  NE2 . GLN A 1 3  ? -8.229  7.150   9.837   1.00 28.65 ? 18  GLN A NE2 1 
ATOM   16  N  N   . ILE A 1 4  ? -10.674 1.779   11.068  1.00 22.10 ? 19  ILE A N   1 
ATOM   17  C  CA  . ILE A 1 4  ? -10.623 0.465   10.417  1.00 19.54 ? 19  ILE A CA  1 
ATOM   18  C  C   . ILE A 1 4  ? -10.825 -0.671  11.428  1.00 18.55 ? 19  ILE A C   1 
ATOM   19  O  O   . ILE A 1 4  ? -10.082 -0.755  12.414  1.00 18.82 ? 19  ILE A O   1 
ATOM   20  C  CB  . ILE A 1 4  ? -9.260  0.248   9.670   1.00 19.09 ? 19  ILE A CB  1 
ATOM   21  C  CG1 . ILE A 1 4  ? -8.790  1.518   8.929   1.00 18.49 ? 19  ILE A CG1 1 
ATOM   22  C  CG2 . ILE A 1 4  ? -9.321  -0.969  8.738   1.00 18.80 ? 19  ILE A CG2 1 
ATOM   23  C  CD1 . ILE A 1 4  ? -9.689  1.990   7.781   1.00 18.81 ? 19  ILE A CD1 1 
ATOM   24  N  N   . PRO A 1 5  ? -11.811 -1.557  11.184  1.00 17.10 ? 20  PRO A N   1 
ATOM   25  C  CA  . PRO A 1 5  ? -11.968 -2.744  12.025  1.00 16.69 ? 20  PRO A CA  1 
ATOM   26  C  C   . PRO A 1 5  ? -10.729 -3.618  11.931  1.00 16.36 ? 20  PRO A C   1 
ATOM   27  O  O   . PRO A 1 5  ? -10.139 -3.744  10.861  1.00 15.54 ? 20  PRO A O   1 
ATOM   28  C  CB  . PRO A 1 5  ? -13.160 -3.482  11.404  1.00 16.86 ? 20  PRO A CB  1 
ATOM   29  C  CG  . PRO A 1 5  ? -13.820 -2.499  10.506  1.00 17.19 ? 20  PRO A CG  1 
ATOM   30  C  CD  . PRO A 1 5  ? -12.761 -1.558  10.056  1.00 17.09 ? 20  PRO A CD  1 
ATOM   31  N  N   . ALA A 1 6  ? -10.332 -4.215  13.050  1.00 16.76 ? 21  ALA A N   1 
ATOM   32  C  CA  . ALA A 1 6  ? -9.169  -5.091  13.074  1.00 17.46 ? 21  ALA A CA  1 
ATOM   33  C  C   . ALA A 1 6  ? -9.313  -6.240  12.085  1.00 17.03 ? 21  ALA A C   1 
ATOM   34  O  O   . ALA A 1 6  ? -8.319  -6.714  11.539  1.00 17.50 ? 21  ALA A O   1 
ATOM   35  C  CB  . ALA A 1 6  ? -8.937  -5.620  14.464  1.00 17.69 ? 21  ALA A CB  1 
ATOM   36  N  N   . SER A 1 7  ? -10.550 -6.668  11.840  1.00 16.70 ? 22  SER A N   1 
ATOM   37  C  CA  . SER A 1 7  ? -10.827 -7.780  10.934  1.00 16.15 ? 22  SER A CA  1 
ATOM   38  C  C   . SER A 1 7  ? -10.365 -7.540  9.494   1.00 15.40 ? 22  SER A C   1 
ATOM   39  O  O   . SER A 1 7  ? -10.137 -8.485  8.751   1.00 14.99 ? 22  SER A O   1 
ATOM   40  C  CB  . SER A 1 7  ? -12.319 -8.116  10.948  1.00 17.12 ? 22  SER A CB  1 
ATOM   41  O  OG  . SER A 1 7  ? -13.084 -7.067  10.382  1.00 17.66 ? 22  SER A OG  1 
ATOM   42  N  N   . GLU A 1 8  ? -10.228 -6.273  9.106   1.00 14.73 ? 23  GLU A N   1 
ATOM   43  C  CA  . GLU A 1 8  ? -9.826  -5.928  7.744   1.00 14.56 ? 23  GLU A CA  1 
ATOM   44  C  C   . GLU A 1 8  ? -8.460  -6.534  7.416   1.00 14.59 ? 23  GLU A C   1 
ATOM   45  O  O   . GLU A 1 8  ? -8.223  -6.964  6.286   1.00 14.48 ? 23  GLU A O   1 
ATOM   46  C  CB  . GLU A 1 8  ? -9.805  -4.406  7.556   1.00 14.55 ? 23  GLU A CB  1 
ATOM   47  C  CG  . GLU A 1 8  ? -9.052  -3.908  6.311   1.00 14.72 ? 23  GLU A CG  1 
ATOM   48  C  CD  . GLU A 1 8  ? -9.747  -4.228  5.001   1.00 14.97 ? 23  GLU A CD  1 
ATOM   49  O  OE1 . GLU A 1 8  ? -9.046  -4.465  4.000   1.00 14.43 ? 23  GLU A OE1 1 
ATOM   50  O  OE2 . GLU A 1 8  ? -10.988 -4.224  4.956   1.00 15.82 ? 23  GLU A OE2 1 
ATOM   51  N  N   . GLN A 1 9  ? -7.577  -6.569  8.414   1.00 15.50 ? 24  GLN A N   1 
ATOM   52  C  CA  . GLN A 1 9  ? -6.228  -7.107  8.236   1.00 16.40 ? 24  GLN A CA  1 
ATOM   53  C  C   . GLN A 1 9  ? -6.202  -8.580  7.832   1.00 16.19 ? 24  GLN A C   1 
ATOM   54  O  O   . GLN A 1 9  ? -5.204  -9.063  7.300   1.00 15.29 ? 24  GLN A O   1 
ATOM   55  C  CB  . GLN A 1 9  ? -5.390  -6.906  9.500   1.00 18.44 ? 24  GLN A CB  1 
ATOM   56  C  CG  . GLN A 1 9  ? -5.041  -5.464  9.802   1.00 21.13 ? 24  GLN A CG  1 
ATOM   57  C  CD  . GLN A 1 9  ? -3.606  -5.305  10.266  1.00 22.83 ? 24  GLN A CD  1 
ATOM   58  O  OE1 . GLN A 1 9  ? -3.171  -5.965  11.209  1.00 24.97 ? 24  GLN A OE1 1 
ATOM   59  N  NE2 . GLN A 1 9  ? -2.857  -4.434  9.592   1.00 23.45 ? 24  GLN A NE2 1 
ATOM   60  N  N   . GLU A 1 10 ? -7.298  -9.291  8.092   1.00 15.93 ? 25  GLU A N   1 
ATOM   61  C  CA  . GLU A 1 10 ? -7.377  -10.722 7.808   1.00 16.35 ? 25  GLU A CA  1 
ATOM   62  C  C   . GLU A 1 10 ? -7.882  -11.027 6.401   1.00 15.21 ? 25  GLU A C   1 
ATOM   63  O  O   . GLU A 1 10 ? -7.856  -12.175 5.971   1.00 15.82 ? 25  GLU A O   1 
ATOM   64  C  CB  . GLU A 1 10 ? -8.241  -11.433 8.858   1.00 18.32 ? 25  GLU A CB  1 
ATOM   65  C  CG  . GLU A 1 10 ? -7.601  -11.486 10.234  1.00 21.21 ? 25  GLU A CG  1 
ATOM   66  C  CD  . GLU A 1 10 ? -8.580  -11.822 11.346  1.00 22.79 ? 25  GLU A CD  1 
ATOM   67  O  OE1 . GLU A 1 10 ? -9.244  -12.880 11.278  1.00 24.69 ? 25  GLU A OE1 1 
ATOM   68  O  OE2 . GLU A 1 10 ? -8.665  -11.031 12.311  1.00 25.52 ? 25  GLU A OE2 1 
ATOM   69  N  N   . THR A 1 11 ? -8.335  -9.993  5.690   1.00 13.99 ? 26  THR A N   1 
ATOM   70  C  CA  . THR A 1 11 ? -8.841  -10.134 4.326   1.00 13.37 ? 26  THR A CA  1 
ATOM   71  C  C   . THR A 1 11 ? -7.765  -10.696 3.394   1.00 13.54 ? 26  THR A C   1 
ATOM   72  O  O   . THR A 1 11 ? -6.644  -10.203 3.388   1.00 13.51 ? 26  THR A O   1 
ATOM   73  C  CB  . THR A 1 11 ? -9.294  -8.771  3.771   1.00 13.24 ? 26  THR A CB  1 
ATOM   74  O  OG1 . THR A 1 11 ? -10.272 -8.204  4.647   1.00 12.83 ? 26  THR A OG1 1 
ATOM   75  C  CG2 . THR A 1 11 ? -9.885  -8.907  2.377   1.00 13.02 ? 26  THR A CG2 1 
ATOM   76  N  N   . LEU A 1 12 ? -8.120  -11.713 2.612   1.00 13.76 ? 27  LEU A N   1 
ATOM   77  C  CA  . LEU A 1 12 ? -7.199  -12.322 1.646   1.00 14.16 ? 27  LEU A CA  1 
ATOM   78  C  C   . LEU A 1 12 ? -7.362  -11.680 0.271   1.00 13.87 ? 27  LEU A C   1 
ATOM   79  O  O   . LEU A 1 12 ? -8.486  -11.468 -0.200  1.00 13.14 ? 27  LEU A O   1 
ATOM   80  C  CB  . LEU A 1 12 ? -7.421  -13.842 1.565   1.00 15.04 ? 27  LEU A CB  1 
ATOM   81  C  CG  . LEU A 1 12 ? -7.279  -14.649 2.862   1.00 15.74 ? 27  LEU A CG  1 
ATOM   82  C  CD1 . LEU A 1 12 ? -7.854  -16.062 2.712   1.00 17.15 ? 27  LEU A CD1 1 
ATOM   83  C  CD2 . LEU A 1 12 ? -5.835  -14.697 3.335   1.00 16.59 ? 27  LEU A CD2 1 
ATOM   84  N  N   . VAL A 1 13 ? -6.237  -11.356 -0.364  1.00 13.09 ? 28  VAL A N   1 
ATOM   85  C  CA  . VAL A 1 13 ? -6.248  -10.577 -1.600  1.00 13.67 ? 28  VAL A CA  1 
ATOM   86  C  C   . VAL A 1 13 ? -5.254  -11.088 -2.638  1.00 14.12 ? 28  VAL A C   1 
ATOM   87  O  O   . VAL A 1 13 ? -4.229  -11.695 -2.296  1.00 14.43 ? 28  VAL A O   1 
ATOM   88  C  CB  . VAL A 1 13 ? -5.976  -9.067  -1.342  1.00 13.42 ? 28  VAL A CB  1 
ATOM   89  C  CG1 . VAL A 1 13 ? -7.016  -8.480  -0.394  1.00 13.47 ? 28  VAL A CG1 1 
ATOM   90  C  CG2 . VAL A 1 13 ? -4.552  -8.841  -0.798  1.00 13.95 ? 28  VAL A CG2 1 
ATOM   91  N  N   . ARG A 1 14 ? -5.577  -10.819 -3.896  1.00 14.78 ? 29  ARG A N   1 
ATOM   92  C  CA  . ARG A 1 14 ? -4.740  -11.158 -5.029  1.00 16.41 ? 29  ARG A CA  1 
ATOM   93  C  C   . ARG A 1 14 ? -4.368  -9.839  -5.718  1.00 15.14 ? 29  ARG A C   1 
ATOM   94  O  O   . ARG A 1 14 ? -5.226  -9.205  -6.334  1.00 15.12 ? 29  ARG A O   1 
ATOM   95  C  CB  . ARG A 1 14 ? -5.524  -12.075 -5.971  1.00 18.90 ? 29  ARG A CB  1 
ATOM   96  C  CG  . ARG A 1 14 ? -4.752  -12.630 -7.148  1.00 22.24 ? 29  ARG A CG  1 
ATOM   97  C  CD  . ARG A 1 14 ? -5.556  -13.711 -7.885  1.00 24.96 ? 29  ARG A CD  1 
ATOM   98  N  NE  . ARG A 1 14 ? -6.217  -14.649 -6.970  1.00 27.58 ? 29  ARG A NE  1 
ATOM   99  C  CZ  . ARG A 1 14 ? -5.602  -15.614 -6.286  1.00 28.72 ? 29  ARG A CZ  1 
ATOM   100 N  NH1 . ARG A 1 14 ? -6.304  -16.404 -5.485  1.00 29.70 ? 29  ARG A NH1 1 
ATOM   101 N  NH2 . ARG A 1 14 ? -4.291  -15.793 -6.391  1.00 30.36 ? 29  ARG A NH2 1 
ATOM   102 N  N   . PRO A 1 15 ? -3.093  -9.400  -5.596  1.00 14.61 ? 30  PRO A N   1 
ATOM   103 C  CA  A PRO A 1 15 ? -2.700  -8.130  -6.204  0.50 14.44 ? 30  PRO A CA  1 
ATOM   104 C  CA  B PRO A 1 15 ? -2.699  -8.132  -6.209  0.50 14.45 ? 30  PRO A CA  1 
ATOM   105 C  C   . PRO A 1 15 ? -2.743  -8.165  -7.734  1.00 14.14 ? 30  PRO A C   1 
ATOM   106 O  O   . PRO A 1 15 ? -2.409  -9.180  -8.347  1.00 14.26 ? 30  PRO A O   1 
ATOM   107 C  CB  A PRO A 1 15 ? -1.258  -7.940  -5.717  0.50 14.50 ? 30  PRO A CB  1 
ATOM   108 C  CB  B PRO A 1 15 ? -1.262  -7.941  -5.714  0.50 14.53 ? 30  PRO A CB  1 
ATOM   109 C  CG  A PRO A 1 15 ? -0.751  -9.320  -5.503  0.50 14.50 ? 30  PRO A CG  1 
ATOM   110 C  CG  B PRO A 1 15 ? -1.226  -8.669  -4.418  0.50 14.58 ? 30  PRO A CG  1 
ATOM   111 C  CD  A PRO A 1 15 ? -1.937  -10.122 -5.027  0.50 14.79 ? 30  PRO A CD  1 
ATOM   112 C  CD  B PRO A 1 15 ? -2.088  -9.875  -4.627  0.50 14.75 ? 30  PRO A CD  1 
ATOM   113 N  N   . LYS A 1 16 ? -3.157  -7.054  -8.324  1.00 13.85 ? 31  LYS A N   1 
ATOM   114 C  CA  . LYS A 1 16 ? -3.077  -6.859  -9.764  1.00 14.01 ? 31  LYS A CA  1 
ATOM   115 C  C   . LYS A 1 16 ? -1.609  -6.615  -10.138 1.00 14.47 ? 31  LYS A C   1 
ATOM   116 O  O   . LYS A 1 16 ? -0.784  -6.420  -9.250  1.00 14.12 ? 31  LYS A O   1 
ATOM   117 C  CB  . LYS A 1 16 ? -3.978  -5.699  -10.174 1.00 14.45 ? 31  LYS A CB  1 
ATOM   118 C  CG  . LYS A 1 16 ? -5.446  -5.981  -9.901  1.00 14.69 ? 31  LYS A CG  1 
ATOM   119 C  CD  . LYS A 1 16 ? -6.332  -4.814  -10.268 1.00 14.93 ? 31  LYS A CD  1 
ATOM   120 C  CE  . LYS A 1 16 ? -7.778  -5.134  -9.916  1.00 15.32 ? 31  LYS A CE  1 
ATOM   121 N  NZ  . LYS A 1 16 ? -8.681  -3.970  -10.122 1.00 16.51 ? 31  LYS A NZ  1 
ATOM   122 N  N   . PRO A 1 17 ? -1.262  -6.662  -11.441 1.00 14.97 ? 32  PRO A N   1 
ATOM   123 C  CA  . PRO A 1 17 ? 0.153   -6.646  -11.836 1.00 15.02 ? 32  PRO A CA  1 
ATOM   124 C  C   . PRO A 1 17 ? 1.001   -5.509  -11.257 1.00 15.22 ? 32  PRO A C   1 
ATOM   125 O  O   . PRO A 1 17 ? 2.133   -5.752  -10.824 1.00 15.23 ? 32  PRO A O   1 
ATOM   126 C  CB  . PRO A 1 17 ? 0.080   -6.536  -13.360 1.00 15.49 ? 32  PRO A CB  1 
ATOM   127 C  CG  . PRO A 1 17 ? -1.153  -7.277  -13.695 1.00 15.37 ? 32  PRO A CG  1 
ATOM   128 C  CD  . PRO A 1 17 ? -2.134  -6.928  -12.603 1.00 15.31 ? 32  PRO A CD  1 
ATOM   129 N  N   . LEU A 1 18 ? 0.468   -4.292  -11.253 1.00 15.55 ? 33  LEU A N   1 
ATOM   130 C  CA  . LEU A 1 18 ? 1.238   -3.135  -10.799 1.00 16.04 ? 33  LEU A CA  1 
ATOM   131 C  C   . LEU A 1 18 ? 1.527   -3.207  -9.296  1.00 15.40 ? 33  LEU A C   1 
ATOM   132 O  O   . LEU A 1 18 ? 2.654   -2.939  -8.861  1.00 15.34 ? 33  LEU A O   1 
ATOM   133 C  CB  . LEU A 1 18 ? 0.548   -1.818  -11.177 1.00 17.84 ? 33  LEU A CB  1 
ATOM   134 C  CG  . LEU A 1 18 ? 1.454   -0.588  -11.271 1.00 19.31 ? 33  LEU A CG  1 
ATOM   135 C  CD1 . LEU A 1 18 ? 2.350   -0.668  -12.505 1.00 20.45 ? 33  LEU A CD1 1 
ATOM   136 C  CD2 . LEU A 1 18 ? 0.654   0.700   -11.289 1.00 20.14 ? 33  LEU A CD2 1 
ATOM   137 N  N   . LEU A 1 19 ? 0.524   -3.588  -8.508  1.00 14.82 ? 34  LEU A N   1 
ATOM   138 C  CA  . LEU A 1 19 ? 0.739   -3.791  -7.076  1.00 14.15 ? 34  LEU A CA  1 
ATOM   139 C  C   . LEU A 1 19 ? 1.719   -4.925  -6.815  1.00 14.11 ? 34  LEU A C   1 
ATOM   140 O  O   . LEU A 1 19 ? 2.587   -4.802  -5.948  1.00 13.44 ? 34  LEU A O   1 
ATOM   141 C  CB  . LEU A 1 19 ? -0.581  -4.020  -6.324  1.00 14.01 ? 34  LEU A CB  1 
ATOM   142 C  CG  . LEU A 1 19 ? -0.487  -4.287  -4.812  1.00 13.90 ? 34  LEU A CG  1 
ATOM   143 C  CD1 . LEU A 1 19 ? 0.281   -3.189  -4.059  1.00 13.82 ? 34  LEU A CD1 1 
ATOM   144 C  CD2 . LEU A 1 19 ? -1.879  -4.439  -4.230  1.00 13.86 ? 34  LEU A CD2 1 
ATOM   145 N  N   . LEU A 1 20 ? 1.593   -6.015  -7.565  1.00 14.25 ? 35  LEU A N   1 
ATOM   146 C  CA  . LEU A 1 20 ? 2.510   -7.136  -7.424  1.00 14.94 ? 35  LEU A CA  1 
ATOM   147 C  C   . LEU A 1 20 ? 3.945   -6.688  -7.685  1.00 14.91 ? 35  LEU A C   1 
ATOM   148 O  O   . LEU A 1 20 ? 4.858   -7.070  -6.947  1.00 14.70 ? 35  LEU A O   1 
ATOM   149 C  CB  . LEU A 1 20 ? 2.116   -8.284  -8.357  1.00 15.96 ? 35  LEU A CB  1 
ATOM   150 C  CG  . LEU A 1 20 ? 2.972   -9.544  -8.242  1.00 17.45 ? 35  LEU A CG  1 
ATOM   151 C  CD1 . LEU A 1 20 ? 2.866   -10.177 -6.852  1.00 17.81 ? 35  LEU A CD1 1 
ATOM   152 C  CD2 . LEU A 1 20 ? 2.582   -10.537 -9.324  1.00 18.07 ? 35  LEU A CD2 1 
ATOM   153 N  N   . LYS A 1 21 ? 4.125   -5.870  -8.722  1.00 14.72 ? 36  LYS A N   1 
ATOM   154 C  CA  . LYS A 1 21 ? 5.431   -5.303  -9.077  1.00 15.24 ? 36  LYS A CA  1 
ATOM   155 C  C   . LYS A 1 21 ? 6.058   -4.580  -7.889  1.00 14.85 ? 36  LYS A C   1 
ATOM   156 O  O   . LYS A 1 21 ? 7.243   -4.760  -7.600  1.00 15.03 ? 36  LYS A O   1 
ATOM   157 C  CB  . LYS A 1 21 ? 5.292   -4.344  -10.265 1.00 16.03 ? 36  LYS A CB  1 
ATOM   158 C  CG  . LYS A 1 21 ? 6.599   -3.686  -10.749 1.00 17.24 ? 36  LYS A CG  1 
ATOM   159 C  CD  . LYS A 1 21 ? 6.319   -2.799  -11.966 1.00 18.27 ? 36  LYS A CD  1 
ATOM   160 C  CE  . LYS A 1 21 ? 7.564   -2.048  -12.449 1.00 19.34 ? 36  LYS A CE  1 
ATOM   161 N  NZ  . LYS A 1 21 ? 8.631   -2.964  -12.948 1.00 21.06 ? 36  LYS A NZ  1 
ATOM   162 N  N   . LEU A 1 22 ? 5.262   -3.769  -7.198  1.00 14.31 ? 37  LEU A N   1 
ATOM   163 C  CA  . LEU A 1 22 ? 5.767   -3.028  -6.050  1.00 13.85 ? 37  LEU A CA  1 
ATOM   164 C  C   . LEU A 1 22 ? 6.098   -3.975  -4.892  1.00 13.53 ? 37  LEU A C   1 
ATOM   165 O  O   . LEU A 1 22 ? 7.171   -3.876  -4.289  1.00 13.50 ? 37  LEU A O   1 
ATOM   166 C  CB  . LEU A 1 22 ? 4.762   -1.957  -5.612  1.00 14.42 ? 37  LEU A CB  1 
ATOM   167 C  CG  . LEU A 1 22 ? 5.182   -1.057  -4.449  1.00 15.29 ? 37  LEU A CG  1 
ATOM   168 C  CD1 . LEU A 1 22 ? 4.559   0.330   -4.580  1.00 16.03 ? 37  LEU A CD1 1 
ATOM   169 C  CD2 . LEU A 1 22 ? 4.865   -1.704  -3.093  1.00 15.79 ? 37  LEU A CD2 1 
ATOM   170 N  N   . LEU A 1 23 ? 5.182   -4.897  -4.599  1.00 13.29 ? 38  LEU A N   1 
ATOM   171 C  CA  . LEU A 1 23 ? 5.343   -5.833  -3.482  1.00 12.96 ? 38  LEU A CA  1 
ATOM   172 C  C   . LEU A 1 23 ? 6.589   -6.694  -3.628  1.00 13.45 ? 38  LEU A C   1 
ATOM   173 O  O   . LEU A 1 23 ? 7.265   -6.975  -2.637  1.00 13.01 ? 38  LEU A O   1 
ATOM   174 C  CB  . LEU A 1 23 ? 4.107   -6.729  -3.332  1.00 12.68 ? 38  LEU A CB  1 
ATOM   175 C  CG  . LEU A 1 23 ? 2.791   -6.084  -2.893  1.00 12.47 ? 38  LEU A CG  1 
ATOM   176 C  CD1 . LEU A 1 23 ? 1.676   -7.110  -2.949  1.00 12.61 ? 38  LEU A CD1 1 
ATOM   177 C  CD2 . LEU A 1 23 ? 2.876   -5.488  -1.498  1.00 12.69 ? 38  LEU A CD2 1 
ATOM   178 N  N   . LYS A 1 24 ? 6.896   -7.081  -4.866  1.00 13.95 ? 39  LYS A N   1 
ATOM   179 C  CA  . LYS A 1 24 ? 8.083   -7.883  -5.174  1.00 14.91 ? 39  LYS A CA  1 
ATOM   180 C  C   . LYS A 1 24 ? 9.412   -7.175  -4.891  1.00 14.45 ? 39  LYS A C   1 
ATOM   181 O  O   . LYS A 1 24 ? 10.451  -7.825  -4.823  1.00 14.64 ? 39  LYS A O   1 
ATOM   182 C  CB  . LYS A 1 24 ? 8.049   -8.334  -6.630  1.00 17.02 ? 39  LYS A CB  1 
ATOM   183 C  CG  . LYS A 1 24 ? 7.177   -9.549  -6.897  1.00 19.35 ? 39  LYS A CG  1 
ATOM   184 C  CD  . LYS A 1 24 ? 6.828   -9.682  -8.382  1.00 20.92 ? 39  LYS A CD  1 
ATOM   185 C  CE  . LYS A 1 24 ? 8.054   -9.654  -9.296  1.00 22.27 ? 39  LYS A CE  1 
ATOM   186 N  NZ  . LYS A 1 24 ? 8.356   -8.274  -9.781  1.00 23.25 ? 39  LYS A NZ  1 
ATOM   187 N  N   . SER A 1 25 ? 9.384   -5.853  -4.738  1.00 13.88 ? 40  SER A N   1 
ATOM   188 C  CA  . SER A 1 25 ? 10.602  -5.106  -4.410  1.00 13.33 ? 40  SER A CA  1 
ATOM   189 C  C   . SER A 1 25 ? 10.865  -5.067  -2.903  1.00 13.01 ? 40  SER A C   1 
ATOM   190 O  O   . SER A 1 25 ? 11.932  -4.612  -2.472  1.00 12.72 ? 40  SER A O   1 
ATOM   191 C  CB  . SER A 1 25 ? 10.535  -3.680  -4.971  1.00 14.13 ? 40  SER A CB  1 
ATOM   192 O  OG  . SER A 1 25 ? 9.683   -2.868  -4.186  1.00 14.38 ? 40  SER A OG  1 
ATOM   193 N  N   . VAL A 1 26 ? 9.905   -5.530  -2.102  1.00 12.56 ? 41  VAL A N   1 
ATOM   194 C  CA  . VAL A 1 26 ? 10.047  -5.472  -0.637  1.00 12.84 ? 41  VAL A CA  1 
ATOM   195 C  C   . VAL A 1 26 ? 9.732   -6.766  0.103   1.00 13.17 ? 41  VAL A C   1 
ATOM   196 O  O   . VAL A 1 26 ? 10.129  -6.929  1.260   1.00 13.77 ? 41  VAL A O   1 
ATOM   197 C  CB  . VAL A 1 26 ? 9.215   -4.320  0.008   1.00 12.86 ? 41  VAL A CB  1 
ATOM   198 C  CG1 . VAL A 1 26 ? 9.858   -2.968  -0.268  1.00 13.47 ? 41  VAL A CG1 1 
ATOM   199 C  CG2 . VAL A 1 26 ? 7.747   -4.365  -0.440  1.00 13.05 ? 41  VAL A CG2 1 
ATOM   200 N  N   . GLY A 1 27 ? 9.027   -7.681  -0.547  1.00 13.25 ? 42  GLY A N   1 
ATOM   201 C  CA  . GLY A 1 27 ? 8.575   -8.878  0.140   1.00 14.57 ? 42  GLY A CA  1 
ATOM   202 C  C   . GLY A 1 27 ? 8.576   -10.105 -0.730  1.00 15.17 ? 42  GLY A C   1 
ATOM   203 O  O   . GLY A 1 27 ? 8.639   -10.019 -1.961  1.00 15.57 ? 42  GLY A O   1 
ATOM   204 N  N   . ALA A 1 28 ? 8.486   -11.257 -0.078  1.00 16.68 ? 43  ALA A N   1 
ATOM   205 C  CA  . ALA A 1 28 ? 8.410   -12.524 -0.779  1.00 17.91 ? 43  ALA A CA  1 
ATOM   206 C  C   . ALA A 1 28 ? 7.181   -12.564 -1.677  1.00 19.09 ? 43  ALA A C   1 
ATOM   207 O  O   . ALA A 1 28 ? 6.099   -12.114 -1.288  1.00 19.24 ? 43  ALA A O   1 
ATOM   208 C  CB  . ALA A 1 28 ? 8.379   -13.677 0.220   1.00 18.36 ? 43  ALA A CB  1 
ATOM   209 N  N   . GLN A 1 29 ? 7.361   -13.085 -2.883  1.00 20.36 ? 44  GLN A N   1 
ATOM   210 C  CA  . GLN A 1 29 ? 6.252   -13.263 -3.811  1.00 22.40 ? 44  GLN A CA  1 
ATOM   211 C  C   . GLN A 1 29 ? 5.374   -14.438 -3.388  1.00 23.34 ? 44  GLN A C   1 
ATOM   212 O  O   . GLN A 1 29 ? 5.872   -15.469 -2.924  1.00 24.10 ? 44  GLN A O   1 
ATOM   213 C  CB  . GLN A 1 29 ? 6.765   -13.478 -5.240  1.00 23.62 ? 44  GLN A CB  1 
ATOM   214 C  CG  . GLN A 1 29 ? 5.673   -13.663 -6.319  1.00 24.84 ? 44  GLN A CG  1 
ATOM   215 C  CD  . GLN A 1 29 ? 4.955   -15.016 -6.249  1.00 25.88 ? 44  GLN A CD  1 
ATOM   216 O  OE1 . GLN A 1 29 ? 3.809   -15.151 -6.694  1.00 27.21 ? 44  GLN A OE1 1 
ATOM   217 N  NE2 . GLN A 1 29 ? 5.613   -16.008 -5.668  1.00 25.61 ? 44  GLN A NE2 1 
ATOM   218 N  N   . LYS A 1 30 ? 4.062   -14.258 -3.553  1.00 23.88 ? 45  LYS A N   1 
ATOM   219 C  CA  . LYS A 1 30 ? 3.074   -15.349 -3.526  1.00 24.03 ? 45  LYS A CA  1 
ATOM   220 C  C   . LYS A 1 30 ? 1.792   -14.876 -4.227  1.00 24.31 ? 45  LYS A C   1 
ATOM   221 O  O   . LYS A 1 30 ? 1.644   -13.685 -4.492  1.00 24.51 ? 45  LYS A O   1 
ATOM   222 C  CB  . LYS A 1 30 ? 2.811   -15.853 -2.103  1.00 24.41 ? 45  LYS A CB  1 
ATOM   223 C  CG  . LYS A 1 30 ? 2.620   -14.778 -1.053  1.00 24.27 ? 45  LYS A CG  1 
ATOM   224 C  CD  . LYS A 1 30 ? 2.487   -15.412 0.306   1.00 24.65 ? 45  LYS A CD  1 
ATOM   225 C  CE  . LYS A 1 30 ? 2.189   -14.389 1.372   1.00 24.70 ? 45  LYS A CE  1 
ATOM   226 N  NZ  . LYS A 1 30 ? 1.857   -15.040 2.667   1.00 24.64 ? 45  LYS A NZ  1 
ATOM   227 N  N   . ASP A 1 31 ? 0.900   -15.808 -4.571  1.00 24.82 ? 46  ASP A N   1 
ATOM   228 C  CA  . ASP A 1 31 ? -0.353  -15.469 -5.265  1.00 24.73 ? 46  ASP A CA  1 
ATOM   229 C  C   . ASP A 1 31 ? -1.313  -14.698 -4.359  1.00 23.28 ? 46  ASP A C   1 
ATOM   230 O  O   . ASP A 1 31 ? -1.901  -13.708 -4.791  1.00 23.94 ? 46  ASP A O   1 
ATOM   231 C  CB  . ASP A 1 31 ? -1.064  -16.720 -5.809  1.00 26.29 ? 46  ASP A CB  1 
ATOM   232 C  CG  . ASP A 1 31 ? -0.503  -17.205 -7.149  1.00 27.19 ? 46  ASP A CG  1 
ATOM   233 O  OD1 . ASP A 1 31 ? -0.859  -18.335 -7.544  1.00 28.42 ? 46  ASP A OD1 1 
ATOM   234 O  OD2 . ASP A 1 31 ? 0.276   -16.481 -7.811  1.00 27.40 ? 46  ASP A OD2 1 
ATOM   235 N  N   . THR A 1 32 ? -1.447  -15.158 -3.114  1.00 22.22 ? 47  THR A N   1 
ATOM   236 C  CA  . THR A 1 32 ? -2.430  -14.621 -2.166  1.00 21.00 ? 47  THR A CA  1 
ATOM   237 C  C   . THR A 1 32 ? -1.778  -14.057 -0.901  1.00 20.07 ? 47  THR A C   1 
ATOM   238 O  O   . THR A 1 32 ? -1.042  -14.762 -0.195  1.00 21.14 ? 47  THR A O   1 
ATOM   239 C  CB  . THR A 1 32 ? -3.470  -15.695 -1.773  1.00 20.98 ? 47  THR A CB  1 
ATOM   240 O  OG1 . THR A 1 32 ? -4.056  -16.245 -2.961  1.00 21.69 ? 47  THR A OG1 1 
ATOM   241 C  CG2 . THR A 1 32 ? -4.581  -15.099 -0.898  1.00 21.55 ? 47  THR A CG2 1 
ATOM   242 N  N   . TYR A 1 33 ? -2.078  -12.790 -0.619  1.00 17.92 ? 48  TYR A N   1 
ATOM   243 C  CA  . TYR A 1 33 ? -1.602  -12.111 0.584   1.00 16.95 ? 48  TYR A CA  1 
ATOM   244 C  C   . TYR A 1 33 ? -2.767  -11.822 1.518   1.00 16.70 ? 48  TYR A C   1 
ATOM   245 O  O   . TYR A 1 33 ? -3.923  -11.822 1.091   1.00 17.42 ? 48  TYR A O   1 
ATOM   246 C  CB  . TYR A 1 33 ? -0.945  -10.780 0.212   1.00 16.67 ? 48  TYR A CB  1 
ATOM   247 C  CG  . TYR A 1 33 ? 0.309   -10.905 -0.623  1.00 16.18 ? 48  TYR A CG  1 
ATOM   248 C  CD1 . TYR A 1 33 ? 0.239   -11.015 -2.006  1.00 15.56 ? 48  TYR A CD1 1 
ATOM   249 C  CD2 . TYR A 1 33 ? 1.568   -10.897 -0.023  1.00 16.16 ? 48  TYR A CD2 1 
ATOM   250 C  CE1 . TYR A 1 33 ? 1.382   -11.123 -2.784  1.00 15.88 ? 48  TYR A CE1 1 
ATOM   251 C  CE2 . TYR A 1 33 ? 2.721   -11.010 -0.789  1.00 16.06 ? 48  TYR A CE2 1 
ATOM   252 C  CZ  . TYR A 1 33 ? 2.623   -11.112 -2.170  1.00 15.67 ? 48  TYR A CZ  1 
ATOM   253 O  OH  . TYR A 1 33 ? 3.762   -11.225 -2.946  1.00 15.66 ? 48  TYR A OH  1 
ATOM   254 N  N   . THR A 1 34 ? -2.457  -11.575 2.786   1.00 15.36 ? 49  THR A N   1 
ATOM   255 C  CA  . THR A 1 34 ? -3.411  -10.929 3.680   1.00 15.09 ? 49  THR A CA  1 
ATOM   256 C  C   . THR A 1 34 ? -3.238  -9.418  3.547   1.00 14.58 ? 49  THR A C   1 
ATOM   257 O  O   . THR A 1 34 ? -2.188  -8.941  3.102   1.00 14.25 ? 49  THR A O   1 
ATOM   258 C  CB  . THR A 1 34 ? -3.199  -11.319 5.153   1.00 15.45 ? 49  THR A CB  1 
ATOM   259 O  OG1 . THR A 1 34 ? -1.913  -10.862 5.593   1.00 15.55 ? 49  THR A OG1 1 
ATOM   260 C  CG2 . THR A 1 34 ? -3.318  -12.833 5.356   1.00 15.96 ? 49  THR A CG2 1 
ATOM   261 N  N   . MET A 1 35 ? -4.259  -8.661  3.943   1.00 14.26 ? 50  MET A N   1 
ATOM   262 C  CA  . MET A 1 35 ? -4.150  -7.206  3.959   1.00 14.00 ? 50  MET A CA  1 
ATOM   263 C  C   . MET A 1 35 ? -3.118  -6.710  4.974   1.00 13.65 ? 50  MET A C   1 
ATOM   264 O  O   . MET A 1 35 ? -2.501  -5.665  4.765   1.00 13.55 ? 50  MET A O   1 
ATOM   265 C  CB  . MET A 1 35 ? -5.512  -6.541  4.192   1.00 14.46 ? 50  MET A CB  1 
ATOM   266 C  CG  . MET A 1 35 ? -6.328  -6.347  2.915   1.00 15.17 ? 50  MET A CG  1 
ATOM   267 S  SD  . MET A 1 35 ? -5.473  -5.432  1.597   1.00 15.99 ? 50  MET A SD  1 
ATOM   268 C  CE  . MET A 1 35 ? -5.060  -3.894  2.403   1.00 16.41 ? 50  MET A CE  1 
ATOM   269 N  N   . LYS A 1 36 ? -2.925  -7.464  6.058   1.00 13.58 ? 51  LYS A N   1 
ATOM   270 C  CA  . LYS A 1 36 ? -1.847  -7.170  7.008   1.00 13.52 ? 51  LYS A CA  1 
ATOM   271 C  C   . LYS A 1 36 ? -0.503  -7.167  6.278   1.00 13.09 ? 51  LYS A C   1 
ATOM   272 O  O   . LYS A 1 36 ? 0.315   -6.266  6.479   1.00 12.87 ? 51  LYS A O   1 
ATOM   273 C  CB  . LYS A 1 36 ? -1.834  -8.184  8.162   1.00 14.18 ? 51  LYS A CB  1 
ATOM   274 C  CG  . LYS A 1 36 ? -0.650  -8.008  9.130   1.00 15.59 ? 51  LYS A CG  1 
ATOM   275 C  CD  . LYS A 1 36 ? -0.781  -8.855  10.386  1.00 17.23 ? 51  LYS A CD  1 
ATOM   276 C  CE  . LYS A 1 36 ? 0.508   -8.791  11.199  1.00 18.16 ? 51  LYS A CE  1 
ATOM   277 N  NZ  . LYS A 1 36 ? 0.348   -9.472  12.507  1.00 19.57 ? 51  LYS A NZ  1 
ATOM   278 N  N   . GLU A 1 37 ? -0.289  -8.170  5.428   1.00 12.64 ? 52  GLU A N   1 
ATOM   279 C  CA  A GLU A 1 37 ? 0.947   -8.261  4.650   0.50 12.57 ? 52  GLU A CA  1 
ATOM   280 C  CA  B GLU A 1 37 ? 0.942   -8.264  4.638   0.50 12.51 ? 52  GLU A CA  1 
ATOM   281 C  C   . GLU A 1 37 ? 1.055   -7.117  3.638   1.00 12.40 ? 52  GLU A C   1 
ATOM   282 O  O   . GLU A 1 37 ? 2.080   -6.443  3.567   1.00 12.05 ? 52  GLU A O   1 
ATOM   283 C  CB  A GLU A 1 37 ? 1.068   -9.630  3.965   0.50 12.95 ? 52  GLU A CB  1 
ATOM   284 C  CB  B GLU A 1 37 ? 1.025   -9.602  3.901   0.50 12.82 ? 52  GLU A CB  1 
ATOM   285 C  CG  A GLU A 1 37 ? 1.370   -10.772 4.931   0.50 13.29 ? 52  GLU A CG  1 
ATOM   286 C  CG  B GLU A 1 37 ? 1.289   -10.792 4.794   0.50 13.02 ? 52  GLU A CG  1 
ATOM   287 C  CD  A GLU A 1 37 ? 0.966   -12.130 4.390   0.50 13.55 ? 52  GLU A CD  1 
ATOM   288 C  CD  B GLU A 1 37 ? 1.205   -12.096 4.042   0.50 13.22 ? 52  GLU A CD  1 
ATOM   289 O  OE1 A GLU A 1 37 ? 0.484   -12.199 3.236   0.50 13.75 ? 52  GLU A OE1 1 
ATOM   290 O  OE1 B GLU A 1 37 ? 2.218   -12.817 4.007   0.50 13.15 ? 52  GLU A OE1 1 
ATOM   291 O  OE2 A GLU A 1 37 ? 1.134   -13.133 5.123   0.50 13.55 ? 52  GLU A OE2 1 
ATOM   292 O  OE2 B GLU A 1 37 ? 0.131   -12.402 3.477   0.50 13.15 ? 52  GLU A OE2 1 
ATOM   293 N  N   . VAL A 1 38 ? -0.008  -6.891  2.862   1.00 12.15 ? 53  VAL A N   1 
ATOM   294 C  CA  . VAL A 1 38 ? -0.002  -5.835  1.839   1.00 12.11 ? 53  VAL A CA  1 
ATOM   295 C  C   . VAL A 1 38 ? 0.303   -4.471  2.460   1.00 11.82 ? 53  VAL A C   1 
ATOM   296 O  O   . VAL A 1 38 ? 1.131   -3.719  1.951   1.00 11.65 ? 53  VAL A O   1 
ATOM   297 C  CB  . VAL A 1 38 ? -1.325  -5.790  1.035   1.00 12.43 ? 53  VAL A CB  1 
ATOM   298 C  CG1 . VAL A 1 38 ? -1.376  -4.563  0.120   1.00 12.64 ? 53  VAL A CG1 1 
ATOM   299 C  CG2 . VAL A 1 38 ? -1.496  -7.069  0.232   1.00 12.65 ? 53  VAL A CG2 1 
ATOM   300 N  N   . LEU A 1 39 ? -0.355  -4.169  3.572   1.00 11.72 ? 54  LEU A N   1 
ATOM   301 C  CA  . LEU A 1 39 ? -0.144  -2.897  4.239   1.00 11.32 ? 54  LEU A CA  1 
ATOM   302 C  C   . LEU A 1 39 ? 1.284   -2.785  4.780   1.00 11.04 ? 54  LEU A C   1 
ATOM   303 O  O   . LEU A 1 39 ? 1.941   -1.750  4.624   1.00 10.56 ? 54  LEU A O   1 
ATOM   304 C  CB  . LEU A 1 39 ? -1.164  -2.720  5.363   1.00 12.17 ? 54  LEU A CB  1 
ATOM   305 C  CG  . LEU A 1 39 ? -1.346  -1.306  5.901   1.00 12.85 ? 54  LEU A CG  1 
ATOM   306 C  CD1 . LEU A 1 39 ? -2.043  -0.392  4.891   1.00 12.99 ? 54  LEU A CD1 1 
ATOM   307 C  CD2 . LEU A 1 39 ? -2.143  -1.382  7.195   1.00 13.56 ? 54  LEU A CD2 1 
ATOM   308 N  N   . PHE A 1 40 ? 1.776   -3.857  5.396   1.00 10.64 ? 55  PHE A N   1 
ATOM   309 C  CA  . PHE A 1 40 ? 3.143   -3.851  5.895   1.00 10.23 ? 55  PHE A CA  1 
ATOM   310 C  C   . PHE A 1 40 ? 4.150   -3.592  4.774   1.00 10.09 ? 55  PHE A C   1 
ATOM   311 O  O   . PHE A 1 40 ? 5.040   -2.750  4.917   1.00 10.10 ? 55  PHE A O   1 
ATOM   312 C  CB  . PHE A 1 40 ? 3.494   -5.155  6.606   1.00 10.41 ? 55  PHE A CB  1 
ATOM   313 C  CG  . PHE A 1 40 ? 4.948   -5.273  6.934   1.00 10.75 ? 55  PHE A CG  1 
ATOM   314 C  CD1 . PHE A 1 40 ? 5.470   -4.619  8.048   1.00 10.89 ? 55  PHE A CD1 1 
ATOM   315 C  CD2 . PHE A 1 40 ? 5.800   -6.021  6.131   1.00 10.74 ? 55  PHE A CD2 1 
ATOM   316 C  CE1 . PHE A 1 40 ? 6.820   -4.716  8.350   1.00 11.18 ? 55  PHE A CE1 1 
ATOM   317 C  CE2 . PHE A 1 40 ? 7.163   -6.122  6.429   1.00 11.18 ? 55  PHE A CE2 1 
ATOM   318 C  CZ  . PHE A 1 40 ? 7.666   -5.472  7.542   1.00 11.24 ? 55  PHE A CZ  1 
ATOM   319 N  N   . TYR A 1 41 ? 4.008   -4.312  3.663   1.00 9.74  ? 56  TYR A N   1 
ATOM   320 C  CA  . TYR A 1 41 ? 4.959   -4.195  2.556   1.00 9.58  ? 56  TYR A CA  1 
ATOM   321 C  C   . TYR A 1 41 ? 4.928   -2.816  1.904   1.00 9.30  ? 56  TYR A C   1 
ATOM   322 O  O   . TYR A 1 41 ? 5.983   -2.273  1.578   1.00 8.94  ? 56  TYR A O   1 
ATOM   323 C  CB  . TYR A 1 41 ? 4.756   -5.315  1.529   1.00 10.07 ? 56  TYR A CB  1 
ATOM   324 C  CG  . TYR A 1 41 ? 5.169   -6.689  2.032   1.00 10.55 ? 56  TYR A CG  1 
ATOM   325 C  CD1 . TYR A 1 41 ? 6.417   -6.887  2.624   1.00 10.96 ? 56  TYR A CD1 1 
ATOM   326 C  CD2 . TYR A 1 41 ? 4.316   -7.789  1.906   1.00 11.03 ? 56  TYR A CD2 1 
ATOM   327 C  CE1 . TYR A 1 41 ? 6.807   -8.142  3.091   1.00 11.52 ? 56  TYR A CE1 1 
ATOM   328 C  CE2 . TYR A 1 41 ? 4.701   -9.055  2.364   1.00 11.53 ? 56  TYR A CE2 1 
ATOM   329 C  CZ  . TYR A 1 41 ? 5.946   -9.215  2.957   1.00 11.70 ? 56  TYR A CZ  1 
ATOM   330 O  OH  . TYR A 1 41 ? 6.342   -10.455 3.416   1.00 12.96 ? 56  TYR A OH  1 
ATOM   331 N  N   . LEU A 1 42 ? 3.736   -2.240  1.742   1.00 9.26  ? 57  LEU A N   1 
ATOM   332 C  CA  . LEU A 1 42 ? 3.627   -0.900  1.186   1.00 9.60  ? 57  LEU A CA  1 
ATOM   333 C  C   . LEU A 1 42 ? 4.279   0.107   2.124   1.00 9.42  ? 57  LEU A C   1 
ATOM   334 O  O   . LEU A 1 42 ? 4.976   1.023   1.678   1.00 9.10  ? 57  LEU A O   1 
ATOM   335 C  CB  . LEU A 1 42 ? 2.168   -0.524  0.898   1.00 10.14 ? 57  LEU A CB  1 
ATOM   336 C  CG  . LEU A 1 42 ? 1.564   -1.137  -0.371  1.00 10.65 ? 57  LEU A CG  1 
ATOM   337 C  CD1 . LEU A 1 42 ? 0.053   -1.073  -0.278  1.00 11.29 ? 57  LEU A CD1 1 
ATOM   338 C  CD2 . LEU A 1 42 ? 2.057   -0.425  -1.629  1.00 11.47 ? 57  LEU A CD2 1 
ATOM   339 N  N   . GLY A 1 43 ? 4.079   -0.084  3.426   1.00 9.47  ? 58  GLY A N   1 
ATOM   340 C  CA  . GLY A 1 43 ? 4.718   0.772   4.413   1.00 9.28  ? 58  GLY A CA  1 
ATOM   341 C  C   . GLY A 1 43 ? 6.228   0.687   4.310   1.00 9.52  ? 58  GLY A C   1 
ATOM   342 O  O   . GLY A 1 43 ? 6.908   1.708   4.361   1.00 9.16  ? 58  GLY A O   1 
ATOM   343 N  N   . GLN A 1 44 ? 6.751   -0.531  4.171   1.00 9.93  ? 59  GLN A N   1 
ATOM   344 C  CA  . GLN A 1 44 ? 8.193   -0.731  4.060   1.00 10.81 ? 59  GLN A CA  1 
ATOM   345 C  C   . GLN A 1 44 ? 8.755   -0.134  2.785   1.00 10.22 ? 59  GLN A C   1 
ATOM   346 O  O   . GLN A 1 44 ? 9.873   0.387   2.781   1.00 10.26 ? 59  GLN A O   1 
ATOM   347 C  CB  . GLN A 1 44 ? 8.552   -2.209  4.164   1.00 12.10 ? 59  GLN A CB  1 
ATOM   348 C  CG  . GLN A 1 44 ? 8.280   -2.802  5.540   1.00 14.17 ? 59  GLN A CG  1 
ATOM   349 C  CD  . GLN A 1 44 ? 8.881   -1.984  6.673   1.00 15.53 ? 59  GLN A CD  1 
ATOM   350 O  OE1 . GLN A 1 44 ? 8.235   -1.085  7.230   1.00 17.08 ? 59  GLN A OE1 1 
ATOM   351 N  NE2 . GLN A 1 44 ? 10.125  -2.285  7.015   1.00 16.83 ? 59  GLN A NE2 1 
ATOM   352 N  N   . TYR A 1 45 ? 7.978   -0.220  1.707   1.00 9.76  ? 60  TYR A N   1 
ATOM   353 C  CA  . TYR A 1 45 ? 8.338   0.409   0.441   1.00 9.43  ? 60  TYR A CA  1 
ATOM   354 C  C   . TYR A 1 45 ? 8.488   1.925   0.611   1.00 9.26  ? 60  TYR A C   1 
ATOM   355 O  O   . TYR A 1 45 ? 9.498   2.497   0.192   1.00 9.32  ? 60  TYR A O   1 
ATOM   356 C  CB  . TYR A 1 45 ? 7.301   0.059   -0.630  1.00 9.30  ? 60  TYR A CB  1 
ATOM   357 C  CG  . TYR A 1 45 ? 7.575   0.657   -1.991  1.00 9.29  ? 60  TYR A CG  1 
ATOM   358 C  CD1 . TYR A 1 45 ? 8.350   -0.024  -2.929  1.00 9.33  ? 60  TYR A CD1 1 
ATOM   359 C  CD2 . TYR A 1 45 ? 7.051   1.899   -2.340  1.00 9.17  ? 60  TYR A CD2 1 
ATOM   360 C  CE1 . TYR A 1 45 ? 8.590   0.510   -4.186  1.00 9.31  ? 60  TYR A CE1 1 
ATOM   361 C  CE2 . TYR A 1 45 ? 7.293   2.456   -3.594  1.00 9.41  ? 60  TYR A CE2 1 
ATOM   362 C  CZ  . TYR A 1 45 ? 8.061   1.753   -4.514  1.00 9.34  ? 60  TYR A CZ  1 
ATOM   363 O  OH  . TYR A 1 45 ? 8.311   2.294   -5.761  1.00 9.95  ? 60  TYR A OH  1 
ATOM   364 N  N   . ILE A 1 46 ? 7.502   2.556   1.250   1.00 9.13  ? 61  ILE A N   1 
ATOM   365 C  CA  . ILE A 1 46 ? 7.533   4.001   1.528   1.00 9.42  ? 61  ILE A CA  1 
ATOM   366 C  C   . ILE A 1 46 ? 8.744   4.392   2.370   1.00 9.96  ? 61  ILE A C   1 
ATOM   367 O  O   . ILE A 1 46 ? 9.399   5.391   2.092   1.00 9.75  ? 61  ILE A O   1 
ATOM   368 C  CB  . ILE A 1 46 ? 6.233   4.474   2.231   1.00 9.34  ? 61  ILE A CB  1 
ATOM   369 C  CG1 . ILE A 1 46 ? 5.066   4.415   1.247   1.00 9.53  ? 61  ILE A CG1 1 
ATOM   370 C  CG2 . ILE A 1 46 ? 6.389   5.899   2.801   1.00 9.52  ? 61  ILE A CG2 1 
ATOM   371 C  CD1 . ILE A 1 46 ? 3.696   4.348   1.908   1.00 9.51  ? 61  ILE A CD1 1 
ATOM   372 N  N   . MET A 1 47 ? 9.033   3.604   3.401   1.00 10.40 ? 62  MET A N   1 
ATOM   373 C  CA  . MET A 1 47 ? 10.113  3.945   4.316   1.00 11.47 ? 62  MET A CA  1 
ATOM   374 C  C   . MET A 1 47 ? 11.491  3.768   3.690   1.00 11.87 ? 62  MET A C   1 
ATOM   375 O  O   . MET A 1 47 ? 12.353  4.643   3.845   1.00 12.32 ? 62  MET A O   1 
ATOM   376 C  CB  . MET A 1 47 ? 9.998   3.154   5.627   1.00 11.91 ? 62  MET A CB  1 
ATOM   377 C  CG  . MET A 1 47 ? 8.725   3.454   6.431   1.00 12.66 ? 62  MET A CG  1 
ATOM   378 S  SD  . MET A 1 47 ? 8.389   5.209   6.732   1.00 13.84 ? 62  MET A SD  1 
ATOM   379 C  CE  . MET A 1 47 ? 9.686   5.622   7.897   1.00 14.01 ? 62  MET A CE  1 
ATOM   380 N  N   . THR A 1 48 ? 11.694  2.665   2.969   1.00 12.28 ? 63  THR A N   1 
ATOM   381 C  CA  A THR A 1 48 ? 12.995  2.382   2.353   0.50 12.82 ? 63  THR A CA  1 
ATOM   382 C  CA  B THR A 1 48 ? 12.985  2.369   2.355   0.50 12.86 ? 63  THR A CA  1 
ATOM   383 C  C   . THR A 1 48 ? 13.317  3.372   1.253   1.00 13.21 ? 63  THR A C   1 
ATOM   384 O  O   . THR A 1 48 ? 14.459  3.811   1.134   1.00 13.99 ? 63  THR A O   1 
ATOM   385 C  CB  A THR A 1 48 ? 13.110  0.955   1.772   0.50 12.89 ? 63  THR A CB  1 
ATOM   386 C  CB  B THR A 1 48 ? 13.023  0.927   1.816   0.50 12.96 ? 63  THR A CB  1 
ATOM   387 O  OG1 A THR A 1 48 ? 12.034  0.706   0.860   0.50 12.85 ? 63  THR A OG1 1 
ATOM   388 O  OG1 B THR A 1 48 ? 12.611  0.035   2.854   0.50 13.39 ? 63  THR A OG1 1 
ATOM   389 C  CG2 A THR A 1 48 ? 13.098  -0.070  2.865   0.50 13.07 ? 63  THR A CG2 1 
ATOM   390 C  CG2 B THR A 1 48 ? 14.426  0.546   1.359   0.50 12.86 ? 63  THR A CG2 1 
ATOM   391 N  N   . LYS A 1 49 ? 12.308  3.728   0.464   1.00 13.29 ? 64  LYS A N   1 
ATOM   392 C  CA  . LYS A 1 49 ? 12.494  4.699   -0.616  1.00 13.62 ? 64  LYS A CA  1 
ATOM   393 C  C   . LYS A 1 49 ? 12.392  6.149   -0.148  1.00 14.50 ? 64  LYS A C   1 
ATOM   394 O  O   . LYS A 1 49 ? 12.527  7.068   -0.957  1.00 14.68 ? 64  LYS A O   1 
ATOM   395 C  CB  . LYS A 1 49 ? 11.533  4.424   -1.774  1.00 13.11 ? 64  LYS A CB  1 
ATOM   396 C  CG  . LYS A 1 49 ? 11.803  3.085   -2.455  1.00 13.00 ? 64  LYS A CG  1 
ATOM   397 C  CD  . LYS A 1 49 ? 11.185  3.006   -3.825  1.00 13.09 ? 64  LYS A CD  1 
ATOM   398 C  CE  . LYS A 1 49 ? 12.026  3.727   -4.863  1.00 12.70 ? 64  LYS A CE  1 
ATOM   399 N  NZ  . LYS A 1 49 ? 11.359  3.618   -6.190  1.00 12.47 ? 64  LYS A NZ  1 
ATOM   400 N  N   . ARG A 1 50 ? 12.179  6.338   1.158   1.00 15.17 ? 65  ARG A N   1 
ATOM   401 C  CA  . ARG A 1 50 ? 12.078  7.663   1.792   1.00 16.30 ? 65  ARG A CA  1 
ATOM   402 C  C   . ARG A 1 50 ? 11.098  8.592   1.069   1.00 16.00 ? 65  ARG A C   1 
ATOM   403 O  O   . ARG A 1 50 ? 11.421  9.742   0.755   1.00 15.79 ? 65  ARG A O   1 
ATOM   404 C  CB  . ARG A 1 50 ? 13.466  8.314   1.944   1.00 18.24 ? 65  ARG A CB  1 
ATOM   405 C  CG  . ARG A 1 50 ? 14.420  7.559   2.869   1.00 20.99 ? 65  ARG A CG  1 
ATOM   406 C  CD  . ARG A 1 50 ? 15.597  8.441   3.280   1.00 23.42 ? 65  ARG A CD  1 
ATOM   407 N  NE  . ARG A 1 50 ? 16.732  7.691   3.823   1.00 26.12 ? 65  ARG A NE  1 
ATOM   408 C  CZ  . ARG A 1 50 ? 17.701  7.144   3.090   1.00 26.78 ? 65  ARG A CZ  1 
ATOM   409 N  NH1 . ARG A 1 50 ? 17.680  7.234   1.768   1.00 27.95 ? 65  ARG A NH1 1 
ATOM   410 N  NH2 . ARG A 1 50 ? 18.692  6.494   3.680   1.00 28.17 ? 65  ARG A NH2 1 
ATOM   411 N  N   . LEU A 1 51 ? 9.896   8.086   0.814   1.00 15.53 ? 66  LEU A N   1 
ATOM   412 C  CA  . LEU A 1 51 ? 8.881   8.845   0.082   1.00 16.49 ? 66  LEU A CA  1 
ATOM   413 C  C   . LEU A 1 51 ? 8.105   9.829   0.966   1.00 18.21 ? 66  LEU A C   1 
ATOM   414 O  O   . LEU A 1 51 ? 7.208   10.524  0.499   1.00 19.63 ? 66  LEU A O   1 
ATOM   415 C  CB  . LEU A 1 51 ? 7.927   7.899   -0.660  1.00 15.39 ? 66  LEU A CB  1 
ATOM   416 C  CG  . LEU A 1 51 ? 8.544   7.034   -1.767  1.00 15.12 ? 66  LEU A CG  1 
ATOM   417 C  CD1 . LEU A 1 51 ? 7.494   6.160   -2.413  1.00 14.66 ? 66  LEU A CD1 1 
ATOM   418 C  CD2 . LEU A 1 51 ? 9.250   7.884   -2.830  1.00 14.54 ? 66  LEU A CD2 1 
ATOM   419 N  N   . TYR A 1 52 ? 8.467   9.899   2.236   1.00 20.44 ? 67  TYR A N   1 
ATOM   420 C  CA  . TYR A 1 52 ? 7.828   10.838  3.150   1.00 22.35 ? 67  TYR A CA  1 
ATOM   421 C  C   . TYR A 1 52 ? 8.677   12.089  3.326   1.00 24.32 ? 67  TYR A C   1 
ATOM   422 O  O   . TYR A 1 52 ? 9.898   12.051  3.154   1.00 24.42 ? 67  TYR A O   1 
ATOM   423 C  CB  . TYR A 1 52 ? 7.581   10.185  4.509   1.00 22.15 ? 67  TYR A CB  1 
ATOM   424 C  CG  . TYR A 1 52 ? 8.839   9.660   5.159   1.00 22.10 ? 67  TYR A CG  1 
ATOM   425 C  CD1 . TYR A 1 52 ? 9.540   10.426  6.092   1.00 22.57 ? 67  TYR A CD1 1 
ATOM   426 C  CD2 . TYR A 1 52 ? 9.337   8.402   4.832   1.00 22.31 ? 67  TYR A CD2 1 
ATOM   427 C  CE1 . TYR A 1 52 ? 10.704  9.952   6.680   1.00 23.02 ? 67  TYR A CE1 1 
ATOM   428 C  CE2 . TYR A 1 52 ? 10.497  7.917   5.410   1.00 22.87 ? 67  TYR A CE2 1 
ATOM   429 C  CZ  . TYR A 1 52 ? 11.176  8.696   6.337   1.00 23.25 ? 67  TYR A CZ  1 
ATOM   430 O  OH  . TYR A 1 52 ? 12.329  8.212   6.913   1.00 24.49 ? 67  TYR A OH  1 
ATOM   431 N  N   . ASP A 1 53 ? 8.016   13.186  3.683   1.00 27.31 ? 68  ASP A N   1 
ATOM   432 C  CA  . ASP A 1 53 ? 8.688   14.438  4.009   1.00 29.61 ? 68  ASP A CA  1 
ATOM   433 C  C   . ASP A 1 53 ? 9.422   14.278  5.343   1.00 30.94 ? 68  ASP A C   1 
ATOM   434 O  O   . ASP A 1 53 ? 8.806   14.003  6.374   1.00 30.07 ? 68  ASP A O   1 
ATOM   435 C  CB  . ASP A 1 53 ? 7.659   15.577  4.077   1.00 30.49 ? 68  ASP A CB  1 
ATOM   436 C  CG  . ASP A 1 53 ? 8.289   16.962  3.983   1.00 31.10 ? 68  ASP A CG  1 
ATOM   437 O  OD1 . ASP A 1 53 ? 7.529   17.939  3.813   1.00 31.29 ? 68  ASP A OD1 1 
ATOM   438 O  OD2 . ASP A 1 53 ? 9.528   17.084  4.075   1.00 32.20 ? 68  ASP A OD2 1 
ATOM   439 N  N   . GLU A 1 54 ? 10.745  14.425  5.309   1.00 32.63 ? 69  GLU A N   1 
ATOM   440 C  CA  . GLU A 1 54 ? 11.578  14.308  6.507   1.00 34.86 ? 69  GLU A CA  1 
ATOM   441 C  C   . GLU A 1 54 ? 11.146  15.251  7.642   1.00 34.90 ? 69  GLU A C   1 
ATOM   442 O  O   . GLU A 1 54 ? 11.211  14.883  8.816   1.00 34.55 ? 69  GLU A O   1 
ATOM   443 C  CB  . GLU A 1 54 ? 13.060  14.515  6.151   1.00 36.88 ? 69  GLU A CB  1 
ATOM   444 C  CG  . GLU A 1 54 ? 14.046  14.375  7.319   1.00 38.69 ? 69  GLU A CG  1 
ATOM   445 C  CD  . GLU A 1 54 ? 13.838  13.106  8.137   1.00 39.84 ? 69  GLU A CD  1 
ATOM   446 O  OE1 . GLU A 1 54 ? 13.759  13.211  9.379   1.00 41.53 ? 69  GLU A OE1 1 
ATOM   447 O  OE2 . GLU A 1 54 ? 13.747  12.009  7.543   1.00 40.46 ? 69  GLU A OE2 1 
ATOM   448 N  N   . LYS A 1 55 ? 10.699  16.452  7.285   1.00 35.47 ? 70  LYS A N   1 
ATOM   449 C  CA  . LYS A 1 55 ? 10.255  17.448  8.267   1.00 36.01 ? 70  LYS A CA  1 
ATOM   450 C  C   . LYS A 1 55 ? 8.748   17.381  8.565   1.00 34.39 ? 70  LYS A C   1 
ATOM   451 O  O   . LYS A 1 55 ? 8.295   17.872  9.601   1.00 35.00 ? 70  LYS A O   1 
ATOM   452 C  CB  . LYS A 1 55 ? 10.669  18.860  7.821   1.00 38.08 ? 70  LYS A CB  1 
ATOM   453 C  CG  . LYS A 1 55 ? 10.309  19.994  8.792   1.00 40.68 ? 70  LYS A CG  1 
ATOM   454 C  CD  . LYS A 1 55 ? 11.156  19.981  10.064  1.00 42.40 ? 70  LYS A CD  1 
ATOM   455 C  CE  . LYS A 1 55 ? 10.792  21.147  10.978  1.00 43.71 ? 70  LYS A CE  1 
ATOM   456 N  NZ  . LYS A 1 55 ? 11.537  21.102  12.271  1.00 45.01 ? 70  LYS A NZ  1 
ATOM   457 N  N   . GLN A 1 56 ? 7.980   16.780  7.658   1.00 32.53 ? 71  GLN A N   1 
ATOM   458 C  CA  . GLN A 1 56 ? 6.548   16.566  7.872   1.00 30.75 ? 71  GLN A CA  1 
ATOM   459 C  C   . GLN A 1 56 ? 6.216   15.109  7.557   1.00 28.91 ? 71  GLN A C   1 
ATOM   460 O  O   . GLN A 1 56 ? 5.681   14.787  6.489   1.00 27.45 ? 71  GLN A O   1 
ATOM   461 C  CB  . GLN A 1 56 ? 5.707   17.533  7.024   1.00 32.18 ? 71  GLN A CB  1 
ATOM   462 C  CG  . GLN A 1 56 ? 4.260   17.680  7.499   1.00 33.35 ? 71  GLN A CG  1 
ATOM   463 C  CD  . GLN A 1 56 ? 3.478   18.742  6.739   1.00 34.18 ? 71  GLN A CD  1 
ATOM   464 O  OE1 . GLN A 1 56 ? 3.176   19.806  7.278   1.00 35.88 ? 71  GLN A OE1 1 
ATOM   465 N  NE2 . GLN A 1 56 ? 3.145   18.456  5.485   1.00 34.03 ? 71  GLN A NE2 1 
ATOM   466 N  N   . GLN A 1 57 ? 6.536   14.235  8.505   1.00 26.91 ? 72  GLN A N   1 
ATOM   467 C  CA  . GLN A 1 57 ? 6.561   12.788  8.264   1.00 25.83 ? 72  GLN A CA  1 
ATOM   468 C  C   . GLN A 1 57 ? 5.194   12.130  8.056   1.00 24.49 ? 72  GLN A C   1 
ATOM   469 O  O   . GLN A 1 57 ? 5.122   10.964  7.657   1.00 24.04 ? 72  GLN A O   1 
ATOM   470 C  CB  . GLN A 1 57 ? 7.376   12.074  9.352   1.00 27.50 ? 72  GLN A CB  1 
ATOM   471 C  CG  . GLN A 1 57 ? 8.843   12.516  9.377   1.00 29.35 ? 72  GLN A CG  1 
ATOM   472 C  CD  . GLN A 1 57 ? 9.729   11.668  10.271  1.00 31.09 ? 72  GLN A CD  1 
ATOM   473 O  OE1 . GLN A 1 57 ? 9.250   10.946  11.146  1.00 32.53 ? 72  GLN A OE1 1 
ATOM   474 N  NE2 . GLN A 1 57 ? 11.038  11.763  10.058  1.00 32.10 ? 72  GLN A NE2 1 
ATOM   475 N  N   . HIS A 1 58 ? 4.116   12.875  8.298   1.00 22.65 ? 73  HIS A N   1 
ATOM   476 C  CA  . HIS A 1 58 ? 2.766   12.357  8.057   1.00 22.33 ? 73  HIS A CA  1 
ATOM   477 C  C   . HIS A 1 58 ? 2.384   12.338  6.577   1.00 20.18 ? 73  HIS A C   1 
ATOM   478 O  O   . HIS A 1 58 ? 1.398   11.698  6.202   1.00 19.49 ? 73  HIS A O   1 
ATOM   479 C  CB  . HIS A 1 58 ? 1.710   13.152  8.840   1.00 24.89 ? 73  HIS A CB  1 
ATOM   480 C  CG  . HIS A 1 58 ? 1.839   13.046  10.328  1.00 27.61 ? 73  HIS A CG  1 
ATOM   481 N  ND1 . HIS A 1 58 ? 1.490   14.074  11.178  1.00 29.49 ? 73  HIS A ND1 1 
ATOM   482 C  CD2 . HIS A 1 58 ? 2.288   12.043  11.120  1.00 29.16 ? 73  HIS A CD2 1 
ATOM   483 C  CE1 . HIS A 1 58 ? 1.711   13.706  12.427  1.00 30.01 ? 73  HIS A CE1 1 
ATOM   484 N  NE2 . HIS A 1 58 ? 2.194   12.477  12.419  1.00 30.36 ? 73  HIS A NE2 1 
ATOM   485 N  N   . ILE A 1 59 ? 3.150   13.039  5.741   1.00 17.92 ? 74  ILE A N   1 
ATOM   486 C  CA  . ILE A 1 59 ? 2.812   13.155  4.320   1.00 16.58 ? 74  ILE A CA  1 
ATOM   487 C  C   . ILE A 1 59 ? 3.749   12.363  3.417   1.00 15.35 ? 74  ILE A C   1 
ATOM   488 O  O   . ILE A 1 59 ? 4.970   12.522  3.476   1.00 15.32 ? 74  ILE A O   1 
ATOM   489 C  CB  . ILE A 1 59 ? 2.753   14.632  3.865   1.00 16.86 ? 74  ILE A CB  1 
ATOM   490 C  CG1 . ILE A 1 59 ? 1.800   15.439  4.761   1.00 17.32 ? 74  ILE A CG1 1 
ATOM   491 C  CG2 . ILE A 1 59 ? 2.362   14.733  2.386   1.00 16.85 ? 74  ILE A CG2 1 
ATOM   492 C  CD1 . ILE A 1 59 ? 0.337   14.986  4.741   1.00 17.97 ? 74  ILE A CD1 1 
ATOM   493 N  N   . VAL A 1 60 ? 3.153   11.508  2.588   1.00 14.34 ? 75  VAL A N   1 
ATOM   494 C  CA  . VAL A 1 60 ? 3.882   10.730  1.596   1.00 13.84 ? 75  VAL A CA  1 
ATOM   495 C  C   . VAL A 1 60 ? 3.801   11.436  0.245   1.00 13.39 ? 75  VAL A C   1 
ATOM   496 O  O   . VAL A 1 60 ? 2.716   11.800  -0.207  1.00 13.01 ? 75  VAL A O   1 
ATOM   497 C  CB  . VAL A 1 60 ? 3.302   9.300   1.480   1.00 13.63 ? 75  VAL A CB  1 
ATOM   498 C  CG1 . VAL A 1 60 ? 3.953   8.536   0.337   1.00 13.94 ? 75  VAL A CG1 1 
ATOM   499 C  CG2 . VAL A 1 60 ? 3.487   8.550   2.791   1.00 13.83 ? 75  VAL A CG2 1 
ATOM   500 N  N   . TYR A 1 61 ? 4.957   11.633  -0.388  1.00 13.62 ? 76  TYR A N   1 
ATOM   501 C  CA  . TYR A 1 61 ? 5.016   12.214  -1.727  1.00 13.54 ? 76  TYR A CA  1 
ATOM   502 C  C   . TYR A 1 61 ? 5.408   11.143  -2.729  1.00 13.40 ? 76  TYR A C   1 
ATOM   503 O  O   . TYR A 1 61 ? 6.466   10.525  -2.599  1.00 13.20 ? 76  TYR A O   1 
ATOM   504 C  CB  . TYR A 1 61 ? 6.014   13.370  -1.765  1.00 13.96 ? 76  TYR A CB  1 
ATOM   505 C  CG  . TYR A 1 61 ? 5.576   14.558  -0.949  1.00 14.30 ? 76  TYR A CG  1 
ATOM   506 C  CD1 . TYR A 1 61 ? 4.749   15.529  -1.501  1.00 14.55 ? 76  TYR A CD1 1 
ATOM   507 C  CD2 . TYR A 1 61 ? 5.971   14.697  0.378   1.00 14.73 ? 76  TYR A CD2 1 
ATOM   508 C  CE1 . TYR A 1 61 ? 4.334   16.622  -0.759  1.00 15.07 ? 76  TYR A CE1 1 
ATOM   509 C  CE2 . TYR A 1 61 ? 5.568   15.793  1.132   1.00 15.41 ? 76  TYR A CE2 1 
ATOM   510 C  CZ  . TYR A 1 61 ? 4.749   16.748  0.556   1.00 15.30 ? 76  TYR A CZ  1 
ATOM   511 O  OH  . TYR A 1 61 ? 4.334   17.835  1.292   1.00 17.03 ? 76  TYR A OH  1 
ATOM   512 N  N   . CYS A 1 62 ? 4.555   10.933  -3.728  1.00 13.60 ? 77  CYS A N   1 
ATOM   513 C  CA  . CYS A 1 62 ? 4.727   9.802   -4.636  1.00 14.15 ? 77  CYS A CA  1 
ATOM   514 C  C   . CYS A 1 62 ? 4.519   10.102  -6.118  1.00 14.87 ? 77  CYS A C   1 
ATOM   515 O  O   . CYS A 1 62 ? 4.357   9.180   -6.910  1.00 14.86 ? 77  CYS A O   1 
ATOM   516 C  CB  . CYS A 1 62 ? 3.831   8.633   -4.196  1.00 14.11 ? 77  CYS A CB  1 
ATOM   517 S  SG  . CYS A 1 62 ? 2.101   9.054   -3.866  1.00 14.27 ? 77  CYS A SG  1 
ATOM   518 N  N   . SER A 1 63 ? 4.548   11.375  -6.507  1.00 15.73 ? 78  SER A N   1 
ATOM   519 C  CA  . SER A 1 63 ? 4.326   11.717  -7.909  1.00 16.29 ? 78  SER A CA  1 
ATOM   520 C  C   . SER A 1 63 ? 5.511   11.338  -8.803  1.00 16.38 ? 78  SER A C   1 
ATOM   521 O  O   . SER A 1 63 ? 5.367   11.257  -10.021 1.00 17.35 ? 78  SER A O   1 
ATOM   522 C  CB  . SER A 1 63 ? 3.974   13.198  -8.075  1.00 16.94 ? 78  SER A CB  1 
ATOM   523 O  OG  . SER A 1 63 ? 5.106   14.010  -7.863  1.00 18.48 ? 78  SER A OG  1 
ATOM   524 N  N   . ASN A 1 64 ? 6.675   11.119  -8.191  1.00 16.16 ? 79  ASN A N   1 
ATOM   525 C  CA  . ASN A 1 64 ? 7.881   10.729  -8.924  1.00 15.82 ? 79  ASN A CA  1 
ATOM   526 C  C   . ASN A 1 64 ? 8.176   9.240   -8.758  1.00 15.46 ? 79  ASN A C   1 
ATOM   527 O  O   . ASN A 1 64 ? 9.326   8.801   -8.898  1.00 15.89 ? 79  ASN A O   1 
ATOM   528 C  CB  . ASN A 1 64 ? 9.077   11.564  -8.455  1.00 16.36 ? 79  ASN A CB  1 
ATOM   529 C  CG  . ASN A 1 64 ? 9.493   11.255  -7.018  1.00 16.94 ? 79  ASN A CG  1 
ATOM   530 O  OD1 . ASN A 1 64 ? 8.719   10.702  -6.225  1.00 17.19 ? 79  ASN A OD1 1 
ATOM   531 N  ND2 . ASN A 1 64 ? 10.719  11.619  -6.678  1.00 17.79 ? 79  ASN A ND2 1 
ATOM   532 N  N   . ASP A 1 65 ? 7.130   8.474   -8.458  1.00 14.81 ? 80  ASP A N   1 
ATOM   533 C  CA  . ASP A 1 65 ? 7.283   7.073   -8.084  1.00 13.99 ? 80  ASP A CA  1 
ATOM   534 C  C   . ASP A 1 65 ? 6.131   6.209   -8.584  1.00 14.06 ? 80  ASP A C   1 
ATOM   535 O  O   . ASP A 1 65 ? 5.013   6.692   -8.761  1.00 13.96 ? 80  ASP A O   1 
ATOM   536 C  CB  . ASP A 1 65 ? 7.392   6.958   -6.560  1.00 13.23 ? 80  ASP A CB  1 
ATOM   537 C  CG  . ASP A 1 65 ? 7.987   5.646   -6.125  1.00 12.71 ? 80  ASP A CG  1 
ATOM   538 O  OD1 . ASP A 1 65 ? 9.226   5.575   -5.980  1.00 12.32 ? 80  ASP A OD1 1 
ATOM   539 O  OD2 . ASP A 1 65 ? 7.218   4.678   -5.960  1.00 12.55 ? 80  ASP A OD2 1 
ATOM   540 N  N   . LEU A 1 66 ? 6.418   4.926   -8.809  1.00 14.11 ? 81  LEU A N   1 
ATOM   541 C  CA  . LEU A 1 66 ? 5.401   3.918   -9.128  1.00 14.49 ? 81  LEU A CA  1 
ATOM   542 C  C   . LEU A 1 66 ? 4.214   3.959   -8.165  1.00 13.90 ? 81  LEU A C   1 
ATOM   543 O  O   . LEU A 1 66 ? 3.076   3.728   -8.571  1.00 14.28 ? 81  LEU A O   1 
ATOM   544 C  CB  . LEU A 1 66 ? 6.028   2.509   -9.139  1.00 15.92 ? 81  LEU A CB  1 
ATOM   545 C  CG  . LEU A 1 66 ? 5.153   1.255   -8.956  1.00 17.07 ? 81  LEU A CG  1 
ATOM   546 C  CD1 . LEU A 1 66 ? 4.359   0.964   -10.197 1.00 17.47 ? 81  LEU A CD1 1 
ATOM   547 C  CD2 . LEU A 1 66 ? 5.988   0.038   -8.587  1.00 18.11 ? 81  LEU A CD2 1 
ATOM   548 N  N   . LEU A 1 67 ? 4.480   4.254   -6.894  1.00 13.10 ? 82  LEU A N   1 
ATOM   549 C  CA  . LEU A 1 67 ? 3.419   4.311   -5.895  1.00 12.71 ? 82  LEU A CA  1 
ATOM   550 C  C   . LEU A 1 67 ? 2.339   5.315   -6.283  1.00 12.71 ? 82  LEU A C   1 
ATOM   551 O  O   . LEU A 1 67 ? 1.153   5.068   -6.044  1.00 12.43 ? 82  LEU A O   1 
ATOM   552 C  CB  . LEU A 1 67 ? 3.973   4.629   -4.500  1.00 12.30 ? 82  LEU A CB  1 
ATOM   553 C  CG  . LEU A 1 67 ? 2.943   4.713   -3.364  1.00 12.30 ? 82  LEU A CG  1 
ATOM   554 C  CD1 . LEU A 1 67 ? 2.162   3.411   -3.189  1.00 12.56 ? 82  LEU A CD1 1 
ATOM   555 C  CD2 . LEU A 1 67 ? 3.633   5.100   -2.072  1.00 12.04 ? 82  LEU A CD2 1 
ATOM   556 N  N   . GLY A 1 68 ? 2.756   6.434   -6.878  1.00 12.91 ? 83  GLY A N   1 
ATOM   557 C  CA  . GLY A 1 68 ? 1.827   7.450   -7.362  1.00 14.18 ? 83  GLY A CA  1 
ATOM   558 C  C   . GLY A 1 68 ? 0.920   6.930   -8.460  1.00 14.99 ? 83  GLY A C   1 
ATOM   559 O  O   . GLY A 1 68 ? -0.261  7.290   -8.510  1.00 15.19 ? 83  GLY A O   1 
ATOM   560 N  N   . ASP A 1 69 ? 1.465   6.086   -9.340  1.00 15.96 ? 84  ASP A N   1 
ATOM   561 C  CA  . ASP A 1 69 ? 0.675   5.434   -10.401 1.00 17.12 ? 84  ASP A CA  1 
ATOM   562 C  C   . ASP A 1 69 ? -0.339  4.445   -9.812  1.00 16.80 ? 84  ASP A C   1 
ATOM   563 O  O   . ASP A 1 69 ? -1.477  4.330   -10.291 1.00 17.39 ? 84  ASP A O   1 
ATOM   564 C  CB  . ASP A 1 69 ? 1.583   4.694   -11.403 1.00 18.47 ? 84  ASP A CB  1 
ATOM   565 C  CG  . ASP A 1 69 ? 2.654   5.586   -12.030 1.00 20.03 ? 84  ASP A CG  1 
ATOM   566 O  OD1 . ASP A 1 69 ? 2.442   6.802   -12.187 1.00 21.41 ? 84  ASP A OD1 1 
ATOM   567 O  OD2 . ASP A 1 69 ? 3.725   5.050   -12.386 1.00 22.19 ? 84  ASP A OD2 1 
ATOM   568 N  N   . LEU A 1 70 ? 0.099   3.733   -8.774  1.00 16.21 ? 85  LEU A N   1 
ATOM   569 C  CA  A LEU A 1 70 ? -0.717  2.753   -8.077  0.50 15.54 ? 85  LEU A CA  1 
ATOM   570 C  CA  B LEU A 1 70 ? -0.731  2.754   -8.082  0.50 15.81 ? 85  LEU A CA  1 
ATOM   571 C  C   . LEU A 1 70 ? -1.917  3.407   -7.392  1.00 15.42 ? 85  LEU A C   1 
ATOM   572 O  O   . LEU A 1 70 ? -3.061  2.967   -7.551  1.00 15.22 ? 85  LEU A O   1 
ATOM   573 C  CB  A LEU A 1 70 ? 0.151   2.054   -7.035  0.50 15.34 ? 85  LEU A CB  1 
ATOM   574 C  CB  B LEU A 1 70 ? 0.097   2.007   -7.039  0.50 16.06 ? 85  LEU A CB  1 
ATOM   575 C  CG  A LEU A 1 70 ? -0.352  0.790   -6.352  0.50 15.09 ? 85  LEU A CG  1 
ATOM   576 C  CG  B LEU A 1 70 ? 0.779   0.713   -7.468  0.50 16.32 ? 85  LEU A CG  1 
ATOM   577 C  CD1 A LEU A 1 70 ? -0.336  -0.354  -7.331  0.50 15.04 ? 85  LEU A CD1 1 
ATOM   578 C  CD1 B LEU A 1 70 ? 1.553   0.147   -6.306  0.50 16.35 ? 85  LEU A CD1 1 
ATOM   579 C  CD2 A LEU A 1 70 ? 0.517   0.480   -5.148  0.50 14.88 ? 85  LEU A CD2 1 
ATOM   580 C  CD2 B LEU A 1 70 ? -0.278  -0.265  -7.905  0.50 16.43 ? 85  LEU A CD2 1 
ATOM   581 N  N   . PHE A 1 71 ? -1.636  4.457   -6.627  1.00 15.09 ? 86  PHE A N   1 
ATOM   582 C  CA  . PHE A 1 71 ? -2.631  5.108   -5.788  1.00 15.01 ? 86  PHE A CA  1 
ATOM   583 C  C   . PHE A 1 71 ? -3.439  6.160   -6.529  1.00 15.71 ? 86  PHE A C   1 
ATOM   584 O  O   . PHE A 1 71 ? -4.548  6.503   -6.105  1.00 16.85 ? 86  PHE A O   1 
ATOM   585 C  CB  . PHE A 1 71 ? -1.953  5.718   -4.553  1.00 14.28 ? 86  PHE A CB  1 
ATOM   586 C  CG  . PHE A 1 71 ? -1.719  4.730   -3.434  1.00 13.45 ? 86  PHE A CG  1 
ATOM   587 C  CD1 . PHE A 1 71 ? -1.823  3.353   -3.653  1.00 13.09 ? 86  PHE A CD1 1 
ATOM   588 C  CD2 . PHE A 1 71 ? -1.374  5.179   -2.165  1.00 13.16 ? 86  PHE A CD2 1 
ATOM   589 C  CE1 . PHE A 1 71 ? -1.606  2.448   -2.616  1.00 12.90 ? 86  PHE A CE1 1 
ATOM   590 C  CE2 . PHE A 1 71 ? -1.152  4.282   -1.125  1.00 13.14 ? 86  PHE A CE2 1 
ATOM   591 C  CZ  . PHE A 1 71 ? -1.268  2.915   -1.352  1.00 12.94 ? 86  PHE A CZ  1 
ATOM   592 N  N   . GLY A 1 72 ? -2.882  6.674   -7.623  1.00 15.66 ? 87  GLY A N   1 
ATOM   593 C  CA  . GLY A 1 72 ? -3.576  7.673   -8.444  1.00 16.51 ? 87  GLY A CA  1 
ATOM   594 C  C   . GLY A 1 72 ? -3.635  9.054   -7.812  1.00 16.57 ? 87  GLY A C   1 
ATOM   595 O  O   . GLY A 1 72 ? -4.495  9.864   -8.158  1.00 17.46 ? 87  GLY A O   1 
ATOM   596 N  N   . VAL A 1 73 ? -2.721  9.317   -6.882  1.00 16.34 ? 88  VAL A N   1 
ATOM   597 C  CA  . VAL A 1 73 ? -2.593  10.616  -6.234  1.00 16.21 ? 88  VAL A CA  1 
ATOM   598 C  C   . VAL A 1 73 ? -1.113  11.019  -6.212  1.00 16.19 ? 88  VAL A C   1 
ATOM   599 O  O   . VAL A 1 73 ? -0.234  10.151  -6.222  1.00 16.82 ? 88  VAL A O   1 
ATOM   600 C  CB  . VAL A 1 73 ? -3.166  10.609  -4.786  1.00 16.05 ? 88  VAL A CB  1 
ATOM   601 C  CG1 . VAL A 1 73 ? -4.667  10.325  -4.781  1.00 16.35 ? 88  VAL A CG1 1 
ATOM   602 C  CG2 . VAL A 1 73 ? -2.421  9.607   -3.910  1.00 16.06 ? 88  VAL A CG2 1 
ATOM   603 N  N   . PRO A 1 74 ? -0.822  12.332  -6.206  1.00 15.90 ? 89  PRO A N   1 
ATOM   604 C  CA  . PRO A 1 74 ? 0.578   12.745  -6.117  1.00 15.56 ? 89  PRO A CA  1 
ATOM   605 C  C   . PRO A 1 74 ? 1.135   12.719  -4.687  1.00 15.33 ? 89  PRO A C   1 
ATOM   606 O  O   . PRO A 1 74 ? 2.357   12.715  -4.491  1.00 15.89 ? 89  PRO A O   1 
ATOM   607 C  CB  . PRO A 1 74 ? 0.549   14.173  -6.662  1.00 16.05 ? 89  PRO A CB  1 
ATOM   608 C  CG  . PRO A 1 74 ? -0.806  14.661  -6.344  1.00 15.73 ? 89  PRO A CG  1 
ATOM   609 C  CD  . PRO A 1 74 ? -1.719  13.476  -6.465  1.00 16.01 ? 89  PRO A CD  1 
ATOM   610 N  N   . SER A 1 75 ? 0.237   12.713  -3.706  1.00 15.04 ? 90  SER A N   1 
ATOM   611 C  CA  . SER A 1 75 ? 0.600   12.704  -2.291  1.00 14.57 ? 90  SER A CA  1 
ATOM   612 C  C   . SER A 1 75 ? -0.609  12.315  -1.456  1.00 14.16 ? 90  SER A C   1 
ATOM   613 O  O   . SER A 1 75 ? -1.744  12.360  -1.936  1.00 14.14 ? 90  SER A O   1 
ATOM   614 C  CB  . SER A 1 75 ? 1.118   14.074  -1.845  1.00 15.27 ? 90  SER A CB  1 
ATOM   615 O  OG  . SER A 1 75 ? 0.081   15.036  -1.890  1.00 15.98 ? 90  SER A OG  1 
ATOM   616 N  N   . PHE A 1 76 ? -0.358  11.910  -0.215  1.00 13.47 ? 91  PHE A N   1 
ATOM   617 C  CA  . PHE A 1 76 ? -1.421  11.585  0.737   1.00 13.10 ? 91  PHE A CA  1 
ATOM   618 C  C   . PHE A 1 76 ? -0.889  11.621  2.161   1.00 13.22 ? 91  PHE A C   1 
ATOM   619 O  O   . PHE A 1 76 ? 0.319   11.554  2.391   1.00 12.82 ? 91  PHE A O   1 
ATOM   620 C  CB  . PHE A 1 76 ? -2.076  10.221  0.437   1.00 12.97 ? 91  PHE A CB  1 
ATOM   621 C  CG  . PHE A 1 76 ? -1.134  9.049   0.538   1.00 12.49 ? 91  PHE A CG  1 
ATOM   622 C  CD1 . PHE A 1 76 ? -1.051  8.304   1.712   1.00 12.57 ? 91  PHE A CD1 1 
ATOM   623 C  CD2 . PHE A 1 76 ? -0.332  8.693   -0.540  1.00 12.58 ? 91  PHE A CD2 1 
ATOM   624 C  CE1 . PHE A 1 76 ? -0.177  7.220   1.807   1.00 12.28 ? 91  PHE A CE1 1 
ATOM   625 C  CE2 . PHE A 1 76 ? 0.548   7.617   -0.458  1.00 12.36 ? 91  PHE A CE2 1 
ATOM   626 C  CZ  . PHE A 1 76 ? 0.620   6.872   0.723   1.00 12.35 ? 91  PHE A CZ  1 
ATOM   627 N  N   . SER A 1 77 ? -1.809  11.726  3.113   1.00 13.77 ? 92  SER A N   1 
ATOM   628 C  CA  . SER A 1 77 ? -1.472  11.670  4.522   1.00 14.29 ? 92  SER A CA  1 
ATOM   629 C  C   . SER A 1 77 ? -1.608  10.247  5.040   1.00 14.21 ? 92  SER A C   1 
ATOM   630 O  O   . SER A 1 77 ? -2.594  9.567   4.743   1.00 14.35 ? 92  SER A O   1 
ATOM   631 C  CB  . SER A 1 77 ? -2.386  12.594  5.325   1.00 14.90 ? 92  SER A CB  1 
ATOM   632 O  OG  . SER A 1 77 ? -2.173  12.389  6.704   1.00 15.42 ? 92  SER A OG  1 
ATOM   633 N  N   . VAL A 1 78 ? -0.626  9.815   5.832   1.00 14.30 ? 93  VAL A N   1 
ATOM   634 C  CA  . VAL A 1 78 ? -0.651  8.474   6.438   1.00 14.99 ? 93  VAL A CA  1 
ATOM   635 C  C   . VAL A 1 78 ? -1.747  8.317   7.483   1.00 15.54 ? 93  VAL A C   1 
ATOM   636 O  O   . VAL A 1 78 ? -2.042  7.197   7.887   1.00 15.15 ? 93  VAL A O   1 
ATOM   637 C  CB  . VAL A 1 78 ? 0.708   8.071   7.069   1.00 14.83 ? 93  VAL A CB  1 
ATOM   638 C  CG1 . VAL A 1 78 ? 1.798   8.040   6.009   1.00 14.77 ? 93  VAL A CG1 1 
ATOM   639 C  CG2 . VAL A 1 78 ? 1.071   8.992   8.237   1.00 14.91 ? 93  VAL A CG2 1 
ATOM   640 N  N   . LYS A 1 79 ? -2.342  9.435   7.901   1.00 16.88 ? 94  LYS A N   1 
ATOM   641 C  CA  . LYS A 1 79 ? -3.405  9.434   8.908   1.00 17.97 ? 94  LYS A CA  1 
ATOM   642 C  C   . LYS A 1 79 ? -4.775  9.097   8.322   1.00 17.66 ? 94  LYS A C   1 
ATOM   643 O  O   . LYS A 1 79 ? -5.694  8.728   9.058   1.00 17.59 ? 94  LYS A O   1 
ATOM   644 C  CB  . LYS A 1 79 ? -3.472  10.791  9.627   1.00 19.53 ? 94  LYS A CB  1 
ATOM   645 C  CG  . LYS A 1 79 ? -2.239  11.132  10.468  1.00 21.07 ? 94  LYS A CG  1 
ATOM   646 C  CD  . LYS A 1 79 ? -2.182  10.307  11.755  1.00 23.57 ? 94  LYS A CD  1 
ATOM   647 C  CE  . LYS A 1 79 ? -0.926  10.606  12.569  1.00 25.14 ? 94  LYS A CE  1 
ATOM   648 N  NZ  . LYS A 1 79 ? 0.285   9.921   12.028  1.00 26.07 ? 94  LYS A NZ  1 
ATOM   649 N  N   . GLU A 1 80 ? -4.903  9.219   7.001   1.00 17.54 ? 95  GLU A N   1 
ATOM   650 C  CA  . GLU A 1 80 ? -6.177  9.018   6.314   1.00 17.73 ? 95  GLU A CA  1 
ATOM   651 C  C   . GLU A 1 80 ? -6.342  7.550   5.911   1.00 16.39 ? 95  GLU A C   1 
ATOM   652 O  O   . GLU A 1 80 ? -6.222  7.177   4.735   1.00 15.47 ? 95  GLU A O   1 
ATOM   653 C  CB  . GLU A 1 80 ? -6.295  9.968   5.116   1.00 20.00 ? 95  GLU A CB  1 
ATOM   654 C  CG  . GLU A 1 80 ? -6.098  11.436  5.511   1.00 23.23 ? 95  GLU A CG  1 
ATOM   655 C  CD  . GLU A 1 80 ? -6.722  12.425  4.540   1.00 25.93 ? 95  GLU A CD  1 
ATOM   656 O  OE1 . GLU A 1 80 ? -6.675  12.192  3.311   1.00 27.70 ? 95  GLU A OE1 1 
ATOM   657 O  OE2 . GLU A 1 80 ? -7.250  13.456  5.017   1.00 28.18 ? 95  GLU A OE2 1 
ATOM   658 N  N   . HIS A 1 81 ? -6.617  6.723   6.917   1.00 15.40 ? 96  HIS A N   1 
ATOM   659 C  CA  . HIS A 1 81 ? -6.595  5.269   6.766   1.00 15.18 ? 96  HIS A CA  1 
ATOM   660 C  C   . HIS A 1 81 ? -7.654  4.719   5.817   1.00 15.33 ? 96  HIS A C   1 
ATOM   661 O  O   . HIS A 1 81 ? -7.352  3.856   4.995   1.00 14.95 ? 96  HIS A O   1 
ATOM   662 C  CB  . HIS A 1 81 ? -6.658  4.593   8.139   1.00 15.31 ? 96  HIS A CB  1 
ATOM   663 C  CG  . HIS A 1 81 ? -5.428  4.813   8.960   1.00 15.73 ? 96  HIS A CG  1 
ATOM   664 N  ND1 . HIS A 1 81 ? -5.239  4.237   10.198  1.00 16.02 ? 96  HIS A ND1 1 
ATOM   665 C  CD2 . HIS A 1 81 ? -4.310  5.532   8.706   1.00 15.94 ? 96  HIS A CD2 1 
ATOM   666 C  CE1 . HIS A 1 81 ? -4.065  4.608   10.678  1.00 16.03 ? 96  HIS A CE1 1 
ATOM   667 N  NE2 . HIS A 1 81 ? -3.481  5.394   9.793   1.00 16.14 ? 96  HIS A NE2 1 
ATOM   668 N  N   . ARG A 1 82 ? -8.885  5.219   5.914   1.00 15.67 ? 97  ARG A N   1 
ATOM   669 C  CA  . ARG A 1 82 ? -9.944  4.750   5.017   1.00 16.79 ? 97  ARG A CA  1 
ATOM   670 C  C   . ARG A 1 82 ? -9.590  5.032   3.549   1.00 16.16 ? 97  ARG A C   1 
ATOM   671 O  O   . ARG A 1 82 ? -9.762  4.167   2.684   1.00 15.51 ? 97  ARG A O   1 
ATOM   672 C  CB  . ARG A 1 82 ? -11.290 5.370   5.385   1.00 18.63 ? 97  ARG A CB  1 
ATOM   673 C  CG  . ARG A 1 82 ? -12.461 4.533   4.910   1.00 21.17 ? 97  ARG A CG  1 
ATOM   674 C  CD  . ARG A 1 82 ? -13.703 5.366   4.635   1.00 23.26 ? 97  ARG A CD  1 
ATOM   675 N  NE  . ARG A 1 82 ? -13.431 6.593   3.884   1.00 25.12 ? 97  ARG A NE  1 
ATOM   676 C  CZ  . ARG A 1 82 ? -13.161 6.653   2.581   1.00 26.47 ? 97  ARG A CZ  1 
ATOM   677 N  NH1 . ARG A 1 82 ? -13.102 5.547   1.846   1.00 27.62 ? 97  ARG A NH1 1 
ATOM   678 N  NH2 . ARG A 1 82 ? -12.938 7.834   2.014   1.00 27.82 ? 97  ARG A NH2 1 
ATOM   679 N  N   . LYS A 1 83 ? -9.068  6.232   3.295   1.00 15.73 ? 98  LYS A N   1 
ATOM   680 C  CA  . LYS A 1 83 ? -8.636  6.643   1.964   1.00 15.72 ? 98  LYS A CA  1 
ATOM   681 C  C   . LYS A 1 83 ? -7.522  5.734   1.431   1.00 14.29 ? 98  LYS A C   1 
ATOM   682 O  O   . LYS A 1 83 ? -7.558  5.306   0.276   1.00 13.71 ? 98  LYS A O   1 
ATOM   683 C  CB  . LYS A 1 83 ? -8.184  8.107   1.978   1.00 17.49 ? 98  LYS A CB  1 
ATOM   684 C  CG  . LYS A 1 83 ? -7.769  8.637   0.618   1.00 20.70 ? 98  LYS A CG  1 
ATOM   685 C  CD  . LYS A 1 83 ? -8.243  10.067  0.379   1.00 23.39 ? 98  LYS A CD  1 
ATOM   686 C  CE  . LYS A 1 83 ? -8.558  10.299  -1.102  1.00 25.23 ? 98  LYS A CE  1 
ATOM   687 N  NZ  . LYS A 1 83 ? -7.482  9.804   -2.012  1.00 26.35 ? 98  LYS A NZ  1 
ATOM   688 N  N   . ILE A 1 84 ? -6.549  5.433   2.285   1.00 13.13 ? 99  ILE A N   1 
ATOM   689 C  CA  . ILE A 1 84 ? -5.461  4.519   1.924   1.00 12.21 ? 99  ILE A CA  1 
ATOM   690 C  C   . ILE A 1 84 ? -5.977  3.136   1.518   1.00 11.82 ? 99  ILE A C   1 
ATOM   691 O  O   . ILE A 1 84 ? -5.559  2.597   0.491   1.00 11.56 ? 99  ILE A O   1 
ATOM   692 C  CB  . ILE A 1 84 ? -4.397  4.440   3.042   1.00 11.94 ? 99  ILE A CB  1 
ATOM   693 C  CG1 . ILE A 1 84 ? -3.588  5.741   3.069   1.00 12.19 ? 99  ILE A CG1 1 
ATOM   694 C  CG2 . ILE A 1 84 ? -3.465  3.248   2.839   1.00 11.56 ? 99  ILE A CG2 1 
ATOM   695 C  CD1 . ILE A 1 84 ? -2.890  6.010   4.386   1.00 12.31 ? 99  ILE A CD1 1 
ATOM   696 N  N   . TYR A 1 85 ? -6.903  2.578   2.301   1.00 11.52 ? 100 TYR A N   1 
ATOM   697 C  CA  . TYR A 1 85 ? -7.498  1.288   1.960   1.00 11.74 ? 100 TYR A CA  1 
ATOM   698 C  C   . TYR A 1 85 ? -8.193  1.300   0.595   1.00 11.69 ? 100 TYR A C   1 
ATOM   699 O  O   . TYR A 1 85 ? -8.052  0.350   -0.174  1.00 11.52 ? 100 TYR A O   1 
ATOM   700 C  CB  . TYR A 1 85 ? -8.420  0.775   3.075   1.00 12.09 ? 100 TYR A CB  1 
ATOM   701 C  CG  . TYR A 1 85 ? -7.683  0.000   4.142   1.00 12.61 ? 100 TYR A CG  1 
ATOM   702 C  CD1 . TYR A 1 85 ? -7.339  -1.332  3.942   1.00 13.06 ? 100 TYR A CD1 1 
ATOM   703 C  CD2 . TYR A 1 85 ? -7.315  0.599   5.342   1.00 13.21 ? 100 TYR A CD2 1 
ATOM   704 C  CE1 . TYR A 1 85 ? -6.646  -2.049  4.909   1.00 13.64 ? 100 TYR A CE1 1 
ATOM   705 C  CE2 . TYR A 1 85 ? -6.629  -0.120  6.324   1.00 13.77 ? 100 TYR A CE2 1 
ATOM   706 C  CZ  . TYR A 1 85 ? -6.297  -1.437  6.095   1.00 13.97 ? 100 TYR A CZ  1 
ATOM   707 O  OH  . TYR A 1 85 ? -5.623  -2.155  7.060   1.00 15.43 ? 100 TYR A OH  1 
ATOM   708 N  N   . THR A 1 86 ? -8.918  2.373   0.289   1.00 11.89 ? 101 THR A N   1 
ATOM   709 C  CA  . THR A 1 86 ? -9.549  2.497   -1.023  1.00 12.39 ? 101 THR A CA  1 
ATOM   710 C  C   . THR A 1 86 ? -8.500  2.559   -2.136  1.00 12.61 ? 101 THR A C   1 
ATOM   711 O  O   . THR A 1 86 ? -8.642  1.877   -3.161  1.00 13.56 ? 101 THR A O   1 
ATOM   712 C  CB  . THR A 1 86 ? -10.493 3.709   -1.075  1.00 12.52 ? 101 THR A CB  1 
ATOM   713 O  OG1 . THR A 1 86 ? -11.503 3.540   -0.077  1.00 12.98 ? 101 THR A OG1 1 
ATOM   714 C  CG2 . THR A 1 86 ? -11.162 3.823   -2.434  1.00 12.50 ? 101 THR A CG2 1 
ATOM   715 N  N   . MET A 1 87 ? -7.440  3.335   -1.919  1.00 12.83 ? 102 MET A N   1 
ATOM   716 C  CA  . MET A 1 87 ? -6.352  3.425   -2.904  1.00 13.25 ? 102 MET A CA  1 
ATOM   717 C  C   . MET A 1 87 ? -5.692  2.072   -3.149  1.00 13.22 ? 102 MET A C   1 
ATOM   718 O  O   . MET A 1 87 ? -5.388  1.724   -4.290  1.00 13.82 ? 102 MET A O   1 
ATOM   719 C  CB  . MET A 1 87 ? -5.315  4.471   -2.502  1.00 13.79 ? 102 MET A CB  1 
ATOM   720 C  CG  . MET A 1 87 ? -5.848  5.895   -2.596  1.00 14.56 ? 102 MET A CG  1 
ATOM   721 S  SD  . MET A 1 87 ? -4.622  7.181   -2.325  1.00 16.57 ? 102 MET A SD  1 
ATOM   722 C  CE  . MET A 1 87 ? -4.177  6.909   -0.625  1.00 15.81 ? 102 MET A CE  1 
ATOM   723 N  N   . ILE A 1 88 ? -5.490  1.308   -2.079  1.00 12.97 ? 103 ILE A N   1 
ATOM   724 C  CA  . ILE A 1 88 ? -4.914  -0.035  -2.183  1.00 13.06 ? 103 ILE A CA  1 
ATOM   725 C  C   . ILE A 1 88 ? -5.867  -0.950  -2.949  1.00 13.37 ? 103 ILE A C   1 
ATOM   726 O  O   . ILE A 1 88 ? -5.449  -1.679  -3.848  1.00 13.75 ? 103 ILE A O   1 
ATOM   727 C  CB  . ILE A 1 88 ? -4.567  -0.624  -0.784  1.00 12.91 ? 103 ILE A CB  1 
ATOM   728 C  CG1 . ILE A 1 88 ? -3.453  0.198   -0.129  1.00 12.74 ? 103 ILE A CG1 1 
ATOM   729 C  CG2 . ILE A 1 88 ? -4.163  -2.093  -0.874  1.00 13.09 ? 103 ILE A CG2 1 
ATOM   730 C  CD1 . ILE A 1 88 ? -3.240  -0.118  1.348   1.00 12.50 ? 103 ILE A CD1 1 
ATOM   731 N  N   . TYR A 1 89 ? -7.150  -0.871  -2.608  1.00 13.78 ? 104 TYR A N   1 
ATOM   732 C  CA  . TYR A 1 89 ? -8.170  -1.734  -3.196  1.00 14.69 ? 104 TYR A CA  1 
ATOM   733 C  C   . TYR A 1 89 ? -8.355  -1.550  -4.707  1.00 15.85 ? 104 TYR A C   1 
ATOM   734 O  O   . TYR A 1 89 ? -8.845  -2.463  -5.376  1.00 17.33 ? 104 TYR A O   1 
ATOM   735 C  CB  . TYR A 1 89 ? -9.493  -1.562  -2.448  1.00 14.09 ? 104 TYR A CB  1 
ATOM   736 C  CG  . TYR A 1 89 ? -9.697  -2.555  -1.330  1.00 13.88 ? 104 TYR A CG  1 
ATOM   737 C  CD1 . TYR A 1 89 ? -10.844 -3.339  -1.277  1.00 13.71 ? 104 TYR A CD1 1 
ATOM   738 C  CD2 . TYR A 1 89 ? -8.733  -2.732  -0.336  1.00 13.89 ? 104 TYR A CD2 1 
ATOM   739 C  CE1 . TYR A 1 89 ? -11.036 -4.263  -0.259  1.00 13.62 ? 104 TYR A CE1 1 
ATOM   740 C  CE2 . TYR A 1 89 ? -8.917  -3.649  0.683   1.00 13.71 ? 104 TYR A CE2 1 
ATOM   741 C  CZ  . TYR A 1 89 ? -10.077 -4.406  0.718   1.00 14.14 ? 104 TYR A CZ  1 
ATOM   742 O  OH  . TYR A 1 89 ? -10.268 -5.311  1.726   1.00 14.21 ? 104 TYR A OH  1 
ATOM   743 N  N   . ARG A 1 90 ? -7.942  -0.393  -5.236  1.00 17.45 ? 105 ARG A N   1 
ATOM   744 C  CA  . ARG A 1 90 ? -7.908  -0.149  -6.691  1.00 18.56 ? 105 ARG A CA  1 
ATOM   745 C  C   . ARG A 1 90 ? -7.112  -1.242  -7.391  1.00 17.90 ? 105 ARG A C   1 
ATOM   746 O  O   . ARG A 1 90 ? -7.336  -1.547  -8.567  1.00 18.39 ? 105 ARG A O   1 
ATOM   747 C  CB  . ARG A 1 90 ? -7.194  1.170   -7.011  1.00 20.28 ? 105 ARG A CB  1 
ATOM   748 C  CG  . ARG A 1 90 ? -7.835  2.456   -6.510  1.00 22.09 ? 105 ARG A CG  1 
ATOM   749 C  CD  . ARG A 1 90 ? -6.848  3.624   -6.641  1.00 23.90 ? 105 ARG A CD  1 
ATOM   750 N  NE  . ARG A 1 90 ? -6.177  3.645   -7.943  1.00 26.18 ? 105 ARG A NE  1 
ATOM   751 C  CZ  . ARG A 1 90 ? -6.545  4.398   -8.975  1.00 27.43 ? 105 ARG A CZ  1 
ATOM   752 N  NH1 . ARG A 1 90 ? -7.582  5.223   -8.878  1.00 28.22 ? 105 ARG A NH1 1 
ATOM   753 N  NH2 . ARG A 1 90 ? -5.865  4.333   -10.111 1.00 29.15 ? 105 ARG A NH2 1 
ATOM   754 N  N   . ASN A 1 91 ? -6.185  -1.835  -6.644  1.00 16.58 ? 106 ASN A N   1 
ATOM   755 C  CA  . ASN A 1 91 ? -5.091  -2.601  -7.211  1.00 15.93 ? 106 ASN A CA  1 
ATOM   756 C  C   . ASN A 1 91 ? -5.062  -4.069  -6.813  1.00 15.06 ? 106 ASN A C   1 
ATOM   757 O  O   . ASN A 1 91 ? -4.029  -4.731  -6.920  1.00 14.96 ? 106 ASN A O   1 
ATOM   758 C  CB  . ASN A 1 91 ? -3.785  -1.916  -6.823  1.00 16.70 ? 106 ASN A CB  1 
ATOM   759 C  CG  . ASN A 1 91 ? -3.696  -0.512  -7.377  1.00 17.38 ? 106 ASN A CG  1 
ATOM   760 O  OD1 . ASN A 1 91 ? -3.505  -0.325  -8.573  1.00 17.98 ? 106 ASN A OD1 1 
ATOM   761 N  ND2 . ASN A 1 91 ? -3.842  0.485   -6.508  1.00 17.50 ? 106 ASN A ND2 1 
ATOM   762 N  N   . LEU A 1 92 ? -6.202  -4.577  -6.361  1.00 14.67 ? 107 LEU A N   1 
ATOM   763 C  CA  . LEU A 1 92 ? -6.290  -5.968  -5.939  1.00 14.75 ? 107 LEU A CA  1 
ATOM   764 C  C   . LEU A 1 92 ? -7.692  -6.531  -6.099  1.00 15.02 ? 107 LEU A C   1 
ATOM   765 O  O   . LEU A 1 92 ? -8.655  -5.794  -6.341  1.00 14.90 ? 107 LEU A O   1 
ATOM   766 C  CB  . LEU A 1 92 ? -5.788  -6.148  -4.491  1.00 14.89 ? 107 LEU A CB  1 
ATOM   767 C  CG  . LEU A 1 92 ? -6.422  -5.339  -3.353  1.00 14.67 ? 107 LEU A CG  1 
ATOM   768 C  CD1 . LEU A 1 92 ? -7.778  -5.914  -2.909  1.00 14.89 ? 107 LEU A CD1 1 
ATOM   769 C  CD2 . LEU A 1 92 ? -5.481  -5.291  -2.174  1.00 14.99 ? 107 LEU A CD2 1 
ATOM   770 N  N   . VAL A 1 93 ? -7.779  -7.847  -5.952  1.00 15.22 ? 108 VAL A N   1 
ATOM   771 C  CA  . VAL A 1 93 ? -9.045  -8.570  -5.932  1.00 16.08 ? 108 VAL A CA  1 
ATOM   772 C  C   . VAL A 1 93 ? -9.136  -9.339  -4.613  1.00 15.73 ? 108 VAL A C   1 
ATOM   773 O  O   . VAL A 1 93 ? -8.209  -10.073 -4.242  1.00 15.62 ? 108 VAL A O   1 
ATOM   774 C  CB  . VAL A 1 93 ? -9.154  -9.558  -7.125  1.00 16.69 ? 108 VAL A CB  1 
ATOM   775 C  CG1 . VAL A 1 93 ? -10.434 -10.392 -7.032  1.00 17.38 ? 108 VAL A CG1 1 
ATOM   776 C  CG2 . VAL A 1 93 ? -9.096  -8.819  -8.459  1.00 17.75 ? 108 VAL A CG2 1 
ATOM   777 N  N   . VAL A 1 94 ? -10.252 -9.179  -3.905  1.00 15.77 ? 109 VAL A N   1 
ATOM   778 C  CA  . VAL A 1 94 ? -10.479 -9.943  -2.678  1.00 15.97 ? 109 VAL A CA  1 
ATOM   779 C  C   . VAL A 1 94 ? -10.845 -11.380 -3.040  1.00 16.93 ? 109 VAL A C   1 
ATOM   780 O  O   . VAL A 1 94 ? -11.655 -11.615 -3.942  1.00 17.52 ? 109 VAL A O   1 
ATOM   781 C  CB  . VAL A 1 94 ? -11.550 -9.295  -1.763  1.00 15.39 ? 109 VAL A CB  1 
ATOM   782 C  CG1 . VAL A 1 94 ? -11.794 -10.149 -0.523  1.00 15.31 ? 109 VAL A CG1 1 
ATOM   783 C  CG2 . VAL A 1 94 ? -11.105 -7.904  -1.344  1.00 15.32 ? 109 VAL A CG2 1 
ATOM   784 N  N   . VAL A 1 95 ? -10.213 -12.330 -2.365  1.00 17.99 ? 110 VAL A N   1 
ATOM   785 C  CA  . VAL A 1 95 ? -10.513 -13.742 -2.585  1.00 20.15 ? 110 VAL A CA  1 
ATOM   786 C  C   . VAL A 1 95 ? -11.142 -14.384 -1.346  1.00 21.16 ? 110 VAL A C   1 
ATOM   787 O  O   . VAL A 1 95 ? -10.753 -14.095 -0.212  1.00 21.14 ? 110 VAL A O   1 
ATOM   788 C  CB  . VAL A 1 95 ? -9.286  -14.542 -3.104  1.00 20.83 ? 110 VAL A CB  1 
ATOM   789 C  CG1 . VAL A 1 95 ? -8.918  -14.094 -4.512  1.00 21.70 ? 110 VAL A CG1 1 
ATOM   790 C  CG2 . VAL A 1 95 ? -8.098  -14.430 -2.154  1.00 20.94 ? 110 VAL A CG2 1 
ATOM   791 N  N   . ASN A 1 96 ? -12.135 -15.238 -1.584  1.00 22.53 ? 111 ASN A N   1 
ATOM   792 C  CA  . ASN A 1 96 ? -12.874 -15.919 -0.520  1.00 24.54 ? 111 ASN A CA  1 
ATOM   793 C  C   . ASN A 1 96 ? -13.346 -17.299 -0.965  1.00 25.62 ? 111 ASN A C   1 
ATOM   794 O  O   . ASN A 1 96 ? -13.266 -17.637 -2.148  1.00 27.17 ? 111 ASN A O   1 
ATOM   795 C  CB  . ASN A 1 96 ? -14.080 -15.077 -0.073  1.00 24.98 ? 111 ASN A CB  1 
ATOM   796 C  CG  . ASN A 1 96 ? -13.767 -14.188 1.118   1.00 25.39 ? 111 ASN A CG  1 
ATOM   797 O  OD1 . ASN A 1 96 ? -13.358 -14.669 2.179   1.00 25.84 ? 111 ASN A OD1 1 
ATOM   798 N  ND2 . ASN A 1 96 ? -13.967 -12.882 0.955   1.00 25.04 ? 111 ASN A ND2 1 
HETATM 799 C  C2  . 6ZT B 2 .  ? -3.029  2.460   7.679   1.00 17.08 ? 201 6ZT A C2  1 
HETATM 800 C  C3  . 6ZT B 2 .  ? -1.834  3.190   7.589   1.00 17.19 ? 201 6ZT A C3  1 
HETATM 801 C  C41 . 6ZT B 2 .  ? 7.386   7.919   9.992   1.00 17.45 ? 201 6ZT A C41 1 
HETATM 802 C  C43 . 6ZT B 2 .  ? 6.809   7.078   10.957  1.00 17.06 ? 201 6ZT A C43 1 
HETATM 803 C  C45 . 6ZT B 2 .  ? 5.642   6.371   10.642  1.00 16.96 ? 201 6ZT A C45 1 
HETATM 804 C  C48 . 6ZT B 2 .  ? 5.556   8.011   6.012   1.00 16.65 ? 201 6ZT A C48 1 
HETATM 805 C  C52 . 6ZT B 2 .  ? 4.919   4.030   7.586   1.00 14.64 ? 201 6ZT A C52 1 
HETATM 806 C  C58 . 6ZT B 2 .  ? 4.755   4.159   6.045   1.00 14.26 ? 201 6ZT A C58 1 
HETATM 807 C  C12 . 6ZT B 2 .  ? -0.728  2.310   12.283  1.00 23.33 ? 201 6ZT A C12 1 
HETATM 808 C  C15 . 6ZT B 2 .  ? 0.487   2.677   13.172  1.00 25.27 ? 201 6ZT A C15 1 
HETATM 809 C  C19 . 6ZT B 2 .  ? 1.570   0.560   13.873  1.00 28.53 ? 201 6ZT A C19 1 
HETATM 810 C  C23 . 6ZT B 2 .  ? 2.972   2.429   13.123  1.00 28.41 ? 201 6ZT A C23 1 
HETATM 811 C  C28 . 6ZT B 2 .  ? 1.501   3.323   8.052   1.00 15.35 ? 201 6ZT A C28 1 
HETATM 812 C  C30 . 6ZT B 2 .  ? 2.511   4.342   8.487   1.00 15.13 ? 201 6ZT A C30 1 
HETATM 813 CL CL1 . 6ZT B 2 .  ? -4.149  2.450   6.350   1.00 16.39 ? 201 6ZT A CL1 1 
HETATM 814 C  C5  . 6ZT B 2 .  ? -0.957  3.176   8.677   1.00 17.38 ? 201 6ZT A C5  1 
HETATM 815 C  C6  . 6ZT B 2 .  ? -1.277  2.440   9.838   1.00 18.44 ? 201 6ZT A C6  1 
HETATM 816 C  C7  . 6ZT B 2 .  ? -2.478  1.716   9.908   1.00 18.27 ? 201 6ZT A C7  1 
HETATM 817 C  C9  . 6ZT B 2 .  ? -3.356  1.729   8.823   1.00 17.58 ? 201 6ZT A C9  1 
HETATM 818 O  O11 . 6ZT B 2 .  ? -0.354  2.456   10.900  1.00 20.45 ? 201 6ZT A O11 1 
HETATM 819 N  N18 . 6ZT B 2 .  ? 1.648   1.763   13.006  1.00 27.52 ? 201 6ZT A N18 1 
HETATM 820 N  N27 . 6ZT B 2 .  ? 0.294   3.851   8.735   1.00 16.28 ? 201 6ZT A N27 1 
HETATM 821 C  C31 . 6ZT B 2 .  ? 3.803   4.698   8.388   1.00 14.97 ? 201 6ZT A C31 1 
HETATM 822 N  N32 . 6ZT B 2 .  ? 3.925   5.794   9.135   1.00 15.74 ? 201 6ZT A N32 1 
HETATM 823 N  N33 . 6ZT B 2 .  ? 2.751   6.126   9.717   1.00 15.72 ? 201 6ZT A N33 1 
HETATM 824 C  C34 . 6ZT B 2 .  ? 1.888   5.289   9.351   1.00 15.54 ? 201 6ZT A C34 1 
HETATM 825 C  C35 . 6ZT B 2 .  ? 0.483   4.953   9.501   1.00 16.08 ? 201 6ZT A C35 1 
HETATM 826 O  O36 . 6ZT B 2 .  ? -0.331  5.567   10.172  1.00 16.69 ? 201 6ZT A O36 1 
HETATM 827 C  C37 . 6ZT B 2 .  ? 5.055   6.506   9.372   1.00 16.23 ? 201 6ZT A C37 1 
HETATM 828 C  C38 . 6ZT B 2 .  ? 5.623   7.344   8.414   1.00 16.75 ? 201 6ZT A C38 1 
HETATM 829 C  C39 . 6ZT B 2 .  ? 6.799   8.054   8.724   1.00 17.19 ? 201 6ZT A C39 1 
HETATM 830 O  O47 . 6ZT B 2 .  ? 4.970   7.418   7.180   1.00 16.58 ? 201 6ZT A O47 1 
HETATM 831 C  C54 . 6ZT B 2 .  ? 5.035   2.529   7.973   1.00 14.76 ? 201 6ZT A C54 1 
HETATM 832 C  C62 . 6ZT B 2 .  ? 1.241   3.085   6.550   1.00 14.46 ? 201 6ZT A C62 1 
HETATM 833 C  C63 . 6ZT B 2 .  ? 1.316   1.803   5.973   1.00 14.17 ? 201 6ZT A C63 1 
HETATM 834 C  C64 . 6ZT B 2 .  ? 1.043   1.650   4.606   1.00 13.76 ? 201 6ZT A C64 1 
HETATM 835 C  C66 . 6ZT B 2 .  ? 0.701   2.756   3.820   1.00 14.13 ? 201 6ZT A C66 1 
HETATM 836 C  C67 . 6ZT B 2 .  ? 0.625   4.031   4.390   1.00 14.44 ? 201 6ZT A C67 1 
HETATM 837 C  C69 . 6ZT B 2 .  ? 0.891   4.187   5.752   1.00 14.51 ? 201 6ZT A C69 1 
HETATM 838 CL CL7 . 6ZT B 2 .  ? 0.354   2.547   2.121   1.00 14.17 ? 201 6ZT A CL7 1 
HETATM 839 C  C72 . 6ZT B 2 .  ? 1.685   0.568   6.808   1.00 14.20 ? 201 6ZT A C72 1 
HETATM 840 S  S   . SO4 C 3 .  ? -7.406  2.972   12.731  1.00 29.75 ? 202 SO4 A S   1 
HETATM 841 O  O1  . SO4 C 3 .  ? -6.918  2.719   11.377  1.00 30.38 ? 202 SO4 A O1  1 
HETATM 842 O  O2  . SO4 C 3 .  ? -6.294  2.867   13.672  1.00 30.95 ? 202 SO4 A O2  1 
HETATM 843 O  O3  . SO4 C 3 .  ? -8.437  1.994   13.058  1.00 30.86 ? 202 SO4 A O3  1 
HETATM 844 O  O4  . SO4 C 3 .  ? -7.962  4.322   12.784  1.00 32.21 ? 202 SO4 A O4  1 
HETATM 845 CL CL  . CL  D 4 .  ? 9.673   4.606   -9.317  0.50 16.87 ? 203 CL  A CL  1 
HETATM 846 O  O   . HOH E 5 .  ? -4.022  -7.981  12.157  1.00 29.22 ? 301 HOH A O   1 
HETATM 847 O  O   . HOH E 5 .  ? -4.532  12.018  2.133   1.00 31.00 ? 302 HOH A O   1 
HETATM 848 O  O   . HOH E 5 .  ? -7.016  4.669   16.196  0.50 22.75 ? 303 HOH A O   1 
HETATM 849 O  O   . HOH E 5 .  ? 4.911   17.815  3.760   1.00 24.96 ? 304 HOH A O   1 
HETATM 850 O  O   . HOH E 5 .  ? 12.992  7.600   -3.411  1.00 22.94 ? 305 HOH A O   1 
HETATM 851 O  O   . HOH E 5 .  ? -5.551  -1.360  9.490   1.00 31.18 ? 306 HOH A O   1 
HETATM 852 O  O   . HOH E 5 .  ? -10.452 1.302   -4.884  1.00 33.97 ? 307 HOH A O   1 
HETATM 853 O  O   . HOH E 5 .  ? -5.730  0.452   11.112  1.00 26.32 ? 308 HOH A O   1 
HETATM 854 O  O   . HOH E 5 .  ? 0.453   17.305  -3.074  1.00 33.87 ? 309 HOH A O   1 
HETATM 855 O  O   . HOH E 5 .  ? 3.620   14.933  -5.125  1.00 28.93 ? 310 HOH A O   1 
HETATM 856 O  O   . HOH E 5 .  ? 2.566   -13.460 7.308   1.00 21.86 ? 311 HOH A O   1 
HETATM 857 O  O   . HOH E 5 .  ? -7.583  -0.431  13.695  1.00 43.76 ? 312 HOH A O   1 
HETATM 858 O  O   . HOH E 5 .  ? 16.009  5.860   0.235   1.00 33.95 ? 313 HOH A O   1 
HETATM 859 O  O   . HOH E 5 .  ? 3.656   -7.567  -12.014 1.00 24.01 ? 314 HOH A O   1 
HETATM 860 O  O   . HOH E 5 .  ? -7.005  7.507   -5.836  1.00 22.41 ? 315 HOH A O   1 
HETATM 861 O  O   . HOH E 5 .  ? -4.393  12.701  -2.228  1.00 39.16 ? 316 HOH A O   1 
HETATM 862 O  O   . HOH E 5 .  ? 11.413  -0.843  5.150   1.00 24.74 ? 317 HOH A O   1 
HETATM 863 O  O   . HOH E 5 .  ? 0.366   -4.698  8.667   1.00 19.04 ? 318 HOH A O   1 
HETATM 864 O  O   . HOH E 5 .  ? 8.877   11.488  -3.321  1.00 24.46 ? 319 HOH A O   1 
HETATM 865 O  O   . HOH E 5 .  ? 6.205   -7.805  -11.337 1.00 33.30 ? 320 HOH A O   1 
HETATM 866 O  O   . HOH E 5 .  ? -13.529 4.295   8.304   1.00 35.31 ? 321 HOH A O   1 
HETATM 867 O  O   . HOH E 5 .  ? 9.427   -5.705  -8.890  1.00 24.38 ? 322 HOH A O   1 
HETATM 868 O  O   . HOH E 5 .  ? 8.141   20.540  4.244   1.00 21.83 ? 323 HOH A O   1 
HETATM 869 O  O   . HOH E 5 .  ? -1.077  15.248  0.548   1.00 36.94 ? 324 HOH A O   1 
HETATM 870 O  O   . HOH E 5 .  ? -1.051  -12.158 7.813   1.00 27.04 ? 325 HOH A O   1 
HETATM 871 O  O   . HOH E 5 .  ? -5.219  7.955   11.616  1.00 33.11 ? 326 HOH A O   1 
HETATM 872 O  O   . HOH E 5 .  ? 13.133  5.690   6.306   1.00 28.89 ? 327 HOH A O   1 
HETATM 873 O  O   . HOH E 5 .  ? 13.205  -2.833  -0.861  1.00 24.05 ? 328 HOH A O   1 
HETATM 874 O  O   . HOH E 5 .  ? -12.480 -3.373  2.841   1.00 23.71 ? 329 HOH A O   1 
HETATM 875 O  O   . HOH E 5 .  ? -0.150  -20.702 -8.705  1.00 35.79 ? 330 HOH A O   1 
HETATM 876 O  O   . HOH E 5 .  ? -0.880  -15.112 2.514   1.00 33.15 ? 331 HOH A O   1 
HETATM 877 O  O   . HOH E 5 .  ? 9.968   -4.674  -11.268 1.00 39.70 ? 332 HOH A O   1 
HETATM 878 O  O   . HOH E 5 .  ? -0.444  -17.606 -2.374  1.00 25.35 ? 333 HOH A O   1 
HETATM 879 O  O   . HOH E 5 .  ? -6.682  -8.430  12.930  1.00 35.32 ? 334 HOH A O   1 
HETATM 880 O  O   . HOH E 5 .  ? -1.659  -8.009  13.689  1.00 32.41 ? 335 HOH A O   1 
HETATM 881 O  O   . HOH E 5 .  ? -3.603  3.487   13.587  1.00 28.67 ? 336 HOH A O   1 
HETATM 882 O  O   . HOH E 5 .  ? 11.575  -3.640  5.087   1.00 23.30 ? 337 HOH A O   1 
HETATM 883 O  O   . HOH E 5 .  ? -7.395  -3.472  10.537  1.00 34.76 ? 338 HOH A O   1 
HETATM 884 O  O   . HOH E 5 .  ? 7.122   15.234  11.032  1.00 33.87 ? 339 HOH A O   1 
HETATM 885 O  O   . HOH E 5 .  ? -11.924 9.839   3.665   1.00 46.78 ? 340 HOH A O   1 
HETATM 886 O  O   . HOH E 5 .  ? 14.597  -4.338  -3.312  1.00 22.89 ? 341 HOH A O   1 
HETATM 887 O  O   . HOH E 5 .  ? -14.959 1.678   11.294  1.00 39.35 ? 342 HOH A O   1 
HETATM 888 O  O   . HOH E 5 .  ? -4.076  -4.503  7.022   1.00 30.65 ? 343 HOH A O   1 
HETATM 889 O  O   . HOH E 5 .  ? -2.864  -1.797  10.611  1.00 35.89 ? 344 HOH A O   1 
HETATM 890 O  O   . HOH E 5 .  ? -10.787 -12.637 2.401   1.00 16.94 ? 345 HOH A O   1 
HETATM 891 O  O   . HOH E 5 .  ? 1.912   -13.726 -8.249  1.00 34.68 ? 346 HOH A O   1 
HETATM 892 O  O   . HOH E 5 .  ? -11.181 -3.963  -4.783  1.00 26.79 ? 347 HOH A O   1 
HETATM 893 O  O   . HOH E 5 .  ? 2.442   0.940   10.399  1.00 27.74 ? 348 HOH A O   1 
HETATM 894 O  O   . HOH E 5 .  ? 5.389   -1.023  7.193   1.00 12.45 ? 349 HOH A O   1 
HETATM 895 O  O   . HOH E 5 .  ? -13.769 -10.142 -5.161  1.00 27.12 ? 350 HOH A O   1 
HETATM 896 O  O   . HOH E 5 .  ? 9.318   6.904   -11.039 1.00 26.68 ? 351 HOH A O   1 
HETATM 897 O  O   . HOH E 5 .  ? -1.715  -11.937 -7.949  1.00 31.96 ? 352 HOH A O   1 
HETATM 898 O  O   . HOH E 5 .  ? -4.113  1.134   12.973  1.00 39.01 ? 353 HOH A O   1 
HETATM 899 O  O   . HOH E 5 .  ? -12.641 -13.340 -6.018  1.00 37.65 ? 354 HOH A O   1 
HETATM 900 O  O   . HOH E 5 .  ? -6.493  -14.512 6.965   1.00 43.53 ? 355 HOH A O   1 
HETATM 901 O  O   . HOH E 5 .  ? -10.782 -2.943  -11.815 1.00 39.36 ? 356 HOH A O   1 
HETATM 902 O  O   . HOH E 5 .  ? 12.541  -8.383  -6.736  1.00 37.31 ? 357 HOH A O   1 
HETATM 903 O  O   . HOH E 5 .  ? -4.241  14.059  7.848   1.00 35.46 ? 358 HOH A O   1 
HETATM 904 O  O   . HOH E 5 .  ? -1.478  -9.839  -11.019 1.00 33.22 ? 359 HOH A O   1 
HETATM 905 O  O   . HOH E 5 .  ? -9.060  6.886   -1.648  1.00 26.71 ? 360 HOH A O   1 
HETATM 906 O  O   . HOH E 5 .  ? 2.767   8.199   11.765  1.00 29.28 ? 361 HOH A O   1 
HETATM 907 O  O   . HOH E 5 .  ? -5.436  12.624  -7.922  1.00 43.58 ? 362 HOH A O   1 
HETATM 908 O  O   . HOH E 5 .  ? 12.173  12.802  -8.936  1.00 34.23 ? 363 HOH A O   1 
HETATM 909 O  O   . HOH E 5 .  ? 12.891  9.657   -2.294  1.00 25.53 ? 364 HOH A O   1 
HETATM 910 O  O   . HOH E 5 .  ? -12.911 -17.456 3.046   1.00 33.53 ? 365 HOH A O   1 
HETATM 911 O  O   . HOH E 5 .  ? 3.849   15.419  9.780   1.00 31.72 ? 366 HOH A O   1 
HETATM 912 O  O   . HOH E 5 .  ? 11.381  11.153  -3.834  1.00 24.46 ? 367 HOH A O   1 
HETATM 913 O  O   . HOH E 5 .  ? -2.143  -2.742  -9.610  1.00 19.02 ? 368 HOH A O   1 
HETATM 914 O  O   . HOH E 5 .  ? -9.367  8.391   5.336   1.00 20.47 ? 369 HOH A O   1 
HETATM 915 O  O   . HOH E 5 .  ? 6.133   13.466  -11.889 1.00 30.90 ? 370 HOH A O   1 
HETATM 916 O  O   . HOH E 5 .  ? -0.329  -15.213 6.704   1.00 37.96 ? 371 HOH A O   1 
HETATM 917 O  O   . HOH E 5 .  ? 5.128   -12.590 1.536   1.00 30.66 ? 372 HOH A O   1 
HETATM 918 O  O   . HOH E 5 .  ? -5.943  -9.706  -9.255  1.00 24.68 ? 373 HOH A O   1 
HETATM 919 O  O   . HOH E 5 .  ? 9.357   -2.579  -7.876  1.00 31.14 ? 374 HOH A O   1 
HETATM 920 O  O   . HOH E 5 .  ? -5.416  11.300  -0.318  1.00 45.29 ? 375 HOH A O   1 
HETATM 921 O  O   . HOH E 5 .  ? -10.882 -14.253 13.577  1.00 30.78 ? 376 HOH A O   1 
HETATM 922 O  O   . HOH E 5 .  ? -14.329 9.484   4.751   1.00 41.70 ? 377 HOH A O   1 
HETATM 923 O  O   . HOH E 5 .  ? 4.386   9.804   10.537  1.00 33.89 ? 378 HOH A O   1 
HETATM 924 O  O   . HOH E 5 .  ? -11.477 -5.153  -9.140  1.00 30.84 ? 379 HOH A O   1 
HETATM 925 O  O   . HOH E 5 .  ? -8.321  5.973   -11.894 1.00 49.84 ? 380 HOH A O   1 
HETATM 926 O  O   . HOH E 5 .  ? 6.350   -16.333 0.140   1.00 28.89 ? 381 HOH A O   1 
HETATM 927 O  O   . HOH E 5 .  ? 7.333   -4.286  -15.624 1.00 43.72 ? 382 HOH A O   1 
HETATM 928 O  O   . HOH E 5 .  ? 6.963   13.689  -5.195  1.00 40.01 ? 383 HOH A O   1 
HETATM 929 O  O   . HOH E 5 .  ? -11.648 7.443   -1.014  1.00 31.30 ? 384 HOH A O   1 
HETATM 930 O  O   . HOH E 5 .  ? 10.203  -1.719  -10.298 1.00 43.96 ? 385 HOH A O   1 
HETATM 931 O  O   . HOH E 5 .  ? 8.038   -6.132  -13.757 1.00 38.03 ? 386 HOH A O   1 
HETATM 932 O  O   . HOH E 5 .  ? -6.013  -18.815 -2.111  1.00 48.24 ? 387 HOH A O   1 
HETATM 933 O  O   . HOH E 5 .  ? 2.896   20.243  -0.528  1.00 38.49 ? 388 HOH A O   1 
HETATM 934 O  O   . HOH E 5 .  ? -13.092 7.050   8.443   1.00 43.20 ? 389 HOH A O   1 
HETATM 935 O  O   . HOH E 5 .  ? -0.190  -0.945  10.397  1.00 34.56 ? 390 HOH A O   1 
HETATM 936 O  O   . HOH E 5 .  ? 1.289   -12.570 11.198  1.00 18.07 ? 391 HOH A O   1 
HETATM 937 O  O   . HOH E 5 .  ? 15.783  4.212   4.408   1.00 36.84 ? 392 HOH A O   1 
HETATM 938 O  O   . HOH E 5 .  ? -11.321 -2.236  -7.855  1.00 50.99 ? 393 HOH A O   1 
HETATM 939 O  O   . HOH E 5 .  ? 14.681  6.658   9.165   1.00 58.55 ? 394 HOH A O   1 
HETATM 940 O  O   . HOH E 5 .  ? 1.527   23.030  7.382   1.00 58.74 ? 395 HOH A O   1 
HETATM 941 O  O   . HOH E 5 .  ? -10.571 -0.225  -9.527  1.00 40.24 ? 396 HOH A O   1 
HETATM 942 O  O   . HOH E 5 .  ? -2.171  4.342   -13.853 1.00 50.25 ? 397 HOH A O   1 
HETATM 943 O  O   . HOH E 5 .  ? 2.762   -3.566  -14.014 1.00 33.23 ? 398 HOH A O   1 
HETATM 944 O  O   . HOH E 5 .  ? 1.340   -2.241  8.666   1.00 25.36 ? 399 HOH A O   1 
HETATM 945 O  O   . HOH E 5 .  ? -0.516  10.613  -10.065 1.00 51.70 ? 400 HOH A O   1 
HETATM 946 O  O   . HOH E 5 .  ? -12.297 10.029  -0.910  1.00 44.19 ? 401 HOH A O   1 
HETATM 947 O  O   . HOH E 5 .  ? -3.622  14.773  1.945   1.00 41.56 ? 402 HOH A O   1 
HETATM 948 O  O   . HOH E 5 .  ? -0.104  -2.640  -14.601 1.00 35.95 ? 403 HOH A O   1 
HETATM 949 O  O   . HOH E 5 .  ? -8.715  5.904   -4.422  1.00 32.17 ? 404 HOH A O   1 
HETATM 950 O  O   . HOH E 5 .  ? 16.175  8.523   7.852   1.00 43.87 ? 405 HOH A O   1 
HETATM 951 O  O   . HOH E 5 .  ? 4.961   16.727  11.780  1.00 52.02 ? 406 HOH A O   1 
HETATM 952 O  O   . HOH E 5 .  ? 2.531   17.408  -4.607  1.00 40.32 ? 407 HOH A O   1 
HETATM 953 O  O   . HOH E 5 .  ? 2.513   -9.643  -13.042 1.00 36.95 ? 408 HOH A O   1 
HETATM 954 O  O   . HOH E 5 .  ? -0.934  14.739  -10.000 1.00 48.62 ? 409 HOH A O   1 
HETATM 955 O  O   . HOH E 5 .  ? 0.341   -10.726 -12.632 1.00 36.69 ? 410 HOH A O   1 
HETATM 956 O  O   . HOH E 5 .  ? 1.608   16.809  -8.558  1.00 37.06 ? 411 HOH A O   1 
HETATM 957 O  O   . HOH E 5 .  ? -2.264  0.994   15.243  1.00 49.54 ? 412 HOH A O   1 
HETATM 958 O  O   . HOH E 5 .  ? -15.993 3.891   7.130   1.00 19.29 ? 413 HOH A O   1 
HETATM 959 O  O   . HOH E 5 .  ? -3.362  16.299  -7.901  1.00 55.44 ? 414 HOH A O   1 
HETATM 960 O  O   . HOH E 5 .  ? -2.995  -1.003  13.605  1.00 38.16 ? 415 HOH A O   1 
HETATM 961 O  O   . HOH E 5 .  ? -1.574  -21.782 -11.946 1.00 48.52 ? 416 HOH A O   1 
# 
